data_4DPK
#
_entry.id   4DPK
#
_cell.length_a   167.090
_cell.length_b   81.940
_cell.length_c   124.610
_cell.angle_alpha   90.00
_cell.angle_beta   104.95
_cell.angle_gamma   90.00
#
_symmetry.space_group_name_H-M   'C 1 2 1'
#
loop_
_entity.id
_entity.type
_entity.pdbx_description
1 polymer 'Malonyl-CoA/succinyl-CoA reductase'
2 non-polymer 'PHOSPHATE ION'
3 water water
#
_entity_poly.entity_id   1
_entity_poly.type   'polypeptide(L)'
_entity_poly.pdbx_seq_one_letter_code
;MILMRRTLKAAILGATGLVGIEYVRMLSNHPYIKPAYLAGKGSVGKPYGEVVRWQTVGQVPKEIADMEIKPTDPKLMDDV
DIIFSPLPQGAAGPVEEQFAKEGFPVISNSPDHRFDPDVPLLVPELNPHTISLIDEQRKRREWKGFIVTTPLCTAQGAAI
PLGAIFKDYKMDGAFITTIQSLSGAGYPGIPSLDVVDNILPLGDGYDAKTIKEIFRILSEVKRNVDEPKLEDVSLAATTH
RIATIHGHYEVLYVSFKEETAAEKVKETLENFRGEPQDLKLPTAPSKPIIVMNEDTRPQVYFDRWAGDIPGMSVVVGRLK
QVNKRMIRLVSLIHNTVRGAAGGGILAAELLVEKGYIEK
;
_entity_poly.pdbx_strand_id   A,B,C,D
#
# COMPACT_ATOMS: atom_id res chain seq x y z
N ARG A 6 18.15 42.94 0.22
CA ARG A 6 17.09 43.12 1.27
C ARG A 6 16.47 41.76 1.69
N THR A 7 17.08 41.08 2.66
CA THR A 7 16.58 39.77 3.09
C THR A 7 16.22 39.74 4.58
N LEU A 8 15.26 38.87 4.91
CA LEU A 8 14.91 38.54 6.29
C LEU A 8 15.43 37.16 6.60
N LYS A 9 16.20 37.04 7.68
CA LYS A 9 16.77 35.75 8.05
C LYS A 9 15.75 34.92 8.86
N ALA A 10 15.38 33.74 8.36
CA ALA A 10 14.42 32.87 9.08
C ALA A 10 15.11 31.78 9.90
N ALA A 11 14.50 31.50 11.04
CA ALA A 11 14.85 30.35 11.85
C ALA A 11 13.73 29.36 11.68
N ILE A 12 14.08 28.10 11.38
CA ILE A 12 13.06 27.04 11.23
C ILE A 12 13.22 26.09 12.38
N LEU A 13 12.25 26.05 13.28
CA LEU A 13 12.34 25.11 14.39
C LEU A 13 11.89 23.74 13.85
N GLY A 14 12.40 22.67 14.46
CA GLY A 14 12.04 21.30 14.05
C GLY A 14 12.31 21.20 12.57
N ALA A 15 13.48 21.70 12.14
CA ALA A 15 13.76 21.83 10.69
C ALA A 15 13.76 20.52 9.88
N THR A 16 14.08 19.39 10.55
CA THR A 16 14.25 18.07 9.93
C THR A 16 12.94 17.33 9.84
N GLY A 17 11.89 17.91 10.46
CA GLY A 17 10.53 17.30 10.46
C GLY A 17 9.81 17.43 9.12
N LEU A 18 8.69 16.72 8.98
CA LEU A 18 7.93 16.74 7.74
C LEU A 18 7.41 18.16 7.34
N VAL A 19 7.24 19.03 8.34
CA VAL A 19 6.85 20.39 8.06
C VAL A 19 8.15 21.20 7.87
N GLY A 20 9.18 20.95 8.69
CA GLY A 20 10.47 21.68 8.51
C GLY A 20 10.93 21.62 7.07
N ILE A 21 10.86 20.43 6.45
CA ILE A 21 11.49 20.25 5.11
C ILE A 21 10.80 21.10 4.02
N GLU A 22 9.51 21.37 4.24
CA GLU A 22 8.79 22.27 3.36
C GLU A 22 9.25 23.74 3.51
N TYR A 23 9.56 24.19 4.75
CA TYR A 23 10.08 25.53 4.98
C TYR A 23 11.41 25.68 4.26
N VAL A 24 12.25 24.65 4.42
CA VAL A 24 13.54 24.59 3.77
C VAL A 24 13.35 24.64 2.25
N ARG A 25 12.55 23.73 1.70
CA ARG A 25 12.28 23.69 0.25
C ARG A 25 11.72 25.01 -0.31
N MET A 26 10.61 25.47 0.27
CA MET A 26 9.97 26.71 -0.19
C MET A 26 10.90 27.92 -0.03
N LEU A 27 11.43 28.13 1.19
CA LEU A 27 12.23 29.33 1.47
C LEU A 27 13.51 29.40 0.65
N SER A 28 14.05 28.24 0.34
CA SER A 28 15.22 28.16 -0.54
C SER A 28 15.02 28.85 -1.91
N ASN A 29 13.76 28.96 -2.37
CA ASN A 29 13.40 29.71 -3.58
C ASN A 29 12.66 31.03 -3.33
N HIS A 30 12.57 31.48 -2.08
CA HIS A 30 11.77 32.69 -1.77
C HIS A 30 12.49 33.99 -2.19
N PRO A 31 11.79 34.98 -2.75
CA PRO A 31 12.51 36.22 -3.14
C PRO A 31 13.11 36.99 -1.97
N TYR A 32 12.63 36.82 -0.74
CA TYR A 32 13.25 37.66 0.30
C TYR A 32 13.41 37.10 1.71
N ILE A 33 12.85 35.92 1.98
CA ILE A 33 13.05 35.23 3.25
C ILE A 33 14.06 34.06 3.08
N LYS A 34 15.16 34.14 3.82
CA LYS A 34 16.26 33.18 3.74
C LYS A 34 16.09 32.13 4.85
N PRO A 35 16.29 30.84 4.55
CA PRO A 35 16.26 29.87 5.65
C PRO A 35 17.66 29.85 6.30
N ALA A 36 17.85 30.76 7.26
CA ALA A 36 19.21 31.06 7.73
C ALA A 36 19.65 30.24 8.93
N TYR A 37 18.71 29.62 9.63
CA TYR A 37 19.05 28.96 10.87
C TYR A 37 18.21 27.73 11.03
N LEU A 38 18.82 26.56 10.99
CA LEU A 38 18.06 25.33 11.13
C LEU A 38 18.22 24.84 12.56
N ALA A 39 17.12 24.92 13.32
CA ALA A 39 17.13 24.58 14.74
C ALA A 39 16.64 23.13 14.90
N GLY A 40 17.16 22.44 15.92
CA GLY A 40 16.77 21.07 16.26
C GLY A 40 17.28 20.74 17.66
N LYS A 41 17.26 19.46 18.01
CA LYS A 41 17.75 19.03 19.31
C LYS A 41 18.67 17.82 19.20
N GLY A 42 18.12 16.67 18.83
CA GLY A 42 18.87 15.41 18.72
C GLY A 42 20.00 15.33 17.68
N SER A 43 20.05 16.28 16.75
CA SER A 43 21.01 16.25 15.65
C SER A 43 21.80 17.53 15.52
N VAL A 44 21.86 18.31 16.61
CA VAL A 44 22.63 19.53 16.66
C VAL A 44 24.11 19.24 16.43
N GLY A 45 24.76 20.09 15.66
CA GLY A 45 26.15 19.85 15.27
C GLY A 45 26.35 19.13 13.93
N LYS A 46 25.35 18.40 13.46
CA LYS A 46 25.44 17.64 12.21
C LYS A 46 24.97 18.46 11.00
N PRO A 47 25.41 18.10 9.79
CA PRO A 47 24.89 18.79 8.62
C PRO A 47 23.47 18.32 8.24
N TYR A 48 22.61 19.30 7.95
CA TYR A 48 21.21 19.09 7.62
C TYR A 48 20.96 17.93 6.64
N GLY A 49 21.72 17.93 5.54
CA GLY A 49 21.59 16.94 4.47
C GLY A 49 21.92 15.51 4.86
N GLU A 50 22.78 15.37 5.86
CA GLU A 50 23.18 14.03 6.31
C GLU A 50 22.15 13.37 7.22
N VAL A 51 21.31 14.17 7.85
CA VAL A 51 20.36 13.62 8.83
C VAL A 51 18.89 13.71 8.44
N VAL A 52 18.56 14.70 7.61
CA VAL A 52 17.17 14.97 7.26
C VAL A 52 16.53 13.83 6.52
N ARG A 53 15.26 13.57 6.86
CA ARG A 53 14.43 12.69 6.06
C ARG A 53 13.70 13.51 4.99
N TRP A 54 14.20 13.49 3.74
CA TRP A 54 13.65 14.33 2.64
C TRP A 54 12.44 13.72 1.97
N GLN A 55 11.34 13.75 2.70
CA GLN A 55 10.18 13.10 2.22
C GLN A 55 9.31 14.11 1.49
N THR A 56 9.87 14.73 0.45
CA THR A 56 9.12 15.64 -0.40
C THR A 56 9.68 15.60 -1.83
N VAL A 57 9.19 16.50 -2.70
CA VAL A 57 9.65 16.62 -4.09
C VAL A 57 11.14 17.00 -4.17
N GLY A 58 11.82 16.50 -5.21
CA GLY A 58 13.23 16.90 -5.47
C GLY A 58 14.22 16.43 -4.41
N GLN A 59 15.29 17.17 -4.22
CA GLN A 59 16.30 16.82 -3.26
C GLN A 59 16.59 18.02 -2.32
N VAL A 60 17.34 17.79 -1.25
CA VAL A 60 17.73 18.84 -0.31
C VAL A 60 18.48 19.95 -1.11
N PRO A 61 18.06 21.22 -1.04
CA PRO A 61 18.72 22.28 -1.77
C PRO A 61 20.23 22.23 -1.48
N LYS A 62 21.09 22.33 -2.50
CA LYS A 62 22.59 22.27 -2.39
C LYS A 62 23.20 23.19 -1.34
N GLU A 63 22.65 24.39 -1.24
CA GLU A 63 23.15 25.40 -0.30
C GLU A 63 22.63 25.23 1.15
N ILE A 64 21.66 24.34 1.34
CA ILE A 64 21.15 24.06 2.69
C ILE A 64 21.86 22.82 3.25
N ALA A 65 22.16 21.87 2.35
CA ALA A 65 22.65 20.53 2.70
C ALA A 65 23.78 20.55 3.72
N ASP A 66 24.70 21.50 3.54
CA ASP A 66 25.94 21.64 4.31
C ASP A 66 25.73 22.39 5.62
N MET A 67 24.56 23.02 5.77
CA MET A 67 24.25 23.79 6.96
C MET A 67 24.18 22.87 8.19
N GLU A 68 24.81 23.30 9.28
CA GLU A 68 24.73 22.56 10.54
C GLU A 68 23.45 22.91 11.32
N ILE A 69 22.82 21.87 11.87
CA ILE A 69 21.71 22.04 12.79
C ILE A 69 22.21 22.62 14.12
N LYS A 70 21.48 23.61 14.62
CA LYS A 70 21.90 24.47 15.73
C LYS A 70 20.89 24.36 16.88
N PRO A 71 21.27 24.74 18.09
CA PRO A 71 20.35 24.60 19.23
C PRO A 71 19.11 25.50 19.12
N THR A 72 18.02 25.07 19.74
CA THR A 72 16.82 25.90 19.79
C THR A 72 16.92 26.86 20.99
N ASP A 73 17.63 27.96 20.80
CA ASP A 73 18.01 28.84 21.90
C ASP A 73 18.02 30.27 21.43
N PRO A 74 17.10 31.08 21.96
CA PRO A 74 16.97 32.45 21.56
C PRO A 74 18.27 33.22 21.69
N LYS A 75 19.05 32.94 22.74
CA LYS A 75 20.34 33.58 22.98
C LYS A 75 21.40 33.41 21.85
N LEU A 76 21.22 32.40 21.01
CA LEU A 76 22.10 32.14 19.86
C LEU A 76 21.64 32.78 18.54
N MET A 77 20.44 33.33 18.53
CA MET A 77 19.77 33.71 17.30
C MET A 77 19.76 35.21 17.01
N ASP A 78 20.69 35.96 17.60
CA ASP A 78 20.63 37.42 17.55
C ASP A 78 20.22 37.98 16.19
N ASP A 79 20.80 37.42 15.12
CA ASP A 79 20.68 37.89 13.72
C ASP A 79 19.43 37.40 12.95
N VAL A 80 18.55 36.68 13.63
CA VAL A 80 17.33 36.11 13.03
C VAL A 80 16.17 37.11 13.07
N ASP A 81 15.36 37.15 12.01
CA ASP A 81 14.21 38.06 11.94
C ASP A 81 12.86 37.38 12.13
N ILE A 82 12.77 36.09 11.82
CA ILE A 82 11.48 35.38 11.87
C ILE A 82 11.71 33.99 12.39
N ILE A 83 10.82 33.52 13.25
CA ILE A 83 10.84 32.14 13.72
C ILE A 83 9.63 31.38 13.19
N PHE A 84 9.84 30.34 12.40
CA PHE A 84 8.77 29.42 11.99
C PHE A 84 8.86 28.21 12.89
N SER A 85 7.75 27.87 13.52
CA SER A 85 7.74 26.89 14.58
C SER A 85 6.69 25.80 14.32
N PRO A 86 7.09 24.68 13.74
CA PRO A 86 6.14 23.54 13.62
C PRO A 86 6.50 22.47 14.65
N LEU A 87 6.41 22.80 15.93
CA LEU A 87 6.85 21.90 16.97
C LEU A 87 5.69 21.04 17.45
N PRO A 88 5.96 19.86 18.03
CA PRO A 88 4.85 19.00 18.48
C PRO A 88 4.09 19.63 19.67
N GLN A 89 2.80 19.34 19.79
CA GLN A 89 1.98 19.82 20.87
C GLN A 89 2.62 19.57 22.24
N GLY A 90 2.37 20.47 23.20
CA GLY A 90 2.92 20.33 24.55
C GLY A 90 4.33 20.89 24.66
N ALA A 91 5.19 20.56 23.69
CA ALA A 91 6.48 21.23 23.61
C ALA A 91 6.34 22.66 23.07
N ALA A 92 5.48 22.85 22.08
CA ALA A 92 5.44 24.11 21.32
C ALA A 92 5.14 25.34 22.18
N GLY A 93 4.11 25.25 23.02
CA GLY A 93 3.55 26.36 23.76
C GLY A 93 4.62 27.17 24.48
N PRO A 94 5.31 26.52 25.42
CA PRO A 94 6.28 27.23 26.27
C PRO A 94 7.47 27.72 25.42
N VAL A 95 7.88 26.94 24.43
CA VAL A 95 8.97 27.39 23.56
C VAL A 95 8.62 28.65 22.74
N GLU A 96 7.42 28.67 22.17
CA GLU A 96 6.95 29.82 21.40
C GLU A 96 6.79 31.09 22.26
N GLU A 97 6.40 30.92 23.52
CA GLU A 97 6.29 32.06 24.46
C GLU A 97 7.65 32.60 24.82
N GLN A 98 8.62 31.68 24.94
CA GLN A 98 10.00 32.04 25.23
C GLN A 98 10.62 32.87 24.07
N PHE A 99 10.32 32.50 22.83
CA PHE A 99 10.75 33.26 21.66
C PHE A 99 10.10 34.67 21.55
N ALA A 100 8.77 34.75 21.70
CA ALA A 100 8.06 36.03 21.73
C ALA A 100 8.52 36.96 22.88
N LYS A 101 8.77 36.40 24.07
CA LYS A 101 9.26 37.20 25.23
C LYS A 101 10.70 37.70 25.01
N GLU A 102 11.47 37.02 24.16
CA GLU A 102 12.80 37.50 23.78
C GLU A 102 12.79 38.48 22.59
N GLY A 103 11.63 38.75 22.01
CA GLY A 103 11.51 39.79 20.97
C GLY A 103 11.24 39.34 19.54
N PHE A 104 11.06 38.05 19.32
CA PHE A 104 10.89 37.52 17.96
C PHE A 104 9.43 37.42 17.53
N PRO A 105 9.18 37.61 16.24
CA PRO A 105 7.89 37.23 15.67
C PRO A 105 7.95 35.73 15.42
N VAL A 106 6.98 35.01 15.96
CA VAL A 106 6.91 33.58 15.82
C VAL A 106 5.65 33.21 15.06
N ILE A 107 5.83 32.52 13.94
CA ILE A 107 4.71 31.94 13.23
C ILE A 107 4.70 30.44 13.48
N SER A 108 3.69 29.98 14.20
CA SER A 108 3.65 28.60 14.68
C SER A 108 2.70 27.72 13.86
N ASN A 109 3.10 26.49 13.53
CA ASN A 109 2.13 25.49 13.03
C ASN A 109 1.61 24.51 14.09
N SER A 110 1.82 24.81 15.36
CA SER A 110 1.47 23.90 16.45
C SER A 110 0.12 24.28 17.03
N PRO A 111 -0.58 23.32 17.64
CA PRO A 111 -1.92 23.60 18.19
C PRO A 111 -1.97 24.39 19.50
N ASP A 112 -0.85 24.51 20.21
CA ASP A 112 -0.88 25.02 21.62
C ASP A 112 -1.51 26.39 21.82
N HIS A 113 -1.26 27.31 20.88
CA HIS A 113 -1.77 28.68 21.05
C HIS A 113 -2.96 28.97 20.14
N ARG A 114 -3.49 27.95 19.46
CA ARG A 114 -4.57 28.19 18.46
C ARG A 114 -5.89 28.79 19.01
N PHE A 115 -6.12 28.71 20.30
CA PHE A 115 -7.38 29.21 20.84
C PHE A 115 -7.23 30.25 21.89
N ASP A 116 -6.03 30.83 21.95
CA ASP A 116 -5.84 32.05 22.77
C ASP A 116 -6.60 33.18 22.06
N PRO A 117 -7.50 33.89 22.78
CA PRO A 117 -8.12 35.14 22.27
C PRO A 117 -7.18 36.15 21.58
N ASP A 118 -5.98 36.37 22.12
CA ASP A 118 -5.03 37.33 21.55
C ASP A 118 -4.05 36.78 20.48
N VAL A 119 -4.24 35.53 20.08
CA VAL A 119 -3.36 34.90 19.11
C VAL A 119 -4.12 34.63 17.84
N PRO A 120 -3.72 35.27 16.74
CA PRO A 120 -4.39 35.04 15.47
C PRO A 120 -4.33 33.56 15.08
N LEU A 121 -5.42 33.05 14.50
CA LEU A 121 -5.48 31.70 13.95
C LEU A 121 -5.78 31.91 12.50
N LEU A 122 -4.73 31.89 11.68
CA LEU A 122 -4.72 32.67 10.47
C LEU A 122 -4.74 31.83 9.20
N VAL A 123 -5.76 32.08 8.37
CA VAL A 123 -5.79 31.63 6.97
C VAL A 123 -5.77 32.96 6.20
N PRO A 124 -4.63 33.29 5.59
CA PRO A 124 -4.47 34.65 5.02
C PRO A 124 -5.58 35.07 4.03
N GLU A 125 -6.12 34.13 3.26
CA GLU A 125 -7.25 34.46 2.35
C GLU A 125 -8.60 34.72 3.07
N LEU A 126 -8.77 34.19 4.30
CA LEU A 126 -10.08 34.32 4.99
C LEU A 126 -10.16 35.37 6.09
N ASN A 127 -9.09 35.52 6.86
CA ASN A 127 -9.12 36.41 8.04
C ASN A 127 -7.83 37.21 8.27
N PRO A 128 -7.28 37.80 7.20
CA PRO A 128 -6.04 38.55 7.31
C PRO A 128 -6.14 39.70 8.34
N HIS A 129 -7.34 40.22 8.57
CA HIS A 129 -7.50 41.37 9.48
C HIS A 129 -7.16 41.04 10.94
N THR A 130 -7.29 39.77 11.32
CA THR A 130 -7.16 39.36 12.72
C THR A 130 -5.74 39.44 13.20
N ILE A 131 -4.80 39.69 12.29
CA ILE A 131 -3.44 40.05 12.71
C ILE A 131 -3.46 41.23 13.72
N SER A 132 -4.48 42.10 13.66
CA SER A 132 -4.50 43.27 14.59
C SER A 132 -4.53 42.84 16.06
N LEU A 133 -4.81 41.56 16.29
CA LEU A 133 -4.84 40.98 17.62
C LEU A 133 -3.49 41.08 18.30
N ILE A 134 -2.43 40.97 17.50
CA ILE A 134 -1.07 41.23 17.97
C ILE A 134 -0.91 42.43 18.93
N ASP A 135 -1.57 43.56 18.66
CA ASP A 135 -1.36 44.76 19.48
C ASP A 135 -1.75 44.52 20.93
N GLU A 136 -2.94 43.96 21.16
CA GLU A 136 -3.37 43.70 22.53
C GLU A 136 -2.67 42.47 23.11
N GLN A 137 -2.19 41.59 22.23
CA GLN A 137 -1.31 40.50 22.66
C GLN A 137 -0.06 41.06 23.32
N ARG A 138 0.59 42.01 22.66
CA ARG A 138 1.81 42.58 23.17
C ARG A 138 1.56 43.37 24.44
N LYS A 139 0.48 44.12 24.48
CA LYS A 139 0.05 44.87 25.67
C LYS A 139 -0.24 43.92 26.84
N ARG A 140 -1.23 43.04 26.65
CA ARG A 140 -1.59 42.02 27.66
C ARG A 140 -0.42 41.14 28.11
N ARG A 141 0.30 40.51 27.18
CA ARG A 141 1.41 39.59 27.54
C ARG A 141 2.68 40.30 27.99
N GLU A 142 2.74 41.62 27.83
CA GLU A 142 3.96 42.39 28.08
C GLU A 142 5.17 41.75 27.39
N TRP A 143 5.06 41.54 26.08
CA TRP A 143 6.20 41.07 25.30
C TRP A 143 6.39 41.85 23.97
N LYS A 144 7.64 41.97 23.52
CA LYS A 144 7.90 42.74 22.31
C LYS A 144 7.78 41.95 21.01
N GLY A 145 7.94 40.64 21.09
CA GLY A 145 7.65 39.77 19.96
C GLY A 145 6.16 39.50 19.87
N PHE A 146 5.81 38.45 19.14
CA PHE A 146 4.43 37.93 19.05
C PHE A 146 4.34 36.49 18.55
N ILE A 147 3.21 35.85 18.80
CA ILE A 147 2.97 34.54 18.19
C ILE A 147 1.75 34.66 17.30
N VAL A 148 1.84 34.09 16.10
CA VAL A 148 0.69 33.90 15.23
C VAL A 148 0.61 32.40 14.98
N THR A 149 -0.58 31.83 14.87
CA THR A 149 -0.70 30.41 14.50
C THR A 149 -1.48 30.19 13.18
N THR A 150 -1.22 29.05 12.55
CA THR A 150 -1.98 28.61 11.40
C THR A 150 -2.76 27.38 11.89
N PRO A 151 -3.96 27.18 11.34
CA PRO A 151 -4.83 26.09 11.81
C PRO A 151 -4.38 24.73 11.32
N LEU A 152 -4.83 23.71 12.06
CA LEU A 152 -4.85 22.31 11.63
C LEU A 152 -5.05 22.15 10.12
N CYS A 153 -4.13 21.42 9.45
CA CYS A 153 -4.29 21.30 7.99
C CYS A 153 -5.66 20.81 7.59
N THR A 154 -6.18 19.83 8.31
CA THR A 154 -7.47 19.26 8.00
C THR A 154 -8.55 20.32 8.04
N ALA A 155 -8.52 21.19 9.08
CA ALA A 155 -9.50 22.26 9.18
C ALA A 155 -9.38 23.27 7.99
N GLN A 156 -8.16 23.58 7.58
CA GLN A 156 -7.97 24.44 6.39
C GLN A 156 -8.57 23.84 5.10
N GLY A 157 -8.57 22.52 4.94
CA GLY A 157 -9.15 21.89 3.72
C GLY A 157 -10.67 22.04 3.63
N ALA A 158 -11.31 22.18 4.78
CA ALA A 158 -12.72 22.47 4.76
C ALA A 158 -12.97 23.99 4.90
N ALA A 159 -12.18 24.67 5.74
CA ALA A 159 -12.45 26.11 6.03
C ALA A 159 -12.25 27.02 4.82
N ILE A 160 -11.30 26.68 3.96
CA ILE A 160 -11.06 27.51 2.79
C ILE A 160 -12.26 27.49 1.82
N PRO A 161 -12.76 26.31 1.39
CA PRO A 161 -13.94 26.36 0.52
C PRO A 161 -15.17 26.79 1.33
N LEU A 162 -15.31 26.31 2.57
CA LEU A 162 -16.45 26.71 3.39
C LEU A 162 -16.51 28.24 3.66
N GLY A 163 -15.39 28.88 3.96
CA GLY A 163 -15.38 30.33 4.12
C GLY A 163 -15.85 31.10 2.89
N ALA A 164 -15.43 30.62 1.71
CA ALA A 164 -15.75 31.22 0.44
C ALA A 164 -17.26 31.08 0.20
N ILE A 165 -17.82 29.95 0.60
CA ILE A 165 -19.27 29.83 0.54
C ILE A 165 -20.00 30.70 1.61
N PHE A 166 -19.53 30.62 2.86
CA PHE A 166 -20.17 31.31 4.00
C PHE A 166 -20.17 32.82 3.79
N LYS A 167 -19.14 33.33 3.12
CA LYS A 167 -19.05 34.76 2.81
C LYS A 167 -20.21 35.24 1.91
N ASP A 168 -20.64 34.37 1.01
CA ASP A 168 -21.57 34.76 -0.03
C ASP A 168 -22.95 34.09 -0.05
N TYR A 169 -23.17 33.10 0.82
CA TYR A 169 -24.38 32.27 0.83
C TYR A 169 -24.87 31.97 2.24
N LYS A 170 -26.11 31.50 2.33
CA LYS A 170 -26.77 31.35 3.62
C LYS A 170 -26.55 29.93 4.13
N MET A 171 -25.28 29.60 4.29
CA MET A 171 -24.83 28.24 4.61
C MET A 171 -25.20 27.95 6.06
N ASP A 172 -25.94 26.86 6.29
CA ASP A 172 -26.35 26.52 7.66
C ASP A 172 -25.82 25.20 8.18
N GLY A 173 -25.07 24.47 7.36
CA GLY A 173 -24.39 23.30 7.87
C GLY A 173 -23.39 22.79 6.87
N ALA A 174 -22.40 22.06 7.37
CA ALA A 174 -21.45 21.33 6.51
C ALA A 174 -21.08 20.06 7.25
N PHE A 175 -21.12 18.94 6.54
CA PHE A 175 -20.94 17.62 7.15
C PHE A 175 -19.92 16.90 6.34
N ILE A 176 -18.76 16.67 6.96
CA ILE A 176 -17.49 16.43 6.31
C ILE A 176 -16.98 15.02 6.65
N THR A 177 -16.34 14.39 5.67
CA THR A 177 -15.63 13.17 5.84
C THR A 177 -14.25 13.40 5.26
N THR A 178 -13.23 13.10 6.07
CA THR A 178 -11.88 13.28 5.65
C THR A 178 -11.18 11.96 5.45
N ILE A 179 -10.25 11.96 4.49
CA ILE A 179 -9.40 10.84 4.17
C ILE A 179 -7.99 11.43 4.05
N GLN A 180 -7.30 11.42 5.18
CA GLN A 180 -6.09 12.20 5.35
C GLN A 180 -4.86 11.36 5.07
N SER A 181 -3.77 12.05 4.75
CA SER A 181 -2.48 11.41 4.47
C SER A 181 -1.71 11.08 5.73
N LEU A 182 -0.63 10.34 5.57
CA LEU A 182 0.19 9.96 6.73
C LEU A 182 1.11 11.08 7.24
N SER A 183 1.55 11.97 6.35
CA SER A 183 2.56 12.96 6.74
C SER A 183 2.02 13.93 7.78
N GLY A 184 0.71 14.08 7.86
CA GLY A 184 0.14 14.98 8.85
C GLY A 184 0.45 14.52 10.30
N ALA A 185 0.69 13.22 10.53
CA ALA A 185 0.98 12.68 11.89
C ALA A 185 2.47 12.72 12.23
N GLY A 186 3.28 13.18 11.30
CA GLY A 186 4.71 13.31 11.60
C GLY A 186 5.42 11.95 11.48
N TYR A 187 6.66 11.89 11.95
CA TYR A 187 7.49 10.69 11.89
C TYR A 187 8.03 10.46 13.29
N PRO A 188 7.94 9.22 13.82
CA PRO A 188 7.44 7.96 13.21
C PRO A 188 5.90 7.94 12.93
N GLY A 189 5.15 8.82 13.61
CA GLY A 189 3.73 8.99 13.38
C GLY A 189 2.92 7.69 13.32
N ILE A 190 2.23 7.45 12.21
CA ILE A 190 1.27 6.33 12.12
C ILE A 190 2.00 4.99 11.87
N PRO A 191 1.89 4.02 12.78
CA PRO A 191 2.50 2.70 12.55
C PRO A 191 2.00 2.08 11.22
N SER A 192 2.91 1.49 10.45
CA SER A 192 2.48 0.86 9.16
C SER A 192 1.29 -0.14 9.28
N LEU A 193 1.22 -0.87 10.39
CA LEU A 193 0.12 -1.86 10.49
C LEU A 193 -1.23 -1.24 10.67
N ASP A 194 -1.30 0.04 11.01
CA ASP A 194 -2.60 0.73 11.10
C ASP A 194 -3.23 1.03 9.78
N VAL A 195 -2.41 1.01 8.71
CA VAL A 195 -2.95 1.47 7.40
C VAL A 195 -2.81 0.54 6.18
N VAL A 196 -2.14 -0.60 6.32
CA VAL A 196 -2.06 -1.53 5.17
C VAL A 196 -3.34 -2.32 5.17
N ASP A 197 -4.06 -2.31 4.03
CA ASP A 197 -5.35 -2.97 3.91
C ASP A 197 -6.23 -2.55 5.09
N ASN A 198 -6.25 -1.26 5.42
CA ASN A 198 -7.13 -0.74 6.50
C ASN A 198 -7.40 0.77 6.31
N ILE A 199 -8.42 1.31 7.00
CA ILE A 199 -8.64 2.72 7.19
C ILE A 199 -8.59 2.97 8.69
N LEU A 200 -7.84 3.99 9.10
CA LEU A 200 -7.72 4.32 10.50
C LEU A 200 -8.61 5.55 10.86
N PRO A 201 -9.75 5.35 11.53
CA PRO A 201 -10.52 6.53 12.03
C PRO A 201 -9.74 7.20 13.14
N LEU A 202 -9.80 8.51 13.23
CA LEU A 202 -8.98 9.22 14.23
C LEU A 202 -9.70 9.48 15.53
N GLY A 203 -11.04 9.38 15.53
CA GLY A 203 -11.81 9.43 16.81
C GLY A 203 -12.53 10.73 17.09
N ASP A 204 -13.20 10.78 18.23
CA ASP A 204 -13.97 11.94 18.63
C ASP A 204 -13.15 13.18 18.93
N GLY A 205 -12.02 13.02 19.61
CA GLY A 205 -11.24 14.22 20.00
C GLY A 205 -10.75 14.90 18.75
N TYR A 206 -10.27 14.12 17.77
CA TYR A 206 -9.76 14.71 16.52
C TYR A 206 -10.91 15.31 15.70
N ASP A 207 -12.07 14.63 15.69
CA ASP A 207 -13.23 15.17 14.97
C ASP A 207 -13.63 16.51 15.63
N ALA A 208 -13.73 16.55 16.96
CA ALA A 208 -14.17 17.78 17.66
C ALA A 208 -13.20 18.95 17.46
N LYS A 209 -11.89 18.68 17.49
CA LYS A 209 -10.90 19.75 17.32
C LYS A 209 -10.86 20.35 15.89
N THR A 210 -11.06 19.50 14.88
CA THR A 210 -11.22 19.95 13.51
C THR A 210 -12.35 20.98 13.38
N ILE A 211 -13.52 20.64 13.90
CA ILE A 211 -14.73 21.49 13.85
C ILE A 211 -14.52 22.79 14.66
N LYS A 212 -13.88 22.69 15.83
CA LYS A 212 -13.62 23.85 16.70
C LYS A 212 -12.75 24.88 15.98
N GLU A 213 -11.70 24.40 15.29
CA GLU A 213 -10.84 25.27 14.47
C GLU A 213 -11.62 25.87 13.29
N ILE A 214 -12.48 25.09 12.64
CA ILE A 214 -13.30 25.63 11.53
C ILE A 214 -14.26 26.73 12.01
N PHE A 215 -14.94 26.46 13.13
CA PHE A 215 -15.78 27.49 13.75
C PHE A 215 -15.00 28.78 14.00
N ARG A 216 -13.80 28.68 14.55
CA ARG A 216 -13.08 29.92 14.90
C ARG A 216 -12.80 30.74 13.62
N ILE A 217 -12.18 30.08 12.65
CA ILE A 217 -11.89 30.70 11.36
C ILE A 217 -13.14 31.33 10.71
N LEU A 218 -14.25 30.58 10.65
CA LEU A 218 -15.50 31.11 10.06
C LEU A 218 -16.04 32.30 10.81
N SER A 219 -15.90 32.31 12.13
CA SER A 219 -16.42 33.44 12.94
C SER A 219 -15.67 34.76 12.63
N GLU A 220 -14.49 34.65 11.99
CA GLU A 220 -13.67 35.81 11.66
C GLU A 220 -13.71 36.22 10.17
N VAL A 221 -14.53 35.49 9.38
CA VAL A 221 -14.69 35.80 7.96
C VAL A 221 -15.70 36.95 7.79
N LYS A 222 -15.32 37.92 6.98
CA LYS A 222 -16.19 39.08 6.72
C LYS A 222 -17.20 38.68 5.64
N ARG A 223 -18.49 38.78 5.94
CA ARG A 223 -19.52 38.22 5.05
C ARG A 223 -20.28 39.33 4.31
N ASN A 224 -20.86 38.96 3.17
CA ASN A 224 -21.73 39.83 2.39
C ASN A 224 -23.19 39.55 2.71
N VAL A 225 -23.46 38.46 3.41
CA VAL A 225 -24.80 38.09 3.83
C VAL A 225 -24.79 37.94 5.34
N ASP A 226 -25.94 37.97 5.99
CA ASP A 226 -25.98 37.97 7.45
C ASP A 226 -26.71 36.79 8.05
N GLU A 227 -27.36 35.96 7.22
CA GLU A 227 -28.04 34.78 7.72
C GLU A 227 -27.36 33.48 7.24
N PRO A 228 -27.28 32.46 8.10
CA PRO A 228 -27.67 32.53 9.50
C PRO A 228 -26.47 33.01 10.33
N LYS A 229 -26.66 33.23 11.63
CA LYS A 229 -25.54 33.51 12.54
C LYS A 229 -24.64 32.29 12.60
N LEU A 230 -23.33 32.52 12.76
CA LEU A 230 -22.39 31.42 12.86
C LEU A 230 -22.77 30.47 13.98
N GLU A 231 -23.25 31.03 15.09
CA GLU A 231 -23.69 30.26 16.24
C GLU A 231 -24.82 29.27 15.89
N ASP A 232 -25.42 29.44 14.73
CA ASP A 232 -26.48 28.51 14.34
C ASP A 232 -26.11 27.68 13.14
N VAL A 233 -24.83 27.61 12.82
CA VAL A 233 -24.39 26.74 11.77
C VAL A 233 -24.02 25.38 12.38
N SER A 234 -24.38 24.30 11.71
CA SER A 234 -24.15 22.95 12.22
C SER A 234 -22.95 22.31 11.48
N LEU A 235 -21.85 22.11 12.19
CA LEU A 235 -20.69 21.39 11.54
C LEU A 235 -20.42 20.05 12.18
N ALA A 236 -20.07 19.09 11.33
CA ALA A 236 -19.66 17.77 11.78
C ALA A 236 -18.51 17.28 10.89
N ALA A 237 -17.57 16.55 11.50
CA ALA A 237 -16.45 15.93 10.76
C ALA A 237 -16.27 14.48 11.26
N THR A 238 -16.02 13.57 10.31
CA THR A 238 -15.59 12.22 10.57
C THR A 238 -14.26 12.03 9.84
N THR A 239 -13.19 11.89 10.62
CA THR A 239 -11.88 11.98 10.08
C THR A 239 -11.16 10.62 10.07
N HIS A 240 -10.33 10.38 9.03
CA HIS A 240 -9.60 9.11 8.89
C HIS A 240 -8.20 9.32 8.32
N ARG A 241 -7.30 8.35 8.51
CA ARG A 241 -6.04 8.36 7.82
C ARG A 241 -5.95 7.15 6.95
N ILE A 242 -5.33 7.29 5.79
CA ILE A 242 -5.01 6.10 4.99
C ILE A 242 -3.59 6.20 4.55
N ALA A 243 -3.16 5.23 3.73
CA ALA A 243 -1.73 5.10 3.34
C ALA A 243 -1.36 6.01 2.17
N THR A 244 -1.74 7.29 2.26
CA THR A 244 -1.18 8.29 1.32
C THR A 244 -0.09 9.12 2.02
N ILE A 245 0.84 9.64 1.23
CA ILE A 245 1.96 10.30 1.82
C ILE A 245 1.66 11.79 2.10
N HIS A 246 1.29 12.51 1.04
CA HIS A 246 0.82 13.89 1.17
C HIS A 246 -0.60 14.06 0.65
N GLY A 247 -1.35 14.98 1.23
CA GLY A 247 -2.64 15.32 0.65
C GLY A 247 -3.83 14.82 1.42
N HIS A 248 -4.63 15.75 1.94
CA HIS A 248 -5.89 15.43 2.67
C HIS A 248 -7.07 15.65 1.80
N TYR A 249 -7.85 14.60 1.60
CA TYR A 249 -9.01 14.64 0.77
C TYR A 249 -10.28 14.68 1.61
N GLU A 250 -11.25 15.52 1.27
CA GLU A 250 -12.45 15.69 2.13
C GLU A 250 -13.72 15.72 1.27
N VAL A 251 -14.81 15.18 1.77
CA VAL A 251 -16.04 15.24 1.06
C VAL A 251 -16.94 16.08 1.93
N LEU A 252 -17.57 17.09 1.35
CA LEU A 252 -18.40 18.00 2.13
C LEU A 252 -19.78 18.08 1.55
N TYR A 253 -20.75 17.78 2.40
CA TYR A 253 -22.13 18.04 2.09
C TYR A 253 -22.45 19.34 2.78
N VAL A 254 -22.90 20.29 1.97
CA VAL A 254 -23.11 21.64 2.47
C VAL A 254 -24.56 22.00 2.34
N SER A 255 -25.16 22.46 3.43
CA SER A 255 -26.53 22.84 3.30
C SER A 255 -26.79 24.33 3.55
N PHE A 256 -27.91 24.81 3.07
CA PHE A 256 -28.23 26.22 3.05
C PHE A 256 -29.62 26.41 3.62
N LYS A 257 -29.86 27.58 4.20
CA LYS A 257 -31.14 27.90 4.79
C LYS A 257 -32.18 28.21 3.70
N GLU A 258 -31.73 28.48 2.49
CA GLU A 258 -32.66 28.72 1.38
C GLU A 258 -32.10 28.13 0.08
N GLU A 259 -32.95 28.08 -0.95
CA GLU A 259 -32.56 27.54 -2.24
C GLU A 259 -31.28 28.19 -2.78
N THR A 260 -30.36 27.34 -3.22
CA THR A 260 -29.01 27.75 -3.61
C THR A 260 -28.49 26.78 -4.69
N ALA A 261 -28.16 27.32 -5.86
CA ALA A 261 -27.78 26.53 -7.04
C ALA A 261 -26.31 26.22 -7.03
N ALA A 262 -25.98 24.95 -7.19
CA ALA A 262 -24.58 24.51 -7.22
C ALA A 262 -23.77 25.22 -8.32
N GLU A 263 -24.42 25.62 -9.42
CA GLU A 263 -23.72 26.36 -10.49
C GLU A 263 -23.19 27.72 -10.00
N LYS A 264 -23.99 28.41 -9.20
CA LYS A 264 -23.58 29.68 -8.58
C LYS A 264 -22.48 29.50 -7.55
N VAL A 265 -22.61 28.52 -6.66
CA VAL A 265 -21.58 28.26 -5.68
C VAL A 265 -20.26 27.92 -6.41
N LYS A 266 -20.36 27.18 -7.52
CA LYS A 266 -19.20 26.84 -8.36
C LYS A 266 -18.47 28.07 -8.89
N GLU A 267 -19.23 29.01 -9.45
CA GLU A 267 -18.68 30.28 -9.93
C GLU A 267 -18.03 31.05 -8.78
N THR A 268 -18.66 31.07 -7.61
CA THR A 268 -18.06 31.73 -6.44
C THR A 268 -16.71 31.08 -6.04
N LEU A 269 -16.65 29.76 -6.00
CA LEU A 269 -15.39 29.10 -5.69
C LEU A 269 -14.29 29.34 -6.76
N GLU A 270 -14.68 29.28 -8.05
CA GLU A 270 -13.78 29.51 -9.17
C GLU A 270 -13.13 30.88 -9.06
N ASN A 271 -13.92 31.87 -8.63
CA ASN A 271 -13.54 33.29 -8.54
C ASN A 271 -12.97 33.72 -7.19
N PHE A 272 -12.80 32.78 -6.27
CA PHE A 272 -12.37 33.15 -4.94
C PHE A 272 -11.00 33.78 -4.94
N ARG A 273 -10.89 34.92 -4.26
CA ARG A 273 -9.60 35.56 -3.98
C ARG A 273 -9.67 36.37 -2.68
N GLY A 274 -8.54 36.54 -2.00
CA GLY A 274 -8.51 37.40 -0.80
C GLY A 274 -7.41 38.45 -0.84
N GLU A 275 -7.13 39.05 0.31
CA GLU A 275 -6.07 40.04 0.42
C GLU A 275 -4.69 39.58 -0.11
N PRO A 276 -4.26 38.33 0.15
CA PRO A 276 -2.95 37.91 -0.35
C PRO A 276 -2.81 38.02 -1.87
N GLN A 277 -3.88 37.69 -2.61
CA GLN A 277 -3.91 37.89 -4.05
C GLN A 277 -3.91 39.38 -4.42
N ASP A 278 -4.71 40.19 -3.69
CA ASP A 278 -4.82 41.62 -4.01
C ASP A 278 -3.54 42.35 -3.64
N LEU A 279 -2.84 41.82 -2.64
CA LEU A 279 -1.54 42.35 -2.23
C LEU A 279 -0.39 41.74 -3.01
N LYS A 280 -0.70 40.78 -3.89
CA LYS A 280 0.31 40.09 -4.71
C LYS A 280 1.49 39.55 -3.87
N LEU A 281 1.21 38.95 -2.72
CA LEU A 281 2.28 38.33 -1.93
C LEU A 281 2.93 37.21 -2.70
N PRO A 282 4.24 37.08 -2.57
CA PRO A 282 4.98 36.12 -3.41
C PRO A 282 4.41 34.68 -3.38
N THR A 283 3.93 34.24 -2.20
CA THR A 283 3.51 32.85 -2.00
C THR A 283 2.00 32.69 -2.18
N ALA A 284 1.33 33.80 -2.47
CA ALA A 284 -0.11 33.79 -2.80
C ALA A 284 -0.36 33.11 -4.14
N PRO A 285 -1.03 31.97 -4.16
CA PRO A 285 -1.39 31.38 -5.45
C PRO A 285 -2.38 32.27 -6.18
N SER A 286 -2.31 32.27 -7.50
CA SER A 286 -3.27 33.01 -8.33
C SER A 286 -4.64 32.56 -8.01
N LYS A 287 -4.81 31.25 -7.81
CA LYS A 287 -6.11 30.69 -7.59
C LYS A 287 -6.08 29.89 -6.29
N PRO A 288 -6.41 30.52 -5.17
CA PRO A 288 -6.39 29.81 -3.87
C PRO A 288 -7.36 28.62 -3.85
N ILE A 289 -8.40 28.67 -4.67
CA ILE A 289 -9.21 27.48 -4.93
C ILE A 289 -9.17 27.19 -6.43
N ILE A 290 -8.77 25.98 -6.77
CA ILE A 290 -8.81 25.47 -8.14
C ILE A 290 -10.05 24.57 -8.17
N VAL A 291 -10.93 24.83 -9.15
CA VAL A 291 -12.13 24.08 -9.36
C VAL A 291 -11.94 23.11 -10.57
N MET A 292 -12.15 21.81 -10.36
CA MET A 292 -12.07 20.85 -11.45
C MET A 292 -13.45 20.39 -11.89
N ASN A 293 -13.61 20.06 -13.18
CA ASN A 293 -14.88 19.65 -13.76
C ASN A 293 -15.05 18.16 -13.98
N GLU A 294 -13.98 17.39 -13.94
CA GLU A 294 -14.07 15.93 -14.23
C GLU A 294 -14.64 15.17 -13.02
N ASP A 295 -15.49 14.20 -13.30
CA ASP A 295 -16.19 13.50 -12.21
C ASP A 295 -15.28 12.54 -11.48
N THR A 296 -14.02 12.40 -11.90
CA THR A 296 -13.05 11.58 -11.15
C THR A 296 -11.88 12.41 -10.58
N ARG A 297 -12.09 13.71 -10.43
CA ARG A 297 -11.06 14.61 -10.00
C ARG A 297 -11.66 15.55 -8.94
N PRO A 298 -10.83 16.07 -8.02
CA PRO A 298 -9.38 15.78 -7.91
C PRO A 298 -9.08 14.35 -7.40
N GLN A 299 -7.86 13.91 -7.67
CA GLN A 299 -7.23 12.75 -7.09
C GLN A 299 -5.96 13.18 -6.37
N VAL A 300 -5.77 12.62 -5.18
CA VAL A 300 -4.61 12.85 -4.36
C VAL A 300 -3.28 12.97 -5.09
N TYR A 301 -2.94 11.92 -5.83
CA TYR A 301 -1.63 11.83 -6.41
C TYR A 301 -1.44 12.93 -7.48
N PHE A 302 -2.48 13.12 -8.29
CA PHE A 302 -2.38 13.98 -9.50
C PHE A 302 -2.61 15.47 -9.22
N ASP A 303 -3.16 15.80 -8.06
CA ASP A 303 -3.57 17.18 -7.85
C ASP A 303 -3.02 17.80 -6.59
N ARG A 304 -2.37 17.02 -5.70
CA ARG A 304 -1.92 17.64 -4.47
C ARG A 304 -0.82 18.69 -4.78
N TRP A 305 -0.21 18.61 -5.97
CA TRP A 305 0.85 19.56 -6.34
C TRP A 305 0.40 20.58 -7.42
N ALA A 306 -0.92 20.72 -7.60
CA ALA A 306 -1.50 21.63 -8.59
C ALA A 306 -1.21 23.13 -8.30
N GLY A 307 -1.29 23.96 -9.35
CA GLY A 307 -1.27 25.41 -9.19
C GLY A 307 0.03 26.08 -9.58
N ASP A 308 -0.06 27.39 -9.82
CA ASP A 308 1.13 28.17 -10.14
C ASP A 308 2.09 28.10 -8.96
N ILE A 309 1.58 28.04 -7.74
CA ILE A 309 2.47 27.70 -6.62
C ILE A 309 2.15 26.30 -6.09
N PRO A 310 2.94 25.30 -6.51
CA PRO A 310 2.62 23.89 -6.18
C PRO A 310 2.25 23.65 -4.72
N GLY A 311 1.04 23.15 -4.48
CA GLY A 311 0.64 22.75 -3.14
C GLY A 311 0.03 23.88 -2.33
N MET A 312 0.06 25.11 -2.87
CA MET A 312 -0.59 26.25 -2.17
C MET A 312 -2.10 26.39 -2.43
N SER A 313 -2.64 25.74 -3.45
CA SER A 313 -4.07 25.85 -3.72
C SER A 313 -4.85 24.65 -3.16
N VAL A 314 -6.05 24.94 -2.66
CA VAL A 314 -7.00 23.89 -2.32
C VAL A 314 -7.70 23.54 -3.62
N VAL A 315 -7.78 22.25 -3.94
CA VAL A 315 -8.39 21.83 -5.19
C VAL A 315 -9.78 21.25 -4.89
N VAL A 316 -10.80 21.80 -5.54
CA VAL A 316 -12.15 21.45 -5.26
C VAL A 316 -12.73 20.79 -6.49
N GLY A 317 -13.65 19.84 -6.32
CA GLY A 317 -14.24 19.16 -7.52
C GLY A 317 -15.60 18.62 -7.17
N ARG A 318 -16.24 17.98 -8.15
CA ARG A 318 -17.45 17.22 -7.91
C ARG A 318 -18.70 18.07 -7.45
N LEU A 319 -18.72 19.36 -7.77
CA LEU A 319 -19.82 20.23 -7.42
C LEU A 319 -21.08 19.69 -8.04
N LYS A 320 -22.04 19.33 -7.19
CA LYS A 320 -23.29 18.73 -7.68
C LYS A 320 -24.41 19.10 -6.72
N GLN A 321 -25.58 19.41 -7.27
CA GLN A 321 -26.80 19.64 -6.51
C GLN A 321 -27.28 18.35 -5.88
N VAL A 322 -27.56 18.39 -4.58
CA VAL A 322 -28.17 17.22 -3.94
C VAL A 322 -29.71 17.41 -3.84
N ASN A 323 -30.15 18.50 -3.23
CA ASN A 323 -31.54 18.96 -3.31
C ASN A 323 -31.48 20.48 -3.38
N LYS A 324 -32.61 21.18 -3.31
CA LYS A 324 -32.62 22.64 -3.45
C LYS A 324 -31.73 23.37 -2.43
N ARG A 325 -31.52 22.72 -1.29
CA ARG A 325 -30.89 23.35 -0.14
C ARG A 325 -29.59 22.64 0.25
N MET A 326 -29.13 21.71 -0.59
CA MET A 326 -27.93 20.93 -0.31
C MET A 326 -27.05 20.72 -1.56
N ILE A 327 -25.72 20.88 -1.42
CA ILE A 327 -24.78 20.51 -2.46
C ILE A 327 -23.70 19.60 -1.91
N ARG A 328 -22.99 18.95 -2.82
CA ARG A 328 -21.87 18.11 -2.53
C ARG A 328 -20.63 18.65 -3.26
N LEU A 329 -19.49 18.68 -2.57
CA LEU A 329 -18.21 19.01 -3.25
C LEU A 329 -17.15 18.25 -2.53
N VAL A 330 -16.00 18.11 -3.15
CA VAL A 330 -14.84 17.47 -2.51
C VAL A 330 -13.73 18.51 -2.54
N SER A 331 -12.80 18.41 -1.61
CA SER A 331 -11.66 19.29 -1.59
C SER A 331 -10.41 18.49 -1.25
N LEU A 332 -9.29 18.94 -1.79
CA LEU A 332 -8.01 18.32 -1.55
C LEU A 332 -7.04 19.42 -1.13
N ILE A 333 -6.37 19.23 -0.02
CA ILE A 333 -5.34 20.16 0.39
C ILE A 333 -3.97 19.48 0.54
N HIS A 334 -2.92 20.14 0.10
CA HIS A 334 -1.61 19.60 0.36
C HIS A 334 -1.31 19.95 1.80
N ASN A 335 -1.27 18.93 2.67
CA ASN A 335 -1.29 19.22 4.13
C ASN A 335 0.01 19.83 4.73
N THR A 336 1.14 19.63 4.09
CA THR A 336 2.33 20.22 4.63
C THR A 336 2.68 21.56 3.91
N VAL A 337 2.05 21.82 2.75
CA VAL A 337 2.34 23.10 2.03
C VAL A 337 1.27 24.09 2.41
N ARG A 338 0.15 24.19 1.69
CA ARG A 338 -0.93 25.05 2.21
C ARG A 338 -1.25 24.76 3.71
N GLY A 339 -1.31 23.47 4.08
CA GLY A 339 -1.82 23.12 5.44
C GLY A 339 -0.87 23.41 6.56
N ALA A 340 0.36 23.74 6.22
CA ALA A 340 1.41 23.95 7.22
C ALA A 340 2.44 24.99 6.78
N ALA A 341 3.52 24.58 6.11
CA ALA A 341 4.67 25.52 5.94
C ALA A 341 4.39 26.66 4.93
N GLY A 342 3.64 26.36 3.86
CA GLY A 342 3.37 27.34 2.80
C GLY A 342 2.44 28.39 3.36
N GLY A 343 1.45 27.94 4.14
CA GLY A 343 0.53 28.82 4.86
C GLY A 343 1.25 29.71 5.84
N GLY A 344 2.29 29.19 6.49
CA GLY A 344 3.08 29.97 7.47
C GLY A 344 3.88 31.07 6.79
N ILE A 345 4.52 30.70 5.68
CA ILE A 345 5.31 31.64 4.89
C ILE A 345 4.40 32.73 4.34
N LEU A 346 3.20 32.36 3.89
CA LEU A 346 2.22 33.32 3.40
C LEU A 346 1.78 34.27 4.51
N ALA A 347 1.62 33.75 5.73
CA ALA A 347 1.32 34.62 6.89
C ALA A 347 2.45 35.60 7.15
N ALA A 348 3.69 35.12 6.99
CA ALA A 348 4.83 35.95 7.29
C ALA A 348 4.88 37.11 6.29
N GLU A 349 4.58 36.82 5.02
CA GLU A 349 4.58 37.82 3.97
C GLU A 349 3.53 38.91 4.24
N LEU A 350 2.36 38.46 4.70
CA LEU A 350 1.27 39.31 5.05
C LEU A 350 1.72 40.24 6.18
N LEU A 351 2.44 39.68 7.17
CA LEU A 351 2.84 40.40 8.36
C LEU A 351 3.91 41.41 8.02
N VAL A 352 4.81 41.02 7.12
CA VAL A 352 5.73 41.94 6.51
C VAL A 352 4.94 43.05 5.78
N GLU A 353 4.00 42.70 4.90
CA GLU A 353 3.27 43.73 4.17
C GLU A 353 2.47 44.71 5.05
N LYS A 354 1.91 44.26 6.17
CA LYS A 354 1.17 45.16 7.07
C LYS A 354 2.04 45.82 8.15
N GLY A 355 3.34 45.59 8.12
CA GLY A 355 4.28 46.32 8.99
C GLY A 355 4.51 45.76 10.38
N TYR A 356 4.01 44.55 10.61
CA TYR A 356 4.22 43.82 11.87
C TYR A 356 5.60 43.15 11.95
N ILE A 357 6.16 42.89 10.78
CA ILE A 357 7.51 42.35 10.63
C ILE A 357 8.26 43.28 9.65
N GLU A 358 9.34 43.90 10.10
CA GLU A 358 10.07 44.87 9.26
C GLU A 358 11.30 44.31 8.54
N LYS A 359 11.47 44.71 7.28
CA LYS A 359 12.52 44.14 6.40
C LYS A 359 13.96 44.66 6.65
N ARG B 6 -31.03 -35.29 1.86
CA ARG B 6 -31.63 -34.30 0.93
C ARG B 6 -30.74 -33.06 0.70
N THR B 7 -29.65 -33.24 -0.04
CA THR B 7 -28.76 -32.11 -0.29
C THR B 7 -29.10 -31.46 -1.65
N LEU B 8 -29.30 -30.15 -1.61
CA LEU B 8 -29.46 -29.35 -2.84
C LEU B 8 -28.09 -29.19 -3.48
N LYS B 9 -28.07 -29.27 -4.80
CA LYS B 9 -26.83 -29.16 -5.55
C LYS B 9 -26.93 -27.83 -6.25
N ALA B 10 -25.84 -27.06 -6.19
CA ALA B 10 -25.89 -25.72 -6.77
C ALA B 10 -24.76 -25.52 -7.80
N ALA B 11 -25.10 -24.74 -8.82
CA ALA B 11 -24.17 -24.35 -9.83
C ALA B 11 -23.69 -22.93 -9.47
N ILE B 12 -22.39 -22.69 -9.64
CA ILE B 12 -21.79 -21.38 -9.42
C ILE B 12 -21.22 -20.88 -10.73
N LEU B 13 -21.89 -19.90 -11.32
CA LEU B 13 -21.37 -19.17 -12.48
C LEU B 13 -20.20 -18.28 -12.06
N GLY B 14 -19.24 -18.08 -12.98
CA GLY B 14 -18.01 -17.32 -12.69
C GLY B 14 -17.34 -17.82 -11.42
N ALA B 15 -17.27 -19.15 -11.24
CA ALA B 15 -16.80 -19.78 -9.99
C ALA B 15 -15.36 -19.40 -9.55
N THR B 16 -14.50 -19.09 -10.52
CA THR B 16 -13.11 -18.68 -10.26
C THR B 16 -12.95 -17.24 -9.74
N GLY B 17 -14.03 -16.46 -9.87
CA GLY B 17 -13.98 -15.05 -9.58
C GLY B 17 -14.03 -14.72 -8.10
N LEU B 18 -13.85 -13.44 -7.82
CA LEU B 18 -13.78 -12.93 -6.46
C LEU B 18 -15.00 -13.17 -5.59
N VAL B 19 -16.20 -13.15 -6.22
CA VAL B 19 -17.46 -13.49 -5.58
C VAL B 19 -17.71 -15.03 -5.62
N GLY B 20 -17.39 -15.69 -6.74
CA GLY B 20 -17.57 -17.16 -6.87
C GLY B 20 -16.79 -17.95 -5.83
N ILE B 21 -15.59 -17.47 -5.53
CA ILE B 21 -14.81 -18.04 -4.43
C ILE B 21 -15.49 -17.99 -3.06
N GLU B 22 -16.30 -16.95 -2.80
CA GLU B 22 -17.10 -16.94 -1.58
C GLU B 22 -18.24 -17.94 -1.58
N TYR B 23 -18.90 -18.15 -2.72
CA TYR B 23 -19.84 -19.27 -2.82
C TYR B 23 -19.13 -20.61 -2.56
N VAL B 24 -17.91 -20.76 -3.11
CA VAL B 24 -17.15 -21.99 -2.96
C VAL B 24 -16.71 -22.23 -1.52
N ARG B 25 -16.25 -21.17 -0.87
CA ARG B 25 -15.88 -21.21 0.54
C ARG B 25 -17.04 -21.52 1.48
N MET B 26 -18.10 -20.72 1.38
CA MET B 26 -19.26 -20.85 2.28
C MET B 26 -20.14 -22.10 2.05
N LEU B 27 -20.36 -22.49 0.80
CA LEU B 27 -21.26 -23.62 0.50
C LEU B 27 -20.59 -24.93 0.79
N SER B 28 -19.26 -24.87 0.90
CA SER B 28 -18.44 -25.99 1.33
C SER B 28 -18.76 -26.33 2.80
N ASN B 29 -19.30 -25.38 3.55
CA ASN B 29 -19.61 -25.64 4.96
C ASN B 29 -21.10 -25.68 5.24
N HIS B 30 -21.88 -25.46 4.18
CA HIS B 30 -23.32 -25.37 4.28
C HIS B 30 -24.02 -26.73 4.51
N PRO B 31 -25.05 -26.72 5.36
CA PRO B 31 -25.71 -27.99 5.75
C PRO B 31 -26.56 -28.70 4.69
N TYR B 32 -27.05 -27.98 3.68
CA TYR B 32 -27.83 -28.63 2.62
C TYR B 32 -27.71 -28.07 1.21
N ILE B 33 -26.89 -27.04 1.01
CA ILE B 33 -26.62 -26.59 -0.34
C ILE B 33 -25.15 -26.86 -0.67
N LYS B 34 -24.94 -27.74 -1.63
CA LYS B 34 -23.61 -28.16 -2.03
C LYS B 34 -23.16 -27.44 -3.29
N PRO B 35 -21.89 -27.08 -3.37
CA PRO B 35 -21.32 -26.62 -4.64
C PRO B 35 -20.94 -27.83 -5.51
N ALA B 36 -21.76 -28.12 -6.51
CA ALA B 36 -21.60 -29.30 -7.34
C ALA B 36 -21.24 -29.02 -8.81
N TYR B 37 -21.29 -27.76 -9.23
CA TYR B 37 -21.00 -27.39 -10.63
C TYR B 37 -20.36 -26.01 -10.71
N LEU B 38 -19.06 -26.01 -11.02
CA LEU B 38 -18.26 -24.80 -11.14
C LEU B 38 -18.16 -24.43 -12.60
N ALA B 39 -18.92 -23.41 -13.00
CA ALA B 39 -19.02 -22.98 -14.39
C ALA B 39 -18.10 -21.81 -14.73
N GLY B 40 -17.40 -21.92 -15.86
CA GLY B 40 -16.51 -20.85 -16.36
C GLY B 40 -16.52 -20.81 -17.88
N LYS B 41 -15.55 -20.11 -18.46
CA LYS B 41 -15.39 -20.10 -19.91
C LYS B 41 -13.94 -20.43 -20.25
N GLY B 42 -13.04 -19.48 -19.95
CA GLY B 42 -11.60 -19.57 -20.21
C GLY B 42 -10.87 -20.78 -19.69
N SER B 43 -11.23 -21.25 -18.49
CA SER B 43 -10.51 -22.34 -17.81
C SER B 43 -11.30 -23.67 -17.73
N VAL B 44 -12.34 -23.79 -18.56
CA VAL B 44 -13.17 -25.01 -18.63
C VAL B 44 -12.31 -26.23 -18.92
N GLY B 45 -12.51 -27.30 -18.15
CA GLY B 45 -11.70 -28.50 -18.26
C GLY B 45 -10.69 -28.66 -17.15
N LYS B 46 -10.05 -27.55 -16.76
CA LYS B 46 -8.98 -27.56 -15.76
C LYS B 46 -9.51 -27.78 -14.33
N PRO B 47 -8.65 -28.21 -13.41
CA PRO B 47 -9.05 -28.31 -12.01
C PRO B 47 -9.17 -26.94 -11.32
N TYR B 48 -10.25 -26.77 -10.55
CA TYR B 48 -10.52 -25.52 -9.86
C TYR B 48 -9.28 -24.97 -9.12
N GLY B 49 -8.67 -25.79 -8.27
CA GLY B 49 -7.46 -25.43 -7.51
C GLY B 49 -6.23 -24.95 -8.28
N GLU B 50 -6.10 -25.41 -9.54
CA GLU B 50 -4.95 -25.05 -10.39
C GLU B 50 -5.02 -23.64 -10.97
N VAL B 51 -6.24 -23.14 -11.20
CA VAL B 51 -6.46 -21.84 -11.86
C VAL B 51 -6.95 -20.75 -10.92
N VAL B 52 -7.88 -21.07 -10.02
CA VAL B 52 -8.51 -20.05 -9.13
C VAL B 52 -7.52 -19.16 -8.36
N ARG B 53 -7.81 -17.88 -8.30
CA ARG B 53 -7.10 -17.01 -7.41
C ARG B 53 -7.86 -16.94 -6.08
N TRP B 54 -7.33 -17.65 -5.07
CA TRP B 54 -8.00 -17.81 -3.80
C TRP B 54 -7.75 -16.57 -2.92
N GLN B 55 -8.30 -15.43 -3.36
CA GLN B 55 -8.16 -14.16 -2.61
C GLN B 55 -9.19 -14.05 -1.48
N THR B 56 -9.19 -15.00 -0.56
CA THR B 56 -10.06 -14.93 0.62
C THR B 56 -9.38 -15.73 1.74
N VAL B 57 -10.10 -15.96 2.84
CA VAL B 57 -9.57 -16.60 4.04
C VAL B 57 -9.38 -18.11 3.77
N GLY B 58 -8.41 -18.72 4.43
CA GLY B 58 -8.18 -20.17 4.31
C GLY B 58 -7.62 -20.58 2.95
N GLN B 59 -7.92 -21.82 2.55
CA GLN B 59 -7.49 -22.34 1.26
C GLN B 59 -8.68 -22.95 0.52
N VAL B 60 -8.50 -23.24 -0.75
CA VAL B 60 -9.55 -23.90 -1.52
C VAL B 60 -9.96 -25.13 -0.70
N PRO B 61 -11.27 -25.38 -0.53
CA PRO B 61 -11.68 -26.59 0.18
C PRO B 61 -11.12 -27.83 -0.48
N LYS B 62 -10.61 -28.75 0.35
CA LYS B 62 -10.10 -30.04 -0.13
C LYS B 62 -10.90 -30.70 -1.25
N GLU B 63 -12.21 -30.75 -1.08
CA GLU B 63 -13.11 -31.56 -1.92
C GLU B 63 -13.59 -30.84 -3.20
N ILE B 64 -13.28 -29.54 -3.28
CA ILE B 64 -13.59 -28.69 -4.43
C ILE B 64 -12.38 -28.57 -5.38
N ALA B 65 -11.18 -28.68 -4.82
CA ALA B 65 -9.94 -28.38 -5.55
C ALA B 65 -9.72 -29.18 -6.83
N ASP B 66 -10.11 -30.46 -6.82
CA ASP B 66 -9.94 -31.30 -8.00
C ASP B 66 -11.20 -31.42 -8.88
N MET B 67 -12.24 -30.66 -8.54
CA MET B 67 -13.38 -30.47 -9.44
C MET B 67 -12.96 -29.69 -10.69
N GLU B 68 -13.39 -30.18 -11.85
CA GLU B 68 -13.13 -29.51 -13.12
C GLU B 68 -14.08 -28.33 -13.30
N ILE B 69 -13.57 -27.29 -13.94
CA ILE B 69 -14.39 -26.16 -14.36
C ILE B 69 -15.13 -26.61 -15.61
N LYS B 70 -16.44 -26.42 -15.58
CA LYS B 70 -17.31 -26.93 -16.64
C LYS B 70 -17.89 -25.75 -17.43
N PRO B 71 -18.46 -26.00 -18.62
CA PRO B 71 -19.06 -24.91 -19.41
C PRO B 71 -20.37 -24.33 -18.81
N THR B 72 -20.63 -23.05 -19.08
CA THR B 72 -21.81 -22.37 -18.53
C THR B 72 -23.00 -22.49 -19.50
N ASP B 73 -23.71 -23.60 -19.39
CA ASP B 73 -24.78 -23.92 -20.34
C ASP B 73 -25.87 -24.74 -19.64
N PRO B 74 -27.08 -24.17 -19.63
CA PRO B 74 -28.23 -24.74 -18.94
C PRO B 74 -28.71 -26.10 -19.45
N LYS B 75 -28.01 -26.70 -20.41
CA LYS B 75 -28.38 -28.05 -20.86
C LYS B 75 -27.44 -29.17 -20.33
N LEU B 76 -26.45 -28.79 -19.52
CA LEU B 76 -25.46 -29.73 -18.97
C LEU B 76 -25.57 -29.94 -17.45
N MET B 77 -26.66 -29.35 -16.88
CA MET B 77 -26.83 -29.32 -15.42
C MET B 77 -28.09 -30.05 -14.94
N ASP B 78 -28.23 -31.34 -15.26
CA ASP B 78 -29.36 -32.13 -14.75
C ASP B 78 -29.28 -32.25 -13.23
N ASP B 79 -28.17 -32.81 -12.76
CA ASP B 79 -27.80 -32.85 -11.35
C ASP B 79 -28.05 -31.55 -10.53
N VAL B 80 -28.27 -30.39 -11.18
CA VAL B 80 -28.30 -29.05 -10.50
C VAL B 80 -29.69 -28.49 -10.09
N ASP B 81 -29.80 -28.00 -8.85
CA ASP B 81 -31.03 -27.42 -8.30
C ASP B 81 -31.05 -25.88 -8.17
N ILE B 82 -29.88 -25.24 -8.13
CA ILE B 82 -29.84 -23.77 -8.01
C ILE B 82 -28.74 -23.17 -8.86
N ILE B 83 -29.03 -22.00 -9.43
CA ILE B 83 -28.01 -21.16 -10.05
C ILE B 83 -27.66 -19.96 -9.18
N PHE B 84 -26.37 -19.80 -8.89
CA PHE B 84 -25.84 -18.58 -8.34
C PHE B 84 -25.04 -17.91 -9.43
N SER B 85 -25.42 -16.68 -9.78
CA SER B 85 -24.81 -16.00 -10.89
C SER B 85 -24.23 -14.64 -10.47
N PRO B 86 -22.91 -14.61 -10.26
CA PRO B 86 -22.18 -13.35 -10.08
C PRO B 86 -21.40 -13.05 -11.35
N LEU B 87 -22.12 -12.70 -12.41
CA LEU B 87 -21.52 -12.53 -13.70
C LEU B 87 -21.47 -11.05 -14.01
N PRO B 88 -20.54 -10.65 -14.88
CA PRO B 88 -20.43 -9.22 -15.22
C PRO B 88 -21.65 -8.68 -15.99
N GLN B 89 -21.91 -7.40 -15.80
CA GLN B 89 -22.96 -6.64 -16.46
C GLN B 89 -22.89 -6.69 -18.01
N GLY B 90 -24.04 -6.68 -18.67
CA GLY B 90 -24.10 -6.84 -20.12
C GLY B 90 -24.12 -8.32 -20.51
N ALA B 91 -23.17 -9.08 -19.96
CA ALA B 91 -23.11 -10.53 -20.16
C ALA B 91 -24.23 -11.28 -19.41
N ALA B 92 -24.45 -10.90 -18.16
CA ALA B 92 -25.31 -11.64 -17.24
C ALA B 92 -26.83 -11.60 -17.55
N GLY B 93 -27.32 -10.45 -18.02
CA GLY B 93 -28.73 -10.27 -18.40
C GLY B 93 -29.36 -11.34 -19.29
N PRO B 94 -28.74 -11.64 -20.43
CA PRO B 94 -29.27 -12.71 -21.32
C PRO B 94 -28.98 -14.13 -20.83
N VAL B 95 -27.83 -14.37 -20.20
CA VAL B 95 -27.50 -15.68 -19.62
C VAL B 95 -28.54 -16.13 -18.59
N GLU B 96 -28.80 -15.28 -17.58
CA GLU B 96 -29.67 -15.63 -16.47
C GLU B 96 -31.10 -15.91 -16.95
N GLU B 97 -31.54 -15.15 -17.94
CA GLU B 97 -32.80 -15.42 -18.61
C GLU B 97 -32.84 -16.84 -19.21
N GLN B 98 -31.74 -17.27 -19.84
CA GLN B 98 -31.66 -18.64 -20.39
C GLN B 98 -31.88 -19.71 -19.32
N PHE B 99 -31.34 -19.47 -18.12
CA PHE B 99 -31.40 -20.49 -17.07
C PHE B 99 -32.80 -20.61 -16.46
N ALA B 100 -33.42 -19.47 -16.16
CA ALA B 100 -34.83 -19.48 -15.71
C ALA B 100 -35.79 -20.02 -16.79
N LYS B 101 -35.44 -19.79 -18.07
CA LYS B 101 -36.20 -20.31 -19.19
C LYS B 101 -35.72 -21.74 -19.50
N GLU B 102 -35.12 -22.39 -18.50
CA GLU B 102 -34.80 -23.82 -18.59
C GLU B 102 -35.30 -24.52 -17.31
N GLY B 103 -35.83 -23.73 -16.39
CA GLY B 103 -36.49 -24.33 -15.22
C GLY B 103 -35.78 -23.97 -13.93
N PHE B 104 -34.53 -23.49 -14.07
CA PHE B 104 -33.68 -23.23 -12.92
C PHE B 104 -34.10 -21.98 -12.14
N PRO B 105 -33.96 -22.07 -10.81
CA PRO B 105 -34.09 -20.89 -9.98
C PRO B 105 -32.71 -20.18 -9.86
N VAL B 106 -32.68 -18.88 -10.18
CA VAL B 106 -31.45 -18.12 -10.34
C VAL B 106 -31.36 -17.01 -9.29
N ILE B 107 -30.33 -17.07 -8.46
CA ILE B 107 -29.98 -15.99 -7.54
C ILE B 107 -28.77 -15.26 -8.14
N SER B 108 -29.01 -14.02 -8.57
CA SER B 108 -28.05 -13.21 -9.33
C SER B 108 -27.47 -12.08 -8.50
N ASN B 109 -26.13 -11.91 -8.60
CA ASN B 109 -25.39 -10.78 -8.00
C ASN B 109 -25.05 -9.64 -8.96
N SER B 110 -25.50 -9.78 -10.19
CA SER B 110 -25.21 -8.84 -11.26
C SER B 110 -26.28 -7.75 -11.42
N PRO B 111 -25.89 -6.66 -12.06
CA PRO B 111 -26.74 -5.48 -12.12
C PRO B 111 -27.94 -5.62 -13.06
N ASP B 112 -27.85 -6.51 -14.05
CA ASP B 112 -28.75 -6.49 -15.21
C ASP B 112 -30.26 -6.46 -14.91
N HIS B 113 -30.73 -7.27 -13.96
CA HIS B 113 -32.18 -7.32 -13.69
C HIS B 113 -32.62 -6.62 -12.43
N ARG B 114 -31.73 -5.85 -11.83
CA ARG B 114 -32.07 -5.24 -10.57
C ARG B 114 -33.24 -4.26 -10.64
N PHE B 115 -33.55 -3.79 -11.85
CA PHE B 115 -34.60 -2.79 -12.01
C PHE B 115 -35.84 -3.21 -12.81
N ASP B 116 -35.92 -4.52 -13.10
CA ASP B 116 -37.16 -5.15 -13.54
C ASP B 116 -38.17 -5.09 -12.40
N PRO B 117 -39.37 -4.56 -12.66
CA PRO B 117 -40.40 -4.44 -11.62
C PRO B 117 -40.98 -5.79 -11.13
N ASP B 118 -40.61 -6.87 -11.80
CA ASP B 118 -41.06 -8.22 -11.42
C ASP B 118 -39.93 -9.10 -10.89
N VAL B 119 -38.73 -8.54 -10.81
CA VAL B 119 -37.56 -9.25 -10.26
C VAL B 119 -37.25 -8.72 -8.87
N PRO B 120 -37.31 -9.60 -7.88
CA PRO B 120 -36.95 -9.23 -6.51
C PRO B 120 -35.54 -8.76 -6.45
N LEU B 121 -35.33 -7.64 -5.76
CA LEU B 121 -34.02 -7.10 -5.48
C LEU B 121 -33.90 -7.20 -3.97
N LEU B 122 -33.26 -8.30 -3.55
CA LEU B 122 -33.47 -8.85 -2.24
C LEU B 122 -32.37 -8.64 -1.20
N VAL B 123 -32.77 -7.99 -0.10
CA VAL B 123 -32.06 -8.04 1.17
C VAL B 123 -33.01 -8.76 2.14
N PRO B 124 -32.72 -10.02 2.44
CA PRO B 124 -33.62 -10.86 3.21
C PRO B 124 -34.09 -10.27 4.55
N GLU B 125 -33.27 -9.43 5.19
CA GLU B 125 -33.67 -8.79 6.46
C GLU B 125 -34.64 -7.61 6.27
N LEU B 126 -34.70 -7.10 5.03
CA LEU B 126 -35.43 -5.87 4.75
C LEU B 126 -36.71 -6.04 3.96
N ASN B 127 -36.66 -6.78 2.86
CA ASN B 127 -37.83 -6.96 2.01
C ASN B 127 -38.04 -8.41 1.59
N PRO B 128 -38.09 -9.33 2.56
CA PRO B 128 -38.29 -10.75 2.23
C PRO B 128 -39.61 -11.06 1.51
N HIS B 129 -40.71 -10.38 1.86
CA HIS B 129 -42.00 -10.52 1.16
C HIS B 129 -41.96 -10.28 -0.36
N THR B 130 -41.01 -9.46 -0.81
CA THR B 130 -40.88 -9.16 -2.25
C THR B 130 -40.62 -10.40 -3.13
N ILE B 131 -40.22 -11.51 -2.50
CA ILE B 131 -40.04 -12.80 -3.20
C ILE B 131 -41.30 -13.28 -3.91
N SER B 132 -42.46 -12.75 -3.54
CA SER B 132 -43.72 -13.16 -4.17
C SER B 132 -43.89 -12.60 -5.59
N LEU B 133 -43.04 -11.64 -5.96
CA LEU B 133 -42.97 -11.14 -7.34
C LEU B 133 -42.64 -12.26 -8.32
N ILE B 134 -42.00 -13.33 -7.82
CA ILE B 134 -41.75 -14.53 -8.62
C ILE B 134 -43.03 -15.07 -9.27
N ASP B 135 -44.14 -15.07 -8.54
CA ASP B 135 -45.41 -15.59 -9.05
C ASP B 135 -45.82 -14.96 -10.38
N GLU B 136 -46.00 -13.64 -10.38
CA GLU B 136 -46.40 -12.92 -11.59
C GLU B 136 -45.22 -12.63 -12.55
N GLN B 137 -43.99 -12.86 -12.08
CA GLN B 137 -42.83 -12.90 -12.96
C GLN B 137 -42.88 -14.14 -13.85
N ARG B 138 -43.06 -15.31 -13.21
CA ARG B 138 -43.27 -16.57 -13.94
C ARG B 138 -44.40 -16.40 -14.95
N LYS B 139 -45.57 -15.95 -14.47
CA LYS B 139 -46.74 -15.70 -15.34
C LYS B 139 -46.35 -14.91 -16.59
N ARG B 140 -45.93 -13.66 -16.38
CA ARG B 140 -45.70 -12.70 -17.46
C ARG B 140 -44.45 -12.96 -18.33
N ARG B 141 -43.51 -13.76 -17.87
CA ARG B 141 -42.34 -14.12 -18.71
C ARG B 141 -42.52 -15.48 -19.37
N GLU B 142 -43.52 -16.24 -18.92
CA GLU B 142 -43.77 -17.58 -19.41
C GLU B 142 -42.50 -18.41 -19.36
N TRP B 143 -41.95 -18.57 -18.16
CA TRP B 143 -40.87 -19.50 -17.91
C TRP B 143 -41.00 -20.16 -16.52
N LYS B 144 -40.51 -21.46 -16.46
CA LYS B 144 -40.73 -22.25 -15.24
C LYS B 144 -39.85 -21.84 -14.05
N GLY B 145 -38.58 -21.47 -14.33
CA GLY B 145 -37.69 -21.00 -13.26
C GLY B 145 -38.01 -19.56 -12.84
N PHE B 146 -36.98 -18.85 -12.33
CA PHE B 146 -37.09 -17.42 -11.93
C PHE B 146 -35.75 -16.78 -11.66
N ILE B 147 -35.75 -15.44 -11.63
CA ILE B 147 -34.60 -14.66 -11.20
C ILE B 147 -34.89 -13.84 -9.90
N VAL B 148 -33.93 -13.90 -8.99
CA VAL B 148 -33.87 -13.05 -7.83
C VAL B 148 -32.48 -12.42 -7.91
N THR B 149 -32.40 -11.12 -7.63
CA THR B 149 -31.10 -10.43 -7.57
C THR B 149 -30.87 -9.85 -6.20
N THR B 150 -29.61 -9.78 -5.80
CA THR B 150 -29.21 -9.02 -4.64
C THR B 150 -28.64 -7.67 -5.10
N PRO B 151 -28.56 -6.70 -4.19
CA PRO B 151 -28.08 -5.35 -4.54
C PRO B 151 -26.56 -5.21 -4.58
N LEU B 152 -26.12 -4.20 -5.33
CA LEU B 152 -24.80 -3.71 -5.31
C LEU B 152 -24.39 -3.67 -3.83
N CYS B 153 -23.21 -4.23 -3.55
CA CYS B 153 -22.63 -4.24 -2.19
C CYS B 153 -22.60 -2.86 -1.54
N THR B 154 -22.27 -1.83 -2.32
CA THR B 154 -22.12 -0.51 -1.74
C THR B 154 -23.47 -0.06 -1.23
N ALA B 155 -24.51 -0.43 -1.97
CA ALA B 155 -25.88 -0.03 -1.66
C ALA B 155 -26.37 -0.77 -0.45
N GLN B 156 -26.02 -2.06 -0.33
CA GLN B 156 -26.32 -2.84 0.89
C GLN B 156 -25.67 -2.23 2.14
N GLY B 157 -24.46 -1.69 2.03
CA GLY B 157 -23.77 -1.13 3.19
C GLY B 157 -24.48 0.09 3.77
N ALA B 158 -25.19 0.83 2.91
CA ALA B 158 -26.04 1.94 3.35
C ALA B 158 -27.48 1.55 3.64
N ALA B 159 -28.08 0.73 2.77
CA ALA B 159 -29.49 0.43 2.94
C ALA B 159 -29.81 -0.46 4.14
N ILE B 160 -28.85 -1.25 4.62
CA ILE B 160 -29.21 -2.11 5.76
C ILE B 160 -29.42 -1.27 7.03
N PRO B 161 -28.45 -0.46 7.42
CA PRO B 161 -28.74 0.51 8.50
C PRO B 161 -29.84 1.52 8.16
N LEU B 162 -29.80 2.15 6.98
CA LEU B 162 -30.88 3.12 6.61
C LEU B 162 -32.28 2.55 6.58
N GLY B 163 -32.40 1.29 6.16
CA GLY B 163 -33.68 0.59 6.20
C GLY B 163 -34.17 0.37 7.62
N ALA B 164 -33.28 -0.06 8.52
CA ALA B 164 -33.67 -0.23 9.92
C ALA B 164 -34.08 1.12 10.53
N ILE B 165 -33.38 2.19 10.12
CA ILE B 165 -33.73 3.53 10.53
C ILE B 165 -35.08 3.98 9.94
N PHE B 166 -35.24 3.80 8.62
CA PHE B 166 -36.41 4.30 7.86
C PHE B 166 -37.70 3.68 8.30
N LYS B 167 -37.62 2.40 8.66
CA LYS B 167 -38.78 1.66 9.14
C LYS B 167 -39.39 2.32 10.41
N ASP B 168 -38.55 2.95 11.24
CA ASP B 168 -38.93 3.39 12.58
C ASP B 168 -38.76 4.87 12.88
N TYR B 169 -38.20 5.61 11.93
CA TYR B 169 -37.90 7.04 12.14
C TYR B 169 -38.29 7.86 10.91
N LYS B 170 -38.60 9.14 11.16
CA LYS B 170 -38.89 10.11 10.08
C LYS B 170 -37.66 10.61 9.33
N MET B 171 -36.91 9.67 8.76
CA MET B 171 -35.66 10.00 8.06
C MET B 171 -35.96 10.76 6.75
N ASP B 172 -35.34 11.93 6.53
CA ASP B 172 -35.64 12.67 5.31
C ASP B 172 -34.44 12.76 4.39
N GLY B 173 -33.32 12.23 4.86
CA GLY B 173 -32.07 12.43 4.15
C GLY B 173 -30.98 11.53 4.62
N ALA B 174 -30.16 11.09 3.68
CA ALA B 174 -28.93 10.40 3.99
C ALA B 174 -27.82 10.83 3.00
N PHE B 175 -26.70 11.27 3.54
CA PHE B 175 -25.57 11.83 2.77
C PHE B 175 -24.30 11.06 3.08
N ILE B 176 -23.91 10.29 2.06
CA ILE B 176 -22.97 9.17 2.19
C ILE B 176 -21.63 9.37 1.49
N THR B 177 -20.56 9.01 2.19
CA THR B 177 -19.26 8.92 1.56
C THR B 177 -18.77 7.50 1.69
N THR B 178 -18.33 6.87 0.58
CA THR B 178 -17.90 5.50 0.69
C THR B 178 -16.41 5.41 0.40
N ILE B 179 -15.79 4.36 0.95
CA ILE B 179 -14.38 4.15 0.79
C ILE B 179 -14.29 2.65 0.64
N GLN B 180 -14.32 2.24 -0.64
CA GLN B 180 -14.53 0.85 -1.00
C GLN B 180 -13.25 0.09 -1.33
N SER B 181 -13.33 -1.22 -1.20
CA SER B 181 -12.19 -2.06 -1.40
C SER B 181 -12.06 -2.42 -2.87
N LEU B 182 -10.94 -3.04 -3.20
CA LEU B 182 -10.61 -3.42 -4.58
C LEU B 182 -11.40 -4.59 -5.12
N SER B 183 -11.73 -5.55 -4.25
CA SER B 183 -12.31 -6.80 -4.66
C SER B 183 -13.65 -6.58 -5.41
N GLY B 184 -14.39 -5.55 -5.00
CA GLY B 184 -15.61 -5.09 -5.67
C GLY B 184 -15.49 -4.82 -7.17
N ALA B 185 -14.30 -4.50 -7.65
CA ALA B 185 -14.08 -4.29 -9.10
C ALA B 185 -13.72 -5.56 -9.83
N GLY B 186 -13.52 -6.62 -9.07
CA GLY B 186 -13.22 -7.91 -9.69
C GLY B 186 -11.76 -7.95 -10.10
N TYR B 187 -11.40 -8.92 -10.94
CA TYR B 187 -10.03 -9.07 -11.36
C TYR B 187 -9.99 -9.19 -12.90
N PRO B 188 -9.12 -8.47 -13.63
CA PRO B 188 -8.03 -7.58 -13.21
C PRO B 188 -8.48 -6.30 -12.51
N GLY B 189 -9.74 -5.88 -12.70
CA GLY B 189 -10.35 -4.78 -11.94
C GLY B 189 -9.52 -3.51 -11.97
N ILE B 190 -9.25 -2.97 -10.77
CA ILE B 190 -8.58 -1.67 -10.60
C ILE B 190 -7.07 -1.82 -10.83
N PRO B 191 -6.52 -1.06 -11.80
CA PRO B 191 -5.06 -1.06 -12.01
C PRO B 191 -4.36 -0.60 -10.74
N SER B 192 -3.20 -1.20 -10.41
CA SER B 192 -2.45 -0.81 -9.23
C SER B 192 -2.07 0.66 -9.18
N LEU B 193 -1.69 1.21 -10.32
CA LEU B 193 -1.31 2.65 -10.30
C LEU B 193 -2.43 3.61 -9.93
N ASP B 194 -3.70 3.19 -10.04
CA ASP B 194 -4.82 4.01 -9.61
C ASP B 194 -4.97 4.15 -8.09
N VAL B 195 -4.35 3.27 -7.30
CA VAL B 195 -4.63 3.30 -5.84
C VAL B 195 -3.43 3.30 -4.95
N VAL B 196 -2.24 3.14 -5.52
CA VAL B 196 -1.02 3.35 -4.71
C VAL B 196 -0.82 4.85 -4.42
N ASP B 197 -0.77 5.26 -3.15
CA ASP B 197 -0.65 6.68 -2.78
C ASP B 197 -1.70 7.59 -3.50
N ASN B 198 -2.94 7.13 -3.56
CA ASN B 198 -4.01 7.84 -4.28
C ASN B 198 -5.35 7.40 -3.72
N ILE B 199 -6.38 8.23 -4.00
CA ILE B 199 -7.75 7.85 -3.78
C ILE B 199 -8.42 7.92 -5.13
N LEU B 200 -9.14 6.85 -5.50
CA LEU B 200 -9.86 6.81 -6.77
C LEU B 200 -11.40 7.02 -6.64
N PRO B 201 -11.90 8.20 -7.01
CA PRO B 201 -13.37 8.43 -7.17
C PRO B 201 -13.99 7.57 -8.27
N LEU B 202 -15.19 7.03 -8.03
CA LEU B 202 -15.79 6.16 -9.04
C LEU B 202 -16.62 6.94 -10.03
N GLY B 203 -17.00 8.16 -9.66
CA GLY B 203 -17.70 9.07 -10.60
C GLY B 203 -19.19 9.20 -10.39
N ASP B 204 -19.82 10.03 -11.22
CA ASP B 204 -21.26 10.34 -11.11
C ASP B 204 -22.16 9.16 -11.39
N GLY B 205 -21.83 8.37 -12.41
CA GLY B 205 -22.63 7.17 -12.75
C GLY B 205 -22.61 6.19 -11.59
N TYR B 206 -21.46 5.99 -10.96
CA TYR B 206 -21.43 5.07 -9.83
C TYR B 206 -22.24 5.65 -8.64
N ASP B 207 -22.03 6.93 -8.34
CA ASP B 207 -22.78 7.59 -7.23
C ASP B 207 -24.30 7.43 -7.49
N ALA B 208 -24.75 7.71 -8.71
CA ALA B 208 -26.19 7.65 -9.04
C ALA B 208 -26.76 6.22 -8.99
N LYS B 209 -25.98 5.23 -9.44
CA LYS B 209 -26.51 3.87 -9.34
C LYS B 209 -26.60 3.36 -7.88
N THR B 210 -25.70 3.80 -7.00
CA THR B 210 -25.76 3.41 -5.59
C THR B 210 -27.12 3.89 -4.99
N ILE B 211 -27.39 5.18 -5.14
CA ILE B 211 -28.62 5.85 -4.66
C ILE B 211 -29.91 5.25 -5.25
N LYS B 212 -29.89 4.89 -6.53
CA LYS B 212 -31.07 4.32 -7.15
C LYS B 212 -31.48 2.97 -6.52
N GLU B 213 -30.47 2.17 -6.21
CA GLU B 213 -30.68 0.87 -5.56
C GLU B 213 -31.18 1.01 -4.13
N ILE B 214 -30.53 1.87 -3.34
CA ILE B 214 -31.03 2.16 -1.98
C ILE B 214 -32.51 2.55 -2.03
N PHE B 215 -32.85 3.44 -2.97
CA PHE B 215 -34.23 3.91 -3.12
C PHE B 215 -35.20 2.76 -3.42
N ARG B 216 -34.80 1.84 -4.31
CA ARG B 216 -35.66 0.68 -4.58
C ARG B 216 -35.84 -0.07 -3.26
N ILE B 217 -34.75 -0.40 -2.60
CA ILE B 217 -34.83 -1.17 -1.39
C ILE B 217 -35.71 -0.48 -0.37
N LEU B 218 -35.49 0.81 -0.13
CA LEU B 218 -36.24 1.57 0.89
C LEU B 218 -37.72 1.60 0.59
N SER B 219 -38.06 1.68 -0.70
CA SER B 219 -39.44 1.67 -1.15
C SER B 219 -40.12 0.36 -0.79
N GLU B 220 -39.33 -0.68 -0.52
CA GLU B 220 -39.92 -2.00 -0.33
C GLU B 220 -39.96 -2.43 1.13
N VAL B 221 -39.54 -1.52 2.02
CA VAL B 221 -39.49 -1.76 3.46
C VAL B 221 -40.86 -1.49 4.09
N LYS B 222 -41.39 -2.49 4.78
CA LYS B 222 -42.59 -2.30 5.57
C LYS B 222 -42.26 -1.42 6.76
N ARG B 223 -42.87 -0.23 6.83
CA ARG B 223 -42.54 0.78 7.86
C ARG B 223 -43.49 0.78 9.05
N ASN B 224 -43.07 1.35 10.17
CA ASN B 224 -43.99 1.54 11.31
C ASN B 224 -44.46 2.99 11.40
N VAL B 225 -43.77 3.86 10.67
CA VAL B 225 -44.14 5.26 10.55
C VAL B 225 -44.41 5.49 9.07
N ASP B 226 -45.01 6.62 8.71
CA ASP B 226 -45.34 6.89 7.31
C ASP B 226 -44.90 8.27 6.85
N GLU B 227 -44.01 8.88 7.63
CA GLU B 227 -43.56 10.24 7.39
C GLU B 227 -42.05 10.27 7.45
N PRO B 228 -41.37 10.94 6.49
CA PRO B 228 -41.90 11.46 5.21
C PRO B 228 -42.17 10.31 4.21
N LYS B 229 -42.81 10.61 3.09
CA LYS B 229 -42.93 9.62 1.99
C LYS B 229 -41.59 9.42 1.27
N LEU B 230 -41.37 8.25 0.69
CA LEU B 230 -40.05 7.99 0.11
C LEU B 230 -39.62 9.04 -0.94
N GLU B 231 -40.60 9.51 -1.71
CA GLU B 231 -40.40 10.50 -2.79
C GLU B 231 -39.82 11.81 -2.31
N ASP B 232 -40.01 12.14 -1.04
CA ASP B 232 -39.40 13.35 -0.46
C ASP B 232 -38.06 13.12 0.29
N VAL B 233 -37.57 11.89 0.29
CA VAL B 233 -36.28 11.55 0.90
C VAL B 233 -35.12 11.88 -0.04
N SER B 234 -34.16 12.60 0.51
CA SER B 234 -33.01 13.09 -0.22
C SER B 234 -31.81 12.21 0.06
N LEU B 235 -31.30 11.53 -0.98
CA LEU B 235 -30.15 10.67 -0.86
C LEU B 235 -28.97 11.13 -1.75
N ALA B 236 -27.74 11.04 -1.26
CA ALA B 236 -26.57 11.37 -2.06
C ALA B 236 -25.46 10.44 -1.70
N ALA B 237 -24.66 10.10 -2.70
CA ALA B 237 -23.45 9.33 -2.41
C ALA B 237 -22.25 9.89 -3.14
N THR B 238 -21.07 9.77 -2.50
CA THR B 238 -19.80 10.08 -3.13
C THR B 238 -18.89 8.90 -2.84
N THR B 239 -18.54 8.20 -3.91
CA THR B 239 -17.99 6.87 -3.83
C THR B 239 -16.55 6.85 -4.34
N HIS B 240 -15.71 6.05 -3.67
CA HIS B 240 -14.30 5.94 -3.97
C HIS B 240 -13.84 4.52 -3.75
N ARG B 241 -12.66 4.20 -4.33
CA ARG B 241 -11.90 2.99 -3.98
C ARG B 241 -10.53 3.38 -3.48
N ILE B 242 -10.04 2.58 -2.54
CA ILE B 242 -8.70 2.64 -2.11
C ILE B 242 -8.09 1.21 -2.10
N ALA B 243 -6.84 1.12 -1.68
CA ALA B 243 -6.09 -0.14 -1.70
C ALA B 243 -6.40 -1.12 -0.53
N THR B 244 -7.67 -1.43 -0.30
CA THR B 244 -8.02 -2.43 0.72
C THR B 244 -8.50 -3.62 -0.09
N ILE B 245 -8.38 -4.83 0.44
CA ILE B 245 -8.78 -6.00 -0.33
C ILE B 245 -10.28 -6.25 -0.22
N HIS B 246 -10.84 -6.28 1.00
CA HIS B 246 -12.28 -6.53 1.20
C HIS B 246 -12.77 -5.55 2.24
N GLY B 247 -14.06 -5.24 2.20
CA GLY B 247 -14.69 -4.35 3.13
C GLY B 247 -14.91 -2.99 2.51
N HIS B 248 -16.18 -2.54 2.42
CA HIS B 248 -16.57 -1.24 1.95
C HIS B 248 -16.94 -0.46 3.23
N TYR B 249 -16.31 0.69 3.42
CA TYR B 249 -16.50 1.49 4.64
C TYR B 249 -17.29 2.74 4.21
N GLU B 250 -18.37 3.07 4.93
CA GLU B 250 -19.22 4.20 4.53
C GLU B 250 -19.51 5.12 5.73
N VAL B 251 -19.53 6.42 5.48
CA VAL B 251 -19.85 7.41 6.50
C VAL B 251 -21.17 8.00 6.12
N LEU B 252 -22.12 7.98 7.04
CA LEU B 252 -23.47 8.44 6.75
C LEU B 252 -23.87 9.54 7.70
N TYR B 253 -24.21 10.67 7.12
CA TYR B 253 -24.96 11.71 7.80
C TYR B 253 -26.47 11.59 7.46
N VAL B 254 -27.26 11.38 8.49
CA VAL B 254 -28.63 11.05 8.33
C VAL B 254 -29.48 12.14 8.97
N SER B 255 -30.41 12.69 8.19
CA SER B 255 -31.33 13.69 8.73
C SER B 255 -32.75 13.19 8.92
N PHE B 256 -33.46 13.90 9.78
CA PHE B 256 -34.79 13.59 10.16
C PHE B 256 -35.66 14.81 10.09
N LYS B 257 -36.93 14.56 9.83
CA LYS B 257 -37.94 15.59 9.76
C LYS B 257 -38.24 16.22 11.14
N GLU B 258 -37.95 15.51 12.22
CA GLU B 258 -38.17 16.08 13.56
C GLU B 258 -37.10 15.61 14.52
N GLU B 259 -37.06 16.24 15.67
CA GLU B 259 -36.06 15.91 16.67
C GLU B 259 -35.95 14.39 16.88
N THR B 260 -34.72 13.88 16.79
CA THR B 260 -34.49 12.43 16.86
C THR B 260 -33.20 12.20 17.62
N ALA B 261 -33.23 11.42 18.69
CA ALA B 261 -32.01 11.16 19.49
C ALA B 261 -31.15 10.01 18.96
N ALA B 262 -29.84 10.25 18.91
CA ALA B 262 -28.88 9.26 18.44
C ALA B 262 -28.83 7.98 19.31
N GLU B 263 -29.15 8.12 20.60
CA GLU B 263 -29.18 6.95 21.49
C GLU B 263 -30.37 6.04 21.19
N LYS B 264 -31.48 6.61 20.71
CA LYS B 264 -32.66 5.81 20.32
C LYS B 264 -32.35 5.05 19.04
N VAL B 265 -31.81 5.77 18.05
CA VAL B 265 -31.44 5.15 16.80
C VAL B 265 -30.40 4.04 17.01
N LYS B 266 -29.45 4.30 17.91
CA LYS B 266 -28.47 3.30 18.28
C LYS B 266 -29.12 2.00 18.77
N GLU B 267 -30.13 2.13 19.62
CA GLU B 267 -30.88 0.99 20.17
C GLU B 267 -31.62 0.24 19.08
N THR B 268 -32.28 1.00 18.20
CA THR B 268 -32.95 0.43 17.03
C THR B 268 -31.96 -0.40 16.17
N LEU B 269 -30.75 0.12 15.93
CA LEU B 269 -29.79 -0.61 15.12
C LEU B 269 -29.25 -1.85 15.83
N GLU B 270 -28.93 -1.70 17.12
CA GLU B 270 -28.55 -2.81 17.99
C GLU B 270 -29.59 -3.92 17.89
N ASN B 271 -30.84 -3.56 18.10
CA ASN B 271 -31.92 -4.54 18.27
C ASN B 271 -32.46 -5.11 16.98
N PHE B 272 -31.92 -4.66 15.86
CA PHE B 272 -32.47 -4.99 14.56
C PHE B 272 -32.45 -6.49 14.22
N ARG B 273 -33.65 -7.05 14.00
CA ARG B 273 -33.81 -8.42 13.53
C ARG B 273 -34.79 -8.46 12.36
N GLY B 274 -34.72 -9.53 11.57
CA GLY B 274 -35.63 -9.73 10.44
C GLY B 274 -36.03 -11.19 10.33
N GLU B 275 -36.73 -11.51 9.24
CA GLU B 275 -37.34 -12.83 9.06
C GLU B 275 -36.29 -13.96 8.98
N PRO B 276 -35.17 -13.72 8.31
CA PRO B 276 -34.07 -14.68 8.34
C PRO B 276 -33.67 -15.09 9.77
N GLN B 277 -33.52 -14.14 10.68
CA GLN B 277 -33.22 -14.44 12.09
C GLN B 277 -34.35 -15.30 12.71
N ASP B 278 -35.59 -14.84 12.57
CA ASP B 278 -36.79 -15.51 13.08
C ASP B 278 -36.85 -17.00 12.69
N LEU B 279 -36.66 -17.26 11.40
CA LEU B 279 -36.67 -18.61 10.84
C LEU B 279 -35.42 -19.38 11.19
N LYS B 280 -34.38 -18.68 11.65
CA LYS B 280 -33.12 -19.32 11.99
C LYS B 280 -32.47 -19.98 10.75
N LEU B 281 -32.52 -19.28 9.63
CA LEU B 281 -31.84 -19.75 8.44
C LEU B 281 -30.33 -19.93 8.75
N PRO B 282 -29.73 -20.99 8.19
CA PRO B 282 -28.31 -21.30 8.46
C PRO B 282 -27.30 -20.14 8.24
N THR B 283 -27.51 -19.32 7.21
CA THR B 283 -26.55 -18.27 6.85
C THR B 283 -26.95 -16.88 7.42
N ALA B 284 -28.07 -16.87 8.16
CA ALA B 284 -28.54 -15.67 8.86
C ALA B 284 -27.72 -15.38 10.12
N PRO B 285 -27.09 -14.21 10.18
CA PRO B 285 -26.36 -13.86 11.41
C PRO B 285 -27.35 -13.61 12.57
N SER B 286 -26.90 -13.79 13.80
CA SER B 286 -27.68 -13.46 15.02
C SER B 286 -27.89 -11.95 15.10
N LYS B 287 -26.87 -11.23 14.67
CA LYS B 287 -26.85 -9.77 14.65
C LYS B 287 -26.54 -9.30 13.24
N PRO B 288 -27.56 -9.14 12.41
CA PRO B 288 -27.36 -8.60 11.05
C PRO B 288 -26.69 -7.20 11.05
N ILE B 289 -26.88 -6.43 12.12
CA ILE B 289 -26.13 -5.20 12.34
C ILE B 289 -25.41 -5.31 13.68
N ILE B 290 -24.10 -5.23 13.66
CA ILE B 290 -23.29 -5.22 14.89
C ILE B 290 -22.95 -3.76 15.21
N VAL B 291 -23.22 -3.31 16.44
CA VAL B 291 -22.96 -1.89 16.78
C VAL B 291 -21.76 -1.77 17.69
N MET B 292 -20.76 -1.04 17.23
CA MET B 292 -19.54 -0.82 18.01
C MET B 292 -19.54 0.53 18.73
N ASN B 293 -18.95 0.55 19.92
CA ASN B 293 -18.97 1.70 20.83
C ASN B 293 -17.67 2.50 20.89
N GLU B 294 -16.59 1.97 20.34
CA GLU B 294 -15.26 2.61 20.42
C GLU B 294 -15.15 3.67 19.32
N ASP B 295 -14.62 4.84 19.64
CA ASP B 295 -14.57 5.91 18.64
C ASP B 295 -13.53 5.70 17.53
N THR B 296 -12.75 4.59 17.56
CA THR B 296 -11.91 4.24 16.41
C THR B 296 -12.37 2.96 15.69
N ARG B 297 -13.61 2.57 15.88
CA ARG B 297 -14.12 1.33 15.27
C ARG B 297 -15.47 1.67 14.62
N PRO B 298 -15.88 0.92 13.57
CA PRO B 298 -15.18 -0.27 13.04
C PRO B 298 -13.93 0.06 12.24
N GLN B 299 -13.05 -0.91 12.11
CA GLN B 299 -11.92 -0.78 11.20
C GLN B 299 -11.97 -1.88 10.12
N VAL B 300 -11.76 -1.49 8.89
CA VAL B 300 -11.76 -2.46 7.78
C VAL B 300 -11.12 -3.76 8.15
N TYR B 301 -9.82 -3.72 8.51
CA TYR B 301 -9.04 -4.93 8.66
C TYR B 301 -9.66 -5.78 9.75
N PHE B 302 -10.06 -5.15 10.85
CA PHE B 302 -10.34 -5.92 12.06
C PHE B 302 -11.80 -6.34 12.23
N ASP B 303 -12.68 -5.71 11.46
CA ASP B 303 -14.15 -5.89 11.65
C ASP B 303 -14.87 -6.46 10.43
N ARG B 304 -14.21 -6.65 9.29
CA ARG B 304 -14.90 -7.09 8.08
C ARG B 304 -15.34 -8.56 8.18
N TRP B 305 -14.69 -9.31 9.07
CA TRP B 305 -14.98 -10.74 9.28
C TRP B 305 -15.62 -10.91 10.66
N ALA B 306 -16.37 -9.91 11.12
CA ALA B 306 -17.01 -9.98 12.45
C ALA B 306 -18.27 -10.85 12.38
N GLY B 307 -18.67 -11.35 13.56
CA GLY B 307 -20.00 -11.92 13.73
C GLY B 307 -19.96 -13.42 13.80
N ASP B 308 -21.05 -14.01 14.29
CA ASP B 308 -21.14 -15.47 14.37
C ASP B 308 -21.02 -16.16 12.99
N ILE B 309 -21.54 -15.51 11.93
CA ILE B 309 -21.27 -15.97 10.58
C ILE B 309 -20.41 -14.84 9.95
N PRO B 310 -19.10 -15.11 9.85
CA PRO B 310 -18.11 -14.12 9.53
C PRO B 310 -18.42 -13.41 8.20
N GLY B 311 -18.48 -12.08 8.23
CA GLY B 311 -18.74 -11.28 7.01
C GLY B 311 -20.22 -11.09 6.66
N MET B 312 -21.10 -11.75 7.41
CA MET B 312 -22.55 -11.60 7.22
C MET B 312 -23.22 -10.43 7.93
N SER B 313 -22.51 -9.80 8.87
CA SER B 313 -23.05 -8.68 9.60
C SER B 313 -22.50 -7.35 9.09
N VAL B 314 -23.38 -6.37 8.98
CA VAL B 314 -22.94 -4.99 8.74
C VAL B 314 -22.54 -4.46 10.07
N VAL B 315 -21.33 -3.91 10.15
CA VAL B 315 -20.84 -3.40 11.39
C VAL B 315 -20.96 -1.88 11.36
N VAL B 316 -21.63 -1.35 12.35
CA VAL B 316 -21.93 0.05 12.45
C VAL B 316 -21.17 0.61 13.64
N GLY B 317 -20.75 1.87 13.57
CA GLY B 317 -20.24 2.53 14.76
C GLY B 317 -20.32 4.05 14.68
N ARG B 318 -19.71 4.70 15.68
CA ARG B 318 -19.56 6.16 15.71
C ARG B 318 -20.90 6.90 15.78
N LEU B 319 -21.94 6.26 16.30
CA LEU B 319 -23.21 6.96 16.38
C LEU B 319 -23.04 8.22 17.23
N LYS B 320 -23.33 9.37 16.62
CA LYS B 320 -23.18 10.63 17.33
C LYS B 320 -24.29 11.61 16.92
N GLN B 321 -24.84 12.34 17.89
CA GLN B 321 -25.77 13.44 17.59
C GLN B 321 -25.02 14.54 16.90
N VAL B 322 -25.55 15.09 15.81
CA VAL B 322 -24.84 16.20 15.13
C VAL B 322 -25.55 17.53 15.48
N ASN B 323 -26.86 17.59 15.24
CA ASN B 323 -27.74 18.60 15.79
C ASN B 323 -29.02 17.85 16.11
N LYS B 324 -30.07 18.56 16.47
CA LYS B 324 -31.35 17.96 16.91
C LYS B 324 -31.99 17.01 15.88
N ARG B 325 -31.71 17.27 14.60
CA ARG B 325 -32.33 16.52 13.50
C ARG B 325 -31.32 15.82 12.58
N MET B 326 -30.10 15.61 13.08
CA MET B 326 -29.04 14.99 12.29
C MET B 326 -28.14 14.15 13.18
N ILE B 327 -27.80 12.95 12.68
CA ILE B 327 -26.89 12.01 13.35
C ILE B 327 -25.82 11.54 12.36
N ARG B 328 -24.64 11.18 12.89
CA ARG B 328 -23.61 10.63 12.10
C ARG B 328 -23.45 9.17 12.57
N LEU B 329 -23.23 8.29 11.59
CA LEU B 329 -22.81 6.91 11.82
C LEU B 329 -21.89 6.43 10.68
N VAL B 330 -21.12 5.38 10.94
CA VAL B 330 -20.28 4.74 9.89
C VAL B 330 -20.72 3.29 9.76
N SER B 331 -20.51 2.66 8.60
CA SER B 331 -20.86 1.26 8.50
C SER B 331 -19.84 0.56 7.66
N LEU B 332 -19.61 -0.71 7.96
CA LEU B 332 -18.69 -1.55 7.23
C LEU B 332 -19.41 -2.82 6.81
N ILE B 333 -19.35 -3.10 5.50
CA ILE B 333 -19.95 -4.28 4.94
C ILE B 333 -18.84 -5.12 4.27
N HIS B 334 -18.84 -6.44 4.48
CA HIS B 334 -17.94 -7.32 3.73
C HIS B 334 -18.52 -7.46 2.34
N ASN B 335 -17.90 -6.83 1.36
CA ASN B 335 -18.54 -6.69 0.03
C ASN B 335 -18.79 -7.99 -0.76
N THR B 336 -17.98 -9.02 -0.58
CA THR B 336 -18.15 -10.29 -1.34
C THR B 336 -18.94 -11.31 -0.52
N VAL B 337 -19.01 -11.06 0.81
CA VAL B 337 -19.80 -11.99 1.63
C VAL B 337 -21.22 -11.45 1.75
N ARG B 338 -21.56 -10.73 2.82
CA ARG B 338 -22.89 -10.15 2.90
C ARG B 338 -23.26 -9.39 1.61
N GLY B 339 -22.31 -8.61 1.04
CA GLY B 339 -22.61 -7.79 -0.15
C GLY B 339 -22.79 -8.58 -1.46
N ALA B 340 -22.54 -9.88 -1.46
CA ALA B 340 -22.81 -10.67 -2.67
C ALA B 340 -23.13 -12.12 -2.37
N ALA B 341 -22.09 -12.97 -2.27
CA ALA B 341 -22.30 -14.41 -2.18
C ALA B 341 -23.06 -14.84 -0.95
N GLY B 342 -22.81 -14.17 0.17
CA GLY B 342 -23.48 -14.49 1.44
C GLY B 342 -24.94 -14.10 1.51
N GLY B 343 -25.22 -12.85 1.12
CA GLY B 343 -26.61 -12.42 0.85
C GLY B 343 -27.34 -13.36 -0.12
N GLY B 344 -26.63 -13.82 -1.15
CA GLY B 344 -27.24 -14.74 -2.13
C GLY B 344 -27.61 -16.06 -1.49
N ILE B 345 -26.67 -16.62 -0.71
CA ILE B 345 -26.95 -17.90 -0.08
C ILE B 345 -28.11 -17.71 0.89
N LEU B 346 -28.13 -16.58 1.58
CA LEU B 346 -29.26 -16.24 2.43
C LEU B 346 -30.58 -16.16 1.64
N ALA B 347 -30.56 -15.54 0.46
CA ALA B 347 -31.70 -15.55 -0.45
C ALA B 347 -32.13 -16.97 -0.79
N ALA B 348 -31.17 -17.84 -1.08
CA ALA B 348 -31.46 -19.24 -1.39
C ALA B 348 -32.14 -19.96 -0.23
N GLU B 349 -31.69 -19.70 0.99
CA GLU B 349 -32.32 -20.33 2.16
C GLU B 349 -33.75 -19.84 2.43
N LEU B 350 -33.96 -18.52 2.31
CA LEU B 350 -35.30 -17.96 2.41
C LEU B 350 -36.28 -18.57 1.39
N LEU B 351 -35.84 -18.66 0.13
CA LEU B 351 -36.70 -19.09 -0.96
C LEU B 351 -37.11 -20.55 -0.82
N VAL B 352 -36.17 -21.37 -0.32
CA VAL B 352 -36.46 -22.78 0.03
C VAL B 352 -37.52 -22.82 1.12
N GLU B 353 -37.31 -22.01 2.16
CA GLU B 353 -38.20 -21.92 3.30
C GLU B 353 -39.64 -21.60 2.91
N LYS B 354 -39.79 -20.68 1.96
CA LYS B 354 -41.12 -20.29 1.49
C LYS B 354 -41.56 -21.17 0.33
N GLY B 355 -40.78 -22.20 0.03
CA GLY B 355 -41.17 -23.25 -0.93
C GLY B 355 -41.09 -22.86 -2.41
N TYR B 356 -40.18 -21.94 -2.74
CA TYR B 356 -39.91 -21.55 -4.12
C TYR B 356 -38.76 -22.39 -4.75
N ILE B 357 -37.97 -23.08 -3.92
CA ILE B 357 -36.87 -23.93 -4.41
C ILE B 357 -36.99 -25.42 -4.08
N GLU B 358 -37.11 -26.20 -5.16
CA GLU B 358 -36.99 -27.68 -5.23
C GLU B 358 -37.01 -28.56 -3.97
N LYS B 359 -35.85 -28.69 -3.33
CA LYS B 359 -35.51 -29.75 -2.34
C LYS B 359 -35.39 -31.15 -2.95
N ARG C 6 18.14 27.44 -32.46
CA ARG C 6 18.21 26.23 -33.31
C ARG C 6 17.92 24.96 -32.50
N THR C 7 16.87 24.24 -32.92
CA THR C 7 16.42 23.08 -32.18
C THR C 7 16.05 21.96 -33.13
N LEU C 8 15.91 20.75 -32.58
CA LEU C 8 15.41 19.58 -33.28
C LEU C 8 14.00 19.25 -32.79
N LYS C 9 13.17 18.78 -33.69
CA LYS C 9 11.79 18.53 -33.34
C LYS C 9 11.60 17.03 -33.17
N ALA C 10 11.19 16.62 -31.98
CA ALA C 10 10.94 15.20 -31.70
C ALA C 10 9.47 14.88 -31.73
N ALA C 11 9.15 13.73 -32.31
CA ALA C 11 7.85 13.05 -32.10
C ALA C 11 8.02 12.00 -31.00
N ILE C 12 7.03 11.91 -30.14
CA ILE C 12 7.06 10.87 -29.12
C ILE C 12 5.86 10.01 -29.39
N LEU C 13 6.10 8.76 -29.72
CA LEU C 13 5.01 7.82 -29.94
C LEU C 13 4.51 7.41 -28.56
N GLY C 14 3.24 6.99 -28.46
CA GLY C 14 2.70 6.49 -27.18
C GLY C 14 2.83 7.57 -26.11
N ALA C 15 2.64 8.82 -26.52
CA ALA C 15 3.01 9.97 -25.70
C ALA C 15 2.28 10.05 -24.34
N THR C 16 1.12 9.41 -24.22
CA THR C 16 0.37 9.45 -22.96
C THR C 16 0.79 8.36 -21.96
N GLY C 17 1.66 7.45 -22.42
CA GLY C 17 2.21 6.37 -21.59
C GLY C 17 3.24 6.74 -20.52
N LEU C 18 3.53 5.77 -19.66
CA LEU C 18 4.37 6.01 -18.50
C LEU C 18 5.80 6.40 -18.86
N VAL C 19 6.23 6.00 -20.06
CA VAL C 19 7.50 6.38 -20.62
C VAL C 19 7.40 7.68 -21.43
N GLY C 20 6.33 7.82 -22.21
CA GLY C 20 6.13 9.01 -23.04
C GLY C 20 6.02 10.28 -22.19
N ILE C 21 5.44 10.16 -20.99
CA ILE C 21 5.42 11.29 -20.04
C ILE C 21 6.78 11.76 -19.59
N GLU C 22 7.73 10.83 -19.44
CA GLU C 22 9.09 11.22 -19.16
C GLU C 22 9.75 11.91 -20.38
N TYR C 23 9.50 11.44 -21.60
CA TYR C 23 10.02 12.20 -22.75
C TYR C 23 9.45 13.62 -22.71
N VAL C 24 8.14 13.74 -22.51
CA VAL C 24 7.50 15.07 -22.40
C VAL C 24 8.09 15.95 -21.30
N ARG C 25 8.23 15.41 -20.09
CA ARG C 25 8.78 16.21 -18.96
C ARG C 25 10.22 16.65 -19.25
N MET C 26 11.04 15.71 -19.70
CA MET C 26 12.47 16.00 -19.89
C MET C 26 12.75 16.83 -21.13
N LEU C 27 12.07 16.51 -22.24
CA LEU C 27 12.24 17.30 -23.47
C LEU C 27 11.72 18.70 -23.35
N SER C 28 10.68 18.91 -22.55
CA SER C 28 10.22 20.25 -22.21
C SER C 28 11.32 21.15 -21.56
N ASN C 29 12.27 20.54 -20.87
CA ASN C 29 13.40 21.22 -20.24
C ASN C 29 14.71 21.13 -21.04
N HIS C 30 14.73 20.41 -22.16
CA HIS C 30 15.96 20.18 -22.92
C HIS C 30 16.41 21.42 -23.75
N PRO C 31 17.73 21.67 -23.88
CA PRO C 31 18.24 22.85 -24.60
C PRO C 31 18.04 22.86 -26.11
N TYR C 32 17.81 21.72 -26.75
CA TYR C 32 17.66 21.73 -28.21
C TYR C 32 16.76 20.65 -28.82
N ILE C 33 16.35 19.64 -28.06
CA ILE C 33 15.31 18.73 -28.53
C ILE C 33 13.94 19.12 -27.98
N LYS C 34 13.04 19.52 -28.88
CA LYS C 34 11.69 19.96 -28.52
C LYS C 34 10.64 18.84 -28.65
N PRO C 35 9.70 18.74 -27.70
CA PRO C 35 8.59 17.76 -27.83
C PRO C 35 7.45 18.34 -28.68
N ALA C 36 7.57 18.16 -29.99
CA ALA C 36 6.77 18.93 -30.93
C ALA C 36 5.60 18.17 -31.51
N TYR C 37 5.58 16.84 -31.37
CA TYR C 37 4.55 16.02 -32.02
C TYR C 37 4.19 14.86 -31.12
N LEU C 38 3.00 14.92 -30.51
CA LEU C 38 2.60 13.91 -29.54
C LEU C 38 1.70 12.90 -30.22
N ALA C 39 2.22 11.72 -30.47
CA ALA C 39 1.48 10.75 -31.26
C ALA C 39 0.74 9.74 -30.37
N GLY C 40 -0.43 9.28 -30.85
CA GLY C 40 -1.16 8.21 -30.19
C GLY C 40 -2.10 7.47 -31.12
N LYS C 41 -3.20 6.99 -30.55
CA LYS C 41 -4.26 6.31 -31.31
C LYS C 41 -5.65 6.55 -30.71
N GLY C 42 -5.89 5.98 -29.53
CA GLY C 42 -7.17 6.14 -28.83
C GLY C 42 -7.65 7.57 -28.55
N SER C 43 -6.73 8.48 -28.28
CA SER C 43 -7.11 9.85 -27.94
C SER C 43 -6.64 10.88 -28.96
N VAL C 44 -6.35 10.44 -30.19
CA VAL C 44 -6.04 11.38 -31.26
C VAL C 44 -7.14 12.47 -31.33
N GLY C 45 -6.74 13.73 -31.53
CA GLY C 45 -7.69 14.86 -31.55
C GLY C 45 -7.99 15.47 -30.19
N LYS C 46 -7.69 14.77 -29.10
CA LYS C 46 -7.90 15.37 -27.77
C LYS C 46 -6.65 16.10 -27.31
N PRO C 47 -6.80 17.08 -26.41
CA PRO C 47 -5.63 17.79 -25.80
C PRO C 47 -4.92 16.91 -24.81
N TYR C 48 -3.58 16.89 -24.88
CA TYR C 48 -2.71 16.03 -24.08
C TYR C 48 -3.03 16.09 -22.60
N GLY C 49 -3.14 17.31 -22.05
CA GLY C 49 -3.33 17.49 -20.59
C GLY C 49 -4.70 17.01 -20.11
N GLU C 50 -5.67 16.98 -21.00
CA GLU C 50 -6.97 16.39 -20.66
C GLU C 50 -6.95 14.84 -20.51
N VAL C 51 -6.15 14.14 -21.31
CA VAL C 51 -6.18 12.68 -21.37
C VAL C 51 -5.09 12.00 -20.55
N VAL C 52 -3.97 12.66 -20.35
CA VAL C 52 -2.77 12.02 -19.78
C VAL C 52 -2.90 11.69 -18.28
N ARG C 53 -2.34 10.53 -17.88
CA ARG C 53 -2.11 10.28 -16.45
C ARG C 53 -0.68 10.78 -16.14
N TRP C 54 -0.56 11.92 -15.47
CA TRP C 54 0.75 12.49 -15.21
C TRP C 54 1.36 11.87 -13.97
N GLN C 55 1.81 10.62 -14.09
CA GLN C 55 2.30 9.87 -12.92
C GLN C 55 3.78 10.13 -12.87
N THR C 56 4.15 11.39 -12.72
CA THR C 56 5.56 11.73 -12.53
C THR C 56 5.61 13.01 -11.69
N VAL C 57 6.82 13.56 -11.49
CA VAL C 57 7.07 14.77 -10.70
C VAL C 57 6.45 16.02 -11.40
N GLY C 58 5.99 16.98 -10.61
CA GLY C 58 5.42 18.22 -11.14
C GLY C 58 4.07 18.05 -11.78
N GLN C 59 3.85 18.88 -12.82
CA GLN C 59 2.60 18.90 -13.58
C GLN C 59 2.90 18.84 -15.08
N VAL C 60 1.91 18.52 -15.88
CA VAL C 60 2.11 18.57 -17.35
C VAL C 60 2.72 19.96 -17.73
N PRO C 61 3.79 20.01 -18.52
CA PRO C 61 4.37 21.32 -18.88
C PRO C 61 3.28 22.24 -19.47
N LYS C 62 3.26 23.50 -19.01
CA LYS C 62 2.43 24.56 -19.59
C LYS C 62 2.26 24.46 -21.11
N GLU C 63 3.36 24.43 -21.83
CA GLU C 63 3.30 24.60 -23.30
C GLU C 63 2.83 23.34 -24.07
N ILE C 64 2.75 22.24 -23.33
CA ILE C 64 2.33 20.93 -23.84
C ILE C 64 0.85 20.65 -23.59
N ALA C 65 0.33 21.15 -22.46
CA ALA C 65 -1.00 20.79 -21.98
C ALA C 65 -2.17 20.87 -22.99
N ASP C 66 -2.09 21.82 -23.93
CA ASP C 66 -3.17 21.98 -24.89
C ASP C 66 -2.87 21.42 -26.27
N MET C 67 -1.70 20.82 -26.46
CA MET C 67 -1.37 20.17 -27.71
C MET C 67 -2.29 18.97 -27.96
N GLU C 68 -2.92 18.91 -29.13
CA GLU C 68 -3.66 17.72 -29.51
C GLU C 68 -2.70 16.56 -29.82
N ILE C 69 -3.07 15.37 -29.33
CA ILE C 69 -2.43 14.12 -29.72
C ILE C 69 -2.78 13.86 -31.22
N LYS C 70 -1.75 13.51 -32.01
CA LYS C 70 -1.88 13.33 -33.47
C LYS C 70 -1.65 11.86 -33.86
N PRO C 71 -2.08 11.47 -35.07
CA PRO C 71 -1.98 10.09 -35.52
C PRO C 71 -0.53 9.60 -35.63
N THR C 72 -0.30 8.33 -35.33
CA THR C 72 1.01 7.69 -35.56
C THR C 72 1.10 7.37 -37.06
N ASP C 73 1.58 8.35 -37.83
CA ASP C 73 1.58 8.29 -39.29
C ASP C 73 2.74 9.09 -39.85
N PRO C 74 3.76 8.41 -40.37
CA PRO C 74 5.00 9.09 -40.79
C PRO C 74 4.76 10.07 -41.93
N LYS C 75 3.65 9.89 -42.63
CA LYS C 75 3.28 10.78 -43.73
C LYS C 75 2.84 12.15 -43.24
N LEU C 76 2.68 12.30 -41.92
CA LEU C 76 2.24 13.55 -41.28
C LEU C 76 3.38 14.26 -40.58
N MET C 77 4.59 13.72 -40.73
CA MET C 77 5.70 14.13 -39.91
C MET C 77 6.90 14.63 -40.69
N ASP C 78 6.63 15.32 -41.79
CA ASP C 78 7.67 16.00 -42.56
C ASP C 78 8.53 16.89 -41.65
N ASP C 79 7.88 17.53 -40.69
CA ASP C 79 8.51 18.53 -39.81
C ASP C 79 9.40 17.93 -38.67
N VAL C 80 9.28 16.63 -38.42
CA VAL C 80 9.98 15.95 -37.30
C VAL C 80 11.39 15.48 -37.65
N ASP C 81 12.36 15.73 -36.77
CA ASP C 81 13.78 15.26 -36.95
C ASP C 81 14.11 13.92 -36.27
N ILE C 82 13.46 13.61 -35.13
CA ILE C 82 13.72 12.37 -34.38
C ILE C 82 12.41 11.69 -33.91
N ILE C 83 12.39 10.37 -34.04
CA ILE C 83 11.34 9.55 -33.44
C ILE C 83 11.80 8.89 -32.12
N PHE C 84 11.08 9.19 -31.03
CA PHE C 84 11.20 8.41 -29.80
C PHE C 84 10.03 7.44 -29.73
N SER C 85 10.33 6.17 -29.53
CA SER C 85 9.29 5.13 -29.64
C SER C 85 9.30 4.17 -28.43
N PRO C 86 8.57 4.53 -27.39
CA PRO C 86 8.23 3.64 -26.30
C PRO C 86 6.87 2.93 -26.55
N LEU C 87 6.82 2.08 -27.56
CA LEU C 87 5.60 1.37 -27.94
C LEU C 87 5.59 -0.06 -27.35
N PRO C 88 4.42 -0.67 -27.21
CA PRO C 88 4.39 -2.01 -26.64
C PRO C 88 4.89 -3.08 -27.62
N GLN C 89 5.41 -4.16 -27.06
CA GLN C 89 5.96 -5.29 -27.80
C GLN C 89 4.98 -5.89 -28.84
N GLY C 90 5.49 -6.28 -30.00
CA GLY C 90 4.62 -6.69 -31.09
C GLY C 90 4.19 -5.51 -31.95
N ALA C 91 3.56 -4.52 -31.32
CA ALA C 91 3.15 -3.29 -32.01
C ALA C 91 4.36 -2.47 -32.46
N ALA C 92 5.42 -2.49 -31.64
CA ALA C 92 6.64 -1.67 -31.88
C ALA C 92 7.42 -2.00 -33.17
N GLY C 93 7.83 -3.26 -33.29
CA GLY C 93 8.68 -3.71 -34.40
C GLY C 93 8.37 -3.12 -35.77
N PRO C 94 7.17 -3.39 -36.26
CA PRO C 94 6.79 -2.96 -37.61
C PRO C 94 6.58 -1.45 -37.69
N VAL C 95 6.11 -0.81 -36.62
CA VAL C 95 5.97 0.67 -36.65
C VAL C 95 7.33 1.36 -36.82
N GLU C 96 8.32 0.85 -36.10
CA GLU C 96 9.67 1.40 -36.12
C GLU C 96 10.36 1.19 -37.48
N GLU C 97 10.16 0.02 -38.08
CA GLU C 97 10.66 -0.27 -39.44
C GLU C 97 10.09 0.71 -40.46
N GLN C 98 8.79 0.99 -40.32
CA GLN C 98 8.05 1.88 -41.21
C GLN C 98 8.56 3.31 -41.08
N PHE C 99 8.82 3.78 -39.85
CA PHE C 99 9.48 5.07 -39.64
C PHE C 99 10.93 5.10 -40.20
N ALA C 100 11.73 4.07 -39.91
CA ALA C 100 13.10 4.02 -40.40
C ALA C 100 13.10 4.05 -41.94
N LYS C 101 12.22 3.24 -42.55
CA LYS C 101 12.04 3.14 -44.03
C LYS C 101 11.62 4.48 -44.63
N GLU C 102 10.92 5.28 -43.83
CA GLU C 102 10.56 6.65 -44.20
C GLU C 102 11.71 7.64 -43.94
N GLY C 103 12.86 7.14 -43.50
CA GLY C 103 14.06 7.98 -43.31
C GLY C 103 14.24 8.68 -41.97
N PHE C 104 13.51 8.26 -40.94
CA PHE C 104 13.72 8.88 -39.65
C PHE C 104 14.78 8.14 -38.83
N PRO C 105 15.51 8.89 -37.99
CA PRO C 105 16.25 8.26 -36.89
C PRO C 105 15.20 7.84 -35.85
N VAL C 106 15.36 6.65 -35.29
CA VAL C 106 14.35 6.08 -34.42
C VAL C 106 15.04 5.57 -33.16
N ILE C 107 14.60 6.11 -32.03
CA ILE C 107 15.12 5.67 -30.76
C ILE C 107 14.00 4.89 -30.09
N SER C 108 14.16 3.57 -30.02
CA SER C 108 13.12 2.69 -29.43
C SER C 108 13.44 2.25 -28.01
N ASN C 109 12.41 2.29 -27.14
CA ASN C 109 12.46 1.68 -25.81
C ASN C 109 11.77 0.33 -25.77
N SER C 110 11.45 -0.19 -26.95
CA SER C 110 10.65 -1.43 -27.05
C SER C 110 11.53 -2.65 -27.31
N PRO C 111 11.06 -3.84 -26.93
CA PRO C 111 11.88 -5.06 -27.00
C PRO C 111 12.06 -5.66 -28.41
N ASP C 112 11.16 -5.35 -29.34
CA ASP C 112 11.07 -6.03 -30.65
C ASP C 112 12.38 -6.08 -31.44
N HIS C 113 13.14 -4.98 -31.42
CA HIS C 113 14.37 -4.91 -32.20
C HIS C 113 15.69 -5.15 -31.43
N ARG C 114 15.59 -5.40 -30.12
CA ARG C 114 16.75 -5.44 -29.22
C ARG C 114 17.88 -6.44 -29.54
N PHE C 115 17.56 -7.52 -30.24
CA PHE C 115 18.56 -8.51 -30.58
C PHE C 115 18.81 -8.62 -32.09
N ASP C 116 18.26 -7.70 -32.87
CA ASP C 116 18.68 -7.61 -34.27
C ASP C 116 20.19 -7.32 -34.27
N PRO C 117 20.98 -8.20 -34.89
CA PRO C 117 22.44 -8.01 -34.87
C PRO C 117 22.90 -6.69 -35.52
N ASP C 118 22.02 -6.03 -36.28
CA ASP C 118 22.36 -4.75 -36.90
C ASP C 118 21.76 -3.51 -36.20
N VAL C 119 21.01 -3.73 -35.13
CA VAL C 119 20.41 -2.66 -34.34
C VAL C 119 21.14 -2.52 -33.00
N PRO C 120 21.66 -1.32 -32.69
CA PRO C 120 22.42 -1.08 -31.43
C PRO C 120 21.58 -1.13 -30.16
N LEU C 121 21.93 -2.00 -29.21
CA LEU C 121 21.30 -2.09 -27.90
C LEU C 121 22.12 -1.24 -26.92
N LEU C 122 21.78 0.04 -26.83
CA LEU C 122 22.70 1.06 -26.32
C LEU C 122 22.53 1.49 -24.84
N VAL C 123 23.62 1.43 -24.09
CA VAL C 123 23.76 2.19 -22.84
C VAL C 123 24.97 3.07 -23.14
N PRO C 124 24.76 4.40 -23.27
CA PRO C 124 25.80 5.26 -23.83
C PRO C 124 27.10 5.30 -23.05
N GLU C 125 27.04 5.10 -21.73
CA GLU C 125 28.24 5.09 -20.94
C GLU C 125 29.01 3.79 -21.13
N LEU C 126 28.29 2.74 -21.54
CA LEU C 126 28.88 1.41 -21.64
C LEU C 126 29.39 1.00 -23.06
N ASN C 127 28.54 1.08 -24.09
CA ASN C 127 28.90 0.61 -25.43
C ASN C 127 28.64 1.62 -26.56
N PRO C 128 29.01 2.89 -26.36
CA PRO C 128 28.74 3.93 -27.38
C PRO C 128 29.28 3.57 -28.77
N HIS C 129 30.34 2.75 -28.82
CA HIS C 129 30.98 2.40 -30.09
C HIS C 129 30.06 1.56 -30.95
N THR C 130 29.02 0.97 -30.35
CA THR C 130 28.08 0.13 -31.12
C THR C 130 27.19 0.90 -32.12
N ILE C 131 27.02 2.21 -31.92
CA ILE C 131 26.27 3.04 -32.89
C ILE C 131 26.79 2.91 -34.34
N SER C 132 28.06 2.61 -34.49
CA SER C 132 28.59 2.45 -35.84
C SER C 132 28.08 1.15 -36.49
N LEU C 133 27.10 0.50 -35.84
CA LEU C 133 26.33 -0.60 -36.47
C LEU C 133 25.34 -0.01 -37.45
N ILE C 134 25.02 1.26 -37.27
CA ILE C 134 24.04 1.91 -38.13
C ILE C 134 24.46 1.87 -39.60
N ASP C 135 25.75 2.04 -39.89
CA ASP C 135 26.29 1.93 -41.27
C ASP C 135 25.79 0.67 -41.97
N GLU C 136 26.16 -0.49 -41.42
CA GLU C 136 25.72 -1.80 -41.91
C GLU C 136 24.19 -1.99 -41.92
N GLN C 137 23.51 -1.60 -40.84
CA GLN C 137 22.05 -1.58 -40.80
C GLN C 137 21.45 -0.97 -42.07
N ARG C 138 21.82 0.28 -42.36
CA ARG C 138 21.28 1.05 -43.49
C ARG C 138 21.56 0.35 -44.81
N LYS C 139 22.80 -0.08 -44.98
CA LYS C 139 23.25 -0.69 -46.22
C LYS C 139 22.53 -2.02 -46.45
N ARG C 140 22.56 -2.90 -45.45
CA ARG C 140 21.89 -4.20 -45.50
C ARG C 140 20.36 -4.14 -45.50
N ARG C 141 19.76 -3.22 -44.73
CA ARG C 141 18.29 -3.07 -44.70
C ARG C 141 17.73 -2.18 -45.81
N GLU C 142 18.63 -1.48 -46.53
CA GLU C 142 18.28 -0.50 -47.57
C GLU C 142 17.23 0.54 -47.13
N TRP C 143 17.53 1.28 -46.06
CA TRP C 143 16.70 2.41 -45.69
C TRP C 143 17.50 3.64 -45.26
N LYS C 144 16.93 4.83 -45.45
CA LYS C 144 17.61 6.11 -45.15
C LYS C 144 17.68 6.37 -43.66
N GLY C 145 16.69 5.87 -42.94
CA GLY C 145 16.65 6.06 -41.50
C GLY C 145 17.42 4.97 -40.77
N PHE C 146 17.11 4.80 -39.49
CA PHE C 146 17.67 3.73 -38.67
C PHE C 146 16.86 3.54 -37.37
N ILE C 147 17.07 2.38 -36.73
CA ILE C 147 16.52 2.09 -35.42
C ILE C 147 17.68 1.80 -34.48
N VAL C 148 17.56 2.35 -33.28
CA VAL C 148 18.47 2.07 -32.17
C VAL C 148 17.54 1.74 -31.00
N THR C 149 17.90 0.74 -30.18
CA THR C 149 17.12 0.40 -29.01
C THR C 149 17.90 0.64 -27.70
N THR C 150 17.15 0.97 -26.66
CA THR C 150 17.67 0.94 -25.29
C THR C 150 17.22 -0.38 -24.66
N PRO C 151 17.96 -0.90 -23.67
CA PRO C 151 17.62 -2.18 -23.05
C PRO C 151 16.50 -2.10 -21.99
N LEU C 152 15.87 -3.24 -21.74
CA LEU C 152 15.01 -3.43 -20.58
C LEU C 152 15.59 -2.65 -19.38
N CYS C 153 14.76 -1.83 -18.76
CA CYS C 153 15.20 -1.03 -17.61
C CYS C 153 15.77 -1.96 -16.49
N THR C 154 15.14 -3.11 -16.28
CA THR C 154 15.60 -4.06 -15.25
C THR C 154 17.01 -4.48 -15.57
N ALA C 155 17.28 -4.75 -16.86
CA ALA C 155 18.61 -5.22 -17.29
C ALA C 155 19.62 -4.12 -17.08
N GLN C 156 19.22 -2.87 -17.30
CA GLN C 156 20.11 -1.71 -17.12
C GLN C 156 20.50 -1.45 -15.66
N GLY C 157 19.58 -1.65 -14.73
CA GLY C 157 19.91 -1.44 -13.30
C GLY C 157 21.00 -2.44 -12.84
N ALA C 158 21.14 -3.55 -13.59
CA ALA C 158 22.19 -4.52 -13.30
C ALA C 158 23.38 -4.31 -14.19
N ALA C 159 23.15 -4.09 -15.50
CA ALA C 159 24.25 -4.01 -16.47
C ALA C 159 25.16 -2.82 -16.23
N ILE C 160 24.63 -1.73 -15.70
CA ILE C 160 25.49 -0.56 -15.49
C ILE C 160 26.58 -0.85 -14.42
N PRO C 161 26.21 -1.34 -13.23
CA PRO C 161 27.25 -1.69 -12.28
C PRO C 161 28.07 -2.86 -12.77
N LEU C 162 27.42 -3.87 -13.34
CA LEU C 162 28.14 -5.06 -13.75
C LEU C 162 29.10 -4.78 -14.88
N GLY C 163 28.75 -3.81 -15.71
CA GLY C 163 29.62 -3.37 -16.79
C GLY C 163 30.86 -2.69 -16.26
N ALA C 164 30.69 -1.79 -15.31
CA ALA C 164 31.82 -1.12 -14.67
C ALA C 164 32.77 -2.15 -14.05
N ILE C 165 32.21 -3.21 -13.46
CA ILE C 165 33.00 -4.25 -12.81
C ILE C 165 33.65 -5.17 -13.84
N PHE C 166 32.85 -5.78 -14.72
CA PHE C 166 33.38 -6.68 -15.78
C PHE C 166 34.58 -6.06 -16.51
N LYS C 167 34.50 -4.74 -16.68
CA LYS C 167 35.53 -3.97 -17.36
C LYS C 167 36.91 -4.20 -16.76
N ASP C 168 36.95 -4.16 -15.43
CA ASP C 168 38.22 -4.08 -14.72
C ASP C 168 38.51 -5.25 -13.81
N TYR C 169 37.62 -6.22 -13.72
CA TYR C 169 37.80 -7.31 -12.75
C TYR C 169 37.41 -8.58 -13.44
N LYS C 170 38.02 -9.67 -13.02
CA LYS C 170 37.70 -10.98 -13.53
C LYS C 170 36.39 -11.50 -12.91
N MET C 171 35.26 -10.86 -13.22
CA MET C 171 33.95 -11.29 -12.74
C MET C 171 33.45 -12.57 -13.43
N ASP C 172 33.02 -13.56 -12.65
CA ASP C 172 32.54 -14.80 -13.25
C ASP C 172 31.11 -15.19 -12.95
N GLY C 173 30.39 -14.32 -12.26
CA GLY C 173 28.98 -14.55 -12.11
C GLY C 173 28.33 -13.42 -11.33
N ALA C 174 27.02 -13.34 -11.43
CA ALA C 174 26.22 -12.34 -10.78
C ALA C 174 24.87 -12.98 -10.66
N PHE C 175 24.38 -12.99 -9.43
CA PHE C 175 23.15 -13.65 -9.09
C PHE C 175 22.24 -12.59 -8.48
N ILE C 176 21.19 -12.26 -9.19
CA ILE C 176 20.46 -11.00 -8.97
C ILE C 176 19.03 -11.27 -8.52
N THR C 177 18.59 -10.47 -7.55
CA THR C 177 17.21 -10.40 -7.13
C THR C 177 16.68 -8.98 -7.41
N THR C 178 15.52 -8.88 -8.05
CA THR C 178 14.92 -7.57 -8.33
C THR C 178 13.61 -7.42 -7.62
N ILE C 179 13.30 -6.15 -7.34
CA ILE C 179 12.11 -5.73 -6.67
C ILE C 179 11.71 -4.46 -7.45
N GLN C 180 10.87 -4.66 -8.45
CA GLN C 180 10.58 -3.70 -9.47
C GLN C 180 9.27 -2.93 -9.16
N SER C 181 9.19 -1.74 -9.71
CA SER C 181 8.06 -0.87 -9.42
C SER C 181 6.99 -1.18 -10.42
N LEU C 182 5.79 -0.70 -10.16
CA LEU C 182 4.67 -0.93 -11.06
C LEU C 182 4.75 -0.25 -12.43
N SER C 183 5.37 0.93 -12.52
CA SER C 183 5.26 1.72 -13.76
C SER C 183 5.94 1.01 -14.92
N GLY C 184 6.87 0.11 -14.60
CA GLY C 184 7.49 -0.75 -15.60
C GLY C 184 6.53 -1.57 -16.45
N ALA C 185 5.41 -2.00 -15.86
CA ALA C 185 4.40 -2.78 -16.59
C ALA C 185 3.40 -1.93 -17.38
N GLY C 186 3.53 -0.61 -17.35
CA GLY C 186 2.58 0.24 -18.10
C GLY C 186 1.22 0.39 -17.41
N TYR C 187 0.24 0.91 -18.14
CA TYR C 187 -1.12 1.13 -17.60
C TYR C 187 -2.12 0.55 -18.62
N PRO C 188 -3.11 -0.28 -18.21
CA PRO C 188 -3.52 -0.71 -16.86
C PRO C 188 -2.46 -1.55 -16.14
N GLY C 189 -1.67 -2.32 -16.89
CA GLY C 189 -0.52 -2.97 -16.30
C GLY C 189 -0.89 -3.95 -15.19
N ILE C 190 -0.21 -3.83 -14.04
CA ILE C 190 -0.40 -4.75 -12.91
C ILE C 190 -1.73 -4.47 -12.18
N PRO C 191 -2.60 -5.48 -12.05
CA PRO C 191 -3.81 -5.33 -11.26
C PRO C 191 -3.48 -5.04 -9.79
N SER C 192 -4.21 -4.14 -9.16
CA SER C 192 -3.89 -3.76 -7.77
C SER C 192 -3.94 -4.98 -6.84
N LEU C 193 -4.90 -5.89 -7.09
CA LEU C 193 -4.99 -7.11 -6.24
C LEU C 193 -3.77 -8.03 -6.27
N ASP C 194 -2.90 -7.91 -7.29
CA ASP C 194 -1.63 -8.62 -7.33
C ASP C 194 -0.45 -8.10 -6.46
N VAL C 195 -0.54 -6.86 -5.98
CA VAL C 195 0.56 -6.26 -5.18
C VAL C 195 0.07 -5.64 -3.82
N VAL C 196 -1.23 -5.61 -3.54
CA VAL C 196 -1.57 -5.23 -2.13
C VAL C 196 -1.34 -6.39 -1.15
N ASP C 197 -0.43 -6.19 -0.15
CA ASP C 197 -0.10 -7.24 0.83
C ASP C 197 0.43 -8.49 0.06
N ASN C 198 1.24 -8.25 -0.99
CA ASN C 198 1.72 -9.35 -1.87
C ASN C 198 3.02 -8.92 -2.56
N ILE C 199 3.69 -9.90 -3.18
CA ILE C 199 4.87 -9.72 -4.02
C ILE C 199 4.57 -10.57 -5.24
N LEU C 200 4.78 -9.99 -6.41
CA LEU C 200 4.43 -10.72 -7.62
C LEU C 200 5.71 -11.16 -8.35
N PRO C 201 6.06 -12.44 -8.28
CA PRO C 201 7.16 -12.92 -9.12
C PRO C 201 6.75 -12.76 -10.57
N LEU C 202 7.70 -12.48 -11.44
CA LEU C 202 7.40 -12.24 -12.84
C LEU C 202 7.61 -13.46 -13.73
N GLY C 203 8.35 -14.47 -13.22
CA GLY C 203 8.36 -15.76 -13.93
C GLY C 203 9.65 -16.01 -14.67
N ASP C 204 9.82 -17.23 -15.15
CA ASP C 204 11.04 -17.64 -15.84
C ASP C 204 11.30 -16.85 -17.12
N GLY C 205 10.21 -16.57 -17.85
CA GLY C 205 10.27 -15.85 -19.13
C GLY C 205 10.88 -14.46 -18.89
N TYR C 206 10.39 -13.76 -17.87
CA TYR C 206 10.96 -12.43 -17.58
C TYR C 206 12.39 -12.51 -17.03
N ASP C 207 12.64 -13.48 -16.13
CA ASP C 207 13.99 -13.78 -15.63
C ASP C 207 14.95 -14.04 -16.85
N ALA C 208 14.49 -14.85 -17.81
CA ALA C 208 15.41 -15.24 -18.90
C ALA C 208 15.70 -14.05 -19.80
N LYS C 209 14.67 -13.25 -20.13
CA LYS C 209 14.90 -12.08 -21.00
C LYS C 209 15.80 -10.99 -20.34
N THR C 210 15.74 -10.86 -19.02
CA THR C 210 16.64 -9.93 -18.31
C THR C 210 18.15 -10.29 -18.49
N ILE C 211 18.43 -11.58 -18.37
CA ILE C 211 19.78 -12.15 -18.45
C ILE C 211 20.31 -12.05 -19.88
N LYS C 212 19.44 -12.37 -20.83
CA LYS C 212 19.76 -12.29 -22.23
C LYS C 212 20.27 -10.89 -22.57
N GLU C 213 19.50 -9.87 -22.17
CA GLU C 213 19.87 -8.48 -22.43
C GLU C 213 21.14 -8.06 -21.71
N ILE C 214 21.34 -8.53 -20.48
CA ILE C 214 22.59 -8.19 -19.79
C ILE C 214 23.80 -8.77 -20.53
N PHE C 215 23.70 -10.04 -20.91
CA PHE C 215 24.76 -10.69 -21.73
C PHE C 215 25.11 -9.90 -23.00
N ARG C 216 24.10 -9.35 -23.69
CA ARG C 216 24.40 -8.55 -24.90
C ARG C 216 25.16 -7.26 -24.57
N ILE C 217 24.67 -6.51 -23.60
CA ILE C 217 25.37 -5.31 -23.13
C ILE C 217 26.81 -5.62 -22.70
N LEU C 218 27.01 -6.65 -21.89
CA LEU C 218 28.37 -7.01 -21.44
C LEU C 218 29.27 -7.50 -22.55
N SER C 219 28.68 -8.15 -23.55
CA SER C 219 29.45 -8.69 -24.65
C SER C 219 30.04 -7.54 -25.47
N GLU C 220 29.60 -6.32 -25.17
CA GLU C 220 29.97 -5.16 -25.99
C GLU C 220 30.81 -4.13 -25.24
N VAL C 221 31.14 -4.43 -23.99
CA VAL C 221 31.97 -3.57 -23.16
C VAL C 221 33.45 -3.82 -23.46
N LYS C 222 34.20 -2.74 -23.66
CA LYS C 222 35.64 -2.80 -23.91
C LYS C 222 36.37 -3.01 -22.59
N ARG C 223 36.97 -4.18 -22.40
CA ARG C 223 37.50 -4.55 -21.08
C ARG C 223 39.02 -4.28 -20.96
N ASN C 224 39.51 -4.09 -19.73
CA ASN C 224 40.95 -3.98 -19.46
C ASN C 224 41.61 -5.32 -19.09
N VAL C 225 40.79 -6.28 -18.67
CA VAL C 225 41.25 -7.67 -18.43
C VAL C 225 40.59 -8.56 -19.48
N ASP C 226 41.05 -9.80 -19.66
CA ASP C 226 40.46 -10.69 -20.69
C ASP C 226 39.87 -11.98 -20.11
N GLU C 227 39.98 -12.16 -18.81
CA GLU C 227 39.41 -13.32 -18.17
C GLU C 227 38.36 -12.86 -17.18
N PRO C 228 37.27 -13.65 -17.04
CA PRO C 228 36.98 -14.81 -17.88
C PRO C 228 36.26 -14.38 -19.16
N LYS C 229 36.16 -15.27 -20.14
CA LYS C 229 35.37 -15.03 -21.35
C LYS C 229 33.89 -14.95 -20.97
N LEU C 230 33.15 -14.05 -21.62
CA LEU C 230 31.74 -13.83 -21.27
C LEU C 230 30.92 -15.14 -21.26
N GLU C 231 31.27 -16.07 -22.15
CA GLU C 231 30.58 -17.36 -22.23
C GLU C 231 30.75 -18.20 -20.96
N ASP C 232 31.85 -17.96 -20.21
CA ASP C 232 32.10 -18.58 -18.90
C ASP C 232 31.53 -17.76 -17.72
N VAL C 233 30.65 -16.80 -18.01
CA VAL C 233 30.05 -16.02 -16.93
C VAL C 233 28.65 -16.56 -16.57
N SER C 234 28.43 -16.90 -15.31
CA SER C 234 27.12 -17.28 -14.88
C SER C 234 26.33 -16.09 -14.43
N LEU C 235 25.31 -15.73 -15.20
CA LEU C 235 24.29 -14.77 -14.75
C LEU C 235 23.00 -15.49 -14.35
N ALA C 236 22.32 -14.94 -13.34
CA ALA C 236 21.00 -15.39 -12.96
C ALA C 236 20.20 -14.23 -12.35
N ALA C 237 18.88 -14.23 -12.58
CA ALA C 237 17.93 -13.25 -12.05
C ALA C 237 16.66 -13.90 -11.52
N THR C 238 16.18 -13.39 -10.40
CA THR C 238 14.87 -13.71 -9.88
C THR C 238 14.15 -12.34 -9.73
N THR C 239 13.18 -12.10 -10.60
CA THR C 239 12.50 -10.81 -10.71
C THR C 239 11.09 -10.74 -10.06
N HIS C 240 10.77 -9.60 -9.44
CA HIS C 240 9.49 -9.39 -8.78
C HIS C 240 9.00 -7.96 -9.00
N ARG C 241 7.68 -7.73 -8.87
CA ARG C 241 7.06 -6.39 -8.71
C ARG C 241 6.34 -6.28 -7.33
N ILE C 242 6.39 -5.10 -6.76
CA ILE C 242 5.72 -4.76 -5.50
C ILE C 242 5.05 -3.40 -5.79
N ALA C 243 4.40 -2.83 -4.78
CA ALA C 243 3.58 -1.63 -5.00
C ALA C 243 4.39 -0.31 -4.86
N THR C 244 5.54 -0.22 -5.55
CA THR C 244 6.31 1.01 -5.66
C THR C 244 5.96 1.67 -6.99
N ILE C 245 5.99 2.96 -7.07
CA ILE C 245 5.53 3.58 -8.35
C ILE C 245 6.64 3.58 -9.45
N HIS C 246 7.82 4.11 -9.07
CA HIS C 246 9.02 4.18 -9.90
C HIS C 246 10.24 3.67 -9.12
N GLY C 247 11.18 3.08 -9.82
CA GLY C 247 12.43 2.70 -9.17
C GLY C 247 12.50 1.18 -9.06
N HIS C 248 13.52 0.60 -9.69
CA HIS C 248 13.75 -0.84 -9.64
C HIS C 248 14.93 -1.04 -8.73
N TYR C 249 14.73 -1.80 -7.67
CA TYR C 249 15.72 -2.06 -6.66
C TYR C 249 16.30 -3.49 -6.87
N GLU C 250 17.63 -3.60 -6.87
CA GLU C 250 18.30 -4.88 -7.25
C GLU C 250 19.38 -5.22 -6.27
N VAL C 251 19.40 -6.48 -5.81
CA VAL C 251 20.49 -6.99 -4.97
C VAL C 251 21.36 -7.91 -5.85
N LEU C 252 22.66 -7.62 -5.93
CA LEU C 252 23.58 -8.39 -6.74
C LEU C 252 24.65 -9.05 -5.84
N TYR C 253 24.78 -10.37 -5.94
CA TYR C 253 25.97 -11.06 -5.47
C TYR C 253 26.86 -11.34 -6.68
N VAL C 254 28.11 -10.90 -6.58
CA VAL C 254 29.01 -10.93 -7.70
C VAL C 254 30.22 -11.74 -7.28
N SER C 255 30.55 -12.68 -8.16
CA SER C 255 31.63 -13.59 -7.96
C SER C 255 32.77 -13.25 -8.90
N PHE C 256 33.99 -13.55 -8.46
CA PHE C 256 35.22 -13.34 -9.26
C PHE C 256 36.03 -14.60 -9.30
N LYS C 257 36.78 -14.76 -10.38
CA LYS C 257 37.60 -15.91 -10.57
C LYS C 257 38.77 -15.92 -9.60
N GLU C 258 39.06 -14.78 -8.98
CA GLU C 258 40.18 -14.71 -8.04
C GLU C 258 39.96 -13.65 -6.98
N GLU C 259 40.85 -13.62 -5.99
CA GLU C 259 40.73 -12.72 -4.84
C GLU C 259 40.53 -11.24 -5.24
N THR C 260 39.40 -10.65 -4.82
CA THR C 260 38.99 -9.29 -5.21
C THR C 260 38.36 -8.55 -4.01
N ALA C 261 38.96 -7.42 -3.62
CA ALA C 261 38.53 -6.65 -2.45
C ALA C 261 37.39 -5.70 -2.78
N ALA C 262 36.33 -5.73 -1.97
CA ALA C 262 35.16 -4.86 -2.16
C ALA C 262 35.52 -3.37 -2.20
N GLU C 263 36.48 -2.96 -1.37
CA GLU C 263 36.93 -1.58 -1.36
C GLU C 263 37.45 -1.11 -2.74
N LYS C 264 38.15 -2.00 -3.46
CA LYS C 264 38.67 -1.74 -4.79
C LYS C 264 37.51 -1.57 -5.76
N VAL C 265 36.60 -2.55 -5.74
CA VAL C 265 35.45 -2.52 -6.61
C VAL C 265 34.63 -1.27 -6.36
N LYS C 266 34.49 -0.90 -5.07
CA LYS C 266 33.68 0.25 -4.72
C LYS C 266 34.28 1.51 -5.32
N GLU C 267 35.60 1.57 -5.35
CA GLU C 267 36.26 2.73 -5.87
C GLU C 267 36.06 2.81 -7.38
N THR C 268 36.09 1.66 -8.05
CA THR C 268 35.85 1.59 -9.50
C THR C 268 34.46 2.15 -9.76
N LEU C 269 33.51 1.77 -8.91
CA LEU C 269 32.13 2.24 -9.08
C LEU C 269 32.00 3.74 -8.86
N GLU C 270 32.63 4.27 -7.81
CA GLU C 270 32.65 5.71 -7.59
C GLU C 270 33.22 6.44 -8.80
N ASN C 271 34.29 5.89 -9.37
CA ASN C 271 35.07 6.55 -10.40
C ASN C 271 34.51 6.38 -11.80
N PHE C 272 33.45 5.60 -11.94
CA PHE C 272 32.96 5.25 -13.27
C PHE C 272 32.45 6.45 -14.08
N ARG C 273 32.91 6.53 -15.32
CA ARG C 273 32.35 7.47 -16.27
C ARG C 273 32.66 6.99 -17.69
N GLY C 274 31.94 7.53 -18.67
CA GLY C 274 32.10 7.10 -20.04
C GLY C 274 32.10 8.28 -20.99
N GLU C 275 31.93 8.00 -22.27
CA GLU C 275 32.00 9.07 -23.26
C GLU C 275 30.99 10.21 -23.02
N PRO C 276 29.71 9.89 -22.77
CA PRO C 276 28.74 10.93 -22.40
C PRO C 276 29.23 11.98 -21.38
N GLN C 277 29.97 11.59 -20.35
CA GLN C 277 30.52 12.53 -19.36
C GLN C 277 31.72 13.32 -19.87
N ASP C 278 32.61 12.63 -20.58
CA ASP C 278 33.73 13.32 -21.23
C ASP C 278 33.24 14.36 -22.26
N LEU C 279 32.14 14.06 -22.94
CA LEU C 279 31.57 14.92 -23.98
C LEU C 279 30.67 15.98 -23.39
N LYS C 280 30.38 15.83 -22.10
CA LYS C 280 29.45 16.72 -21.41
C LYS C 280 28.12 16.87 -22.16
N LEU C 281 27.58 15.74 -22.62
CA LEU C 281 26.24 15.69 -23.20
C LEU C 281 25.22 16.19 -22.18
N PRO C 282 24.19 16.91 -22.65
CA PRO C 282 23.31 17.64 -21.72
C PRO C 282 22.56 16.77 -20.72
N THR C 283 22.19 15.56 -21.11
CA THR C 283 21.45 14.64 -20.25
C THR C 283 22.38 13.56 -19.59
N ALA C 284 23.67 13.72 -19.77
CA ALA C 284 24.66 12.89 -19.10
C ALA C 284 24.84 13.35 -17.65
N PRO C 285 24.56 12.46 -16.68
CA PRO C 285 24.87 12.78 -15.29
C PRO C 285 26.39 12.92 -15.05
N SER C 286 26.79 13.74 -14.08
CA SER C 286 28.18 13.80 -13.59
C SER C 286 28.67 12.45 -13.09
N LYS C 287 27.80 11.75 -12.39
CA LYS C 287 28.10 10.41 -11.87
C LYS C 287 27.01 9.42 -12.30
N PRO C 288 27.20 8.74 -13.44
CA PRO C 288 26.20 7.79 -13.87
C PRO C 288 25.96 6.66 -12.85
N ILE C 289 26.94 6.39 -11.97
CA ILE C 289 26.74 5.57 -10.76
C ILE C 289 27.05 6.40 -9.53
N ILE C 290 26.06 6.54 -8.66
CA ILE C 290 26.24 7.20 -7.36
C ILE C 290 26.41 6.12 -6.27
N VAL C 291 27.48 6.24 -5.48
CA VAL C 291 27.73 5.24 -4.45
C VAL C 291 27.42 5.81 -3.07
N MET C 292 26.62 5.07 -2.32
CA MET C 292 26.20 5.48 -1.01
C MET C 292 26.84 4.57 0.03
N ASN C 293 27.18 5.17 1.18
CA ASN C 293 27.95 4.52 2.24
C ASN C 293 27.14 4.11 3.45
N GLU C 294 25.85 4.47 3.51
CA GLU C 294 25.00 4.18 4.66
C GLU C 294 24.36 2.80 4.48
N ASP C 295 24.27 2.02 5.55
CA ASP C 295 23.83 0.61 5.45
C ASP C 295 22.30 0.41 5.27
N THR C 296 21.55 1.49 5.26
CA THR C 296 20.16 1.44 4.86
C THR C 296 19.90 2.31 3.61
N ARG C 297 20.93 2.50 2.78
CA ARG C 297 20.74 3.23 1.50
C ARG C 297 21.34 2.45 0.32
N PRO C 298 20.81 2.67 -0.93
CA PRO C 298 19.67 3.53 -1.35
C PRO C 298 18.35 2.95 -0.90
N GLN C 299 17.39 3.84 -0.70
CA GLN C 299 15.98 3.50 -0.57
C GLN C 299 15.24 4.09 -1.82
N VAL C 300 14.35 3.29 -2.40
CA VAL C 300 13.51 3.68 -3.51
C VAL C 300 12.94 5.09 -3.42
N TYR C 301 12.21 5.38 -2.33
CA TYR C 301 11.59 6.68 -2.22
C TYR C 301 12.59 7.82 -2.32
N PHE C 302 13.70 7.66 -1.64
CA PHE C 302 14.56 8.79 -1.39
C PHE C 302 15.70 8.93 -2.41
N ASP C 303 15.91 7.88 -3.19
CA ASP C 303 17.07 7.89 -4.07
C ASP C 303 16.79 7.74 -5.57
N ARG C 304 15.57 7.44 -5.98
CA ARG C 304 15.25 7.28 -7.42
C ARG C 304 15.39 8.61 -8.21
N TRP C 305 15.37 9.74 -7.53
CA TRP C 305 15.51 11.04 -8.21
C TRP C 305 16.80 11.76 -7.83
N ALA C 306 17.85 10.99 -7.54
CA ALA C 306 19.12 11.55 -7.11
C ALA C 306 19.94 12.02 -8.31
N GLY C 307 20.94 12.86 -8.04
CA GLY C 307 21.95 13.19 -9.06
C GLY C 307 21.70 14.54 -9.69
N ASP C 308 22.69 15.08 -10.37
CA ASP C 308 22.54 16.42 -10.96
C ASP C 308 21.47 16.44 -12.03
N ILE C 309 21.29 15.33 -12.73
CA ILE C 309 20.12 15.15 -13.58
C ILE C 309 19.24 14.05 -12.97
N PRO C 310 18.12 14.46 -12.34
CA PRO C 310 17.27 13.56 -11.54
C PRO C 310 16.77 12.34 -12.28
N GLY C 311 16.99 11.15 -11.72
CA GLY C 311 16.63 9.92 -12.39
C GLY C 311 17.68 9.31 -13.32
N MET C 312 18.77 10.02 -13.66
CA MET C 312 19.68 9.56 -14.72
C MET C 312 20.83 8.71 -14.15
N SER C 313 21.01 8.79 -12.82
CA SER C 313 22.11 8.07 -12.14
C SER C 313 21.56 6.75 -11.61
N VAL C 314 22.36 5.69 -11.76
CA VAL C 314 22.07 4.45 -11.06
C VAL C 314 22.76 4.59 -9.69
N VAL C 315 21.99 4.36 -8.63
CA VAL C 315 22.46 4.52 -7.28
C VAL C 315 22.81 3.15 -6.66
N VAL C 316 24.04 3.06 -6.20
CA VAL C 316 24.56 1.81 -5.69
C VAL C 316 24.85 1.98 -4.20
N GLY C 317 24.67 0.91 -3.45
CA GLY C 317 25.20 0.88 -2.10
C GLY C 317 25.48 -0.51 -1.53
N ARG C 318 25.75 -0.52 -0.22
CA ARG C 318 25.82 -1.77 0.55
C ARG C 318 27.00 -2.65 0.13
N LEU C 319 28.02 -2.06 -0.49
CA LEU C 319 29.24 -2.80 -0.91
C LEU C 319 29.85 -3.47 0.30
N LYS C 320 30.00 -4.78 0.20
CA LYS C 320 30.45 -5.61 1.31
C LYS C 320 31.12 -6.85 0.76
N GLN C 321 32.24 -7.21 1.38
CA GLN C 321 32.89 -8.51 1.14
C GLN C 321 32.08 -9.71 1.65
N VAL C 322 31.84 -10.71 0.82
CA VAL C 322 31.13 -11.92 1.30
C VAL C 322 32.16 -13.01 1.65
N ASN C 323 33.05 -13.30 0.70
CA ASN C 323 34.25 -14.06 0.96
C ASN C 323 35.24 -13.47 -0.02
N LYS C 324 36.44 -14.04 -0.06
CA LYS C 324 37.53 -13.44 -0.86
C LYS C 324 37.21 -13.27 -2.34
N ARG C 325 36.29 -14.07 -2.86
CA ARG C 325 35.97 -14.06 -4.29
C ARG C 325 34.54 -13.64 -4.55
N MET C 326 33.87 -12.99 -3.58
CA MET C 326 32.44 -12.70 -3.72
C MET C 326 32.08 -11.43 -2.95
N ILE C 327 31.38 -10.52 -3.62
CA ILE C 327 30.95 -9.27 -2.98
C ILE C 327 29.46 -9.06 -3.14
N ARG C 328 28.87 -8.28 -2.23
CA ARG C 328 27.45 -7.97 -2.29
C ARG C 328 27.31 -6.47 -2.52
N LEU C 329 26.41 -6.11 -3.43
CA LEU C 329 26.01 -4.71 -3.63
C LEU C 329 24.53 -4.66 -4.02
N VAL C 330 23.91 -3.49 -3.86
CA VAL C 330 22.53 -3.29 -4.31
C VAL C 330 22.52 -2.11 -5.27
N SER C 331 21.55 -2.05 -6.17
CA SER C 331 21.48 -0.91 -7.07
C SER C 331 20.05 -0.46 -7.34
N LEU C 332 19.89 0.83 -7.56
CA LEU C 332 18.56 1.39 -7.78
C LEU C 332 18.60 2.17 -9.07
N ILE C 333 17.65 1.88 -9.95
CA ILE C 333 17.54 2.65 -11.22
C ILE C 333 16.13 3.25 -11.30
N HIS C 334 16.04 4.49 -11.76
CA HIS C 334 14.72 5.06 -12.07
C HIS C 334 14.34 4.45 -13.37
N ASN C 335 13.29 3.61 -13.38
CA ASN C 335 13.03 2.75 -14.53
C ASN C 335 12.47 3.47 -15.76
N THR C 336 11.83 4.62 -15.58
CA THR C 336 11.31 5.35 -16.76
C THR C 336 12.19 6.51 -17.18
N VAL C 337 13.13 6.88 -16.32
CA VAL C 337 14.11 7.92 -16.64
C VAL C 337 15.42 7.29 -17.22
N ARG C 338 16.39 6.93 -16.40
CA ARG C 338 17.58 6.27 -16.95
C ARG C 338 17.18 4.97 -17.70
N GLY C 339 16.34 4.15 -17.07
CA GLY C 339 15.86 2.93 -17.73
C GLY C 339 15.10 3.02 -19.04
N ALA C 340 14.70 4.22 -19.46
CA ALA C 340 13.85 4.36 -20.66
C ALA C 340 14.04 5.73 -21.38
N ALA C 341 13.28 6.75 -20.95
CA ALA C 341 13.24 8.04 -21.71
C ALA C 341 14.56 8.81 -21.59
N GLY C 342 15.07 8.86 -20.37
CA GLY C 342 16.30 9.58 -20.12
C GLY C 342 17.43 8.91 -20.89
N GLY C 343 17.51 7.57 -20.87
CA GLY C 343 18.55 6.84 -21.61
C GLY C 343 18.41 7.08 -23.11
N GLY C 344 17.18 7.07 -23.60
CA GLY C 344 16.86 7.33 -25.02
C GLY C 344 17.21 8.75 -25.46
N ILE C 345 17.01 9.74 -24.60
CA ILE C 345 17.41 11.12 -24.92
C ILE C 345 18.92 11.23 -24.97
N LEU C 346 19.59 10.61 -24.03
CA LEU C 346 21.05 10.55 -24.01
C LEU C 346 21.61 9.83 -25.24
N ALA C 347 20.90 8.80 -25.71
CA ALA C 347 21.28 8.13 -26.95
C ALA C 347 21.25 9.14 -28.09
N ALA C 348 20.21 9.97 -28.11
CA ALA C 348 19.99 10.91 -29.20
C ALA C 348 21.06 11.97 -29.22
N GLU C 349 21.43 12.46 -28.05
CA GLU C 349 22.52 13.42 -27.95
C GLU C 349 23.84 12.81 -28.46
N LEU C 350 24.14 11.57 -28.08
CA LEU C 350 25.34 10.86 -28.59
C LEU C 350 25.31 10.71 -30.13
N LEU C 351 24.14 10.42 -30.68
CA LEU C 351 24.00 10.22 -32.12
C LEU C 351 24.10 11.54 -32.93
N VAL C 352 23.62 12.63 -32.34
CA VAL C 352 23.78 13.98 -32.91
C VAL C 352 25.27 14.31 -32.88
N GLU C 353 25.89 14.05 -31.72
CA GLU C 353 27.31 14.34 -31.51
C GLU C 353 28.24 13.55 -32.46
N LYS C 354 27.89 12.30 -32.74
CA LYS C 354 28.67 11.45 -33.64
C LYS C 354 28.40 11.66 -35.14
N GLY C 355 27.39 12.47 -35.49
CA GLY C 355 27.07 12.79 -36.88
C GLY C 355 25.88 12.05 -37.47
N TYR C 356 25.34 11.09 -36.70
CA TYR C 356 24.25 10.23 -37.13
C TYR C 356 22.85 10.89 -37.20
N ILE C 357 22.61 11.91 -36.38
CA ILE C 357 21.42 12.74 -36.57
C ILE C 357 21.85 14.16 -36.86
N GLU C 358 21.32 14.74 -37.93
CA GLU C 358 21.83 16.02 -38.36
C GLU C 358 21.26 17.12 -37.51
N LYS C 359 21.98 18.23 -37.42
CA LYS C 359 21.51 19.41 -36.73
C LYS C 359 20.47 20.13 -37.58
N ARG D 6 -7.73 -33.67 30.16
CA ARG D 6 -6.49 -33.33 30.90
C ARG D 6 -5.55 -32.41 30.11
N THR D 7 -5.10 -31.38 30.79
CA THR D 7 -4.66 -30.12 30.19
C THR D 7 -3.31 -29.68 30.78
N LEU D 8 -2.43 -29.12 29.96
CA LEU D 8 -1.29 -28.38 30.50
C LEU D 8 -1.57 -26.88 30.34
N LYS D 9 -1.23 -26.09 31.38
CA LYS D 9 -1.60 -24.66 31.45
C LYS D 9 -0.45 -23.77 31.06
N ALA D 10 -0.65 -23.01 30.00
CA ALA D 10 0.37 -22.14 29.45
C ALA D 10 0.08 -20.70 29.83
N ALA D 11 1.17 -20.00 30.16
CA ALA D 11 1.19 -18.55 30.19
C ALA D 11 1.76 -18.02 28.88
N ILE D 12 1.18 -16.94 28.37
CA ILE D 12 1.71 -16.28 27.19
C ILE D 12 2.14 -14.92 27.65
N LEU D 13 3.44 -14.69 27.59
CA LEU D 13 3.94 -13.37 27.95
C LEU D 13 3.74 -12.53 26.70
N GLY D 14 3.61 -11.22 26.91
CA GLY D 14 3.37 -10.30 25.77
C GLY D 14 2.17 -10.73 24.95
N ALA D 15 1.12 -11.20 25.65
CA ALA D 15 -0.01 -11.89 25.00
C ALA D 15 -0.73 -11.06 23.94
N THR D 16 -0.72 -9.73 24.12
CA THR D 16 -1.41 -8.79 23.19
C THR D 16 -0.62 -8.58 21.90
N GLY D 17 0.67 -8.92 21.93
CA GLY D 17 1.56 -8.59 20.82
C GLY D 17 1.31 -9.46 19.59
N LEU D 18 1.96 -9.13 18.47
CA LEU D 18 1.76 -9.87 17.22
C LEU D 18 2.11 -11.37 17.20
N VAL D 19 3.01 -11.78 18.09
CA VAL D 19 3.31 -13.20 18.25
C VAL D 19 2.36 -13.76 19.31
N GLY D 20 2.19 -13.04 20.42
CA GLY D 20 1.24 -13.43 21.49
C GLY D 20 -0.11 -13.85 20.98
N ILE D 21 -0.60 -13.15 19.95
CA ILE D 21 -1.91 -13.48 19.38
C ILE D 21 -1.97 -14.84 18.65
N GLU D 22 -0.83 -15.24 18.11
CA GLU D 22 -0.74 -16.51 17.40
C GLU D 22 -0.70 -17.65 18.43
N TYR D 23 0.00 -17.46 19.54
CA TYR D 23 -0.12 -18.39 20.70
C TYR D 23 -1.57 -18.56 21.08
N VAL D 24 -2.31 -17.44 21.17
CA VAL D 24 -3.69 -17.52 21.65
C VAL D 24 -4.55 -18.23 20.61
N ARG D 25 -4.37 -17.89 19.32
CA ARG D 25 -5.20 -18.50 18.26
C ARG D 25 -4.91 -20.00 18.20
N MET D 26 -3.63 -20.34 18.18
CA MET D 26 -3.26 -21.73 18.04
C MET D 26 -3.57 -22.58 19.28
N LEU D 27 -3.21 -22.13 20.48
CA LEU D 27 -3.48 -22.92 21.69
C LEU D 27 -4.98 -23.06 21.99
N SER D 28 -5.76 -22.11 21.50
CA SER D 28 -7.19 -22.19 21.55
C SER D 28 -7.71 -23.45 20.85
N ASN D 29 -7.01 -23.89 19.81
CA ASN D 29 -7.38 -25.11 19.10
C ASN D 29 -6.53 -26.31 19.50
N HIS D 30 -5.67 -26.17 20.50
CA HIS D 30 -4.73 -27.27 20.89
C HIS D 30 -5.34 -28.39 21.77
N PRO D 31 -5.05 -29.66 21.43
CA PRO D 31 -5.70 -30.76 22.16
C PRO D 31 -5.25 -30.91 23.63
N TYR D 32 -4.17 -30.27 24.07
CA TYR D 32 -3.76 -30.42 25.45
C TYR D 32 -2.93 -29.28 26.10
N ILE D 33 -2.59 -28.23 25.37
CA ILE D 33 -1.97 -27.05 25.97
C ILE D 33 -2.92 -25.88 25.86
N LYS D 34 -3.42 -25.39 27.01
CA LYS D 34 -4.40 -24.28 27.03
C LYS D 34 -3.75 -22.95 27.35
N PRO D 35 -4.21 -21.85 26.73
CA PRO D 35 -3.72 -20.53 27.11
C PRO D 35 -4.46 -20.09 28.38
N ALA D 36 -3.85 -20.38 29.54
CA ALA D 36 -4.49 -20.24 30.85
C ALA D 36 -4.18 -18.92 31.52
N TYR D 37 -3.12 -18.24 31.06
CA TYR D 37 -2.66 -17.04 31.71
C TYR D 37 -2.11 -16.07 30.66
N LEU D 38 -2.82 -14.96 30.48
CA LEU D 38 -2.40 -13.99 29.50
C LEU D 38 -1.71 -12.86 30.23
N ALA D 39 -0.41 -12.76 30.03
CA ALA D 39 0.40 -11.79 30.76
C ALA D 39 0.68 -10.54 29.96
N GLY D 40 0.80 -9.43 30.68
CA GLY D 40 1.40 -8.24 30.07
C GLY D 40 1.99 -7.28 31.09
N LYS D 41 1.78 -5.99 30.85
CA LYS D 41 2.30 -4.95 31.72
C LYS D 41 1.36 -3.76 31.61
N GLY D 42 1.36 -3.14 30.43
CA GLY D 42 0.57 -1.96 30.14
C GLY D 42 -0.93 -2.10 30.36
N SER D 43 -1.52 -3.23 29.98
CA SER D 43 -2.98 -3.39 30.08
C SER D 43 -3.41 -4.40 31.12
N VAL D 44 -2.53 -4.67 32.08
CA VAL D 44 -2.89 -5.52 33.22
C VAL D 44 -4.16 -4.97 33.85
N GLY D 45 -5.11 -5.86 34.15
CA GLY D 45 -6.44 -5.49 34.66
C GLY D 45 -7.56 -5.44 33.63
N LYS D 46 -7.21 -5.31 32.35
CA LYS D 46 -8.16 -5.16 31.25
C LYS D 46 -8.51 -6.49 30.58
N PRO D 47 -9.77 -6.64 30.15
CA PRO D 47 -10.18 -7.78 29.34
C PRO D 47 -9.30 -7.85 28.08
N TYR D 48 -8.86 -9.06 27.75
CA TYR D 48 -7.99 -9.30 26.60
C TYR D 48 -8.57 -8.77 25.28
N GLY D 49 -9.81 -9.16 24.96
CA GLY D 49 -10.47 -8.80 23.69
C GLY D 49 -10.78 -7.33 23.54
N GLU D 50 -10.93 -6.66 24.68
CA GLU D 50 -11.06 -5.21 24.72
C GLU D 50 -9.79 -4.48 24.27
N VAL D 51 -8.61 -5.05 24.55
CA VAL D 51 -7.39 -4.33 24.24
C VAL D 51 -6.53 -4.86 23.08
N VAL D 52 -6.61 -6.16 22.79
CA VAL D 52 -5.77 -6.76 21.76
C VAL D 52 -6.01 -6.22 20.34
N ARG D 53 -4.93 -5.97 19.62
CA ARG D 53 -5.01 -5.82 18.18
C ARG D 53 -4.93 -7.21 17.47
N TRP D 54 -6.10 -7.67 17.01
CA TRP D 54 -6.22 -9.02 16.47
C TRP D 54 -5.85 -9.03 15.01
N GLN D 55 -4.54 -8.93 14.75
CA GLN D 55 -4.01 -8.85 13.39
C GLN D 55 -3.59 -10.22 12.84
N THR D 56 -4.57 -11.11 12.80
CA THR D 56 -4.40 -12.48 12.33
C THR D 56 -5.79 -12.96 11.86
N VAL D 57 -5.85 -14.20 11.38
CA VAL D 57 -7.08 -14.77 10.81
C VAL D 57 -8.20 -14.90 11.85
N GLY D 58 -9.45 -14.77 11.42
CA GLY D 58 -10.59 -14.97 12.31
C GLY D 58 -10.72 -13.86 13.35
N GLN D 59 -11.25 -14.23 14.51
CA GLN D 59 -11.54 -13.29 15.59
C GLN D 59 -10.90 -13.82 16.88
N VAL D 60 -10.70 -12.95 17.86
CA VAL D 60 -10.29 -13.39 19.19
C VAL D 60 -11.17 -14.56 19.72
N PRO D 61 -10.59 -15.72 20.07
CA PRO D 61 -11.39 -16.85 20.59
C PRO D 61 -12.36 -16.42 21.67
N LYS D 62 -13.60 -16.91 21.57
CA LYS D 62 -14.62 -16.47 22.47
C LYS D 62 -14.32 -16.78 23.95
N GLU D 63 -13.77 -17.97 24.20
CA GLU D 63 -13.40 -18.37 25.56
C GLU D 63 -12.17 -17.62 26.13
N ILE D 64 -11.64 -16.67 25.35
CA ILE D 64 -10.41 -15.98 25.69
C ILE D 64 -10.62 -14.47 25.87
N ALA D 65 -11.47 -13.89 25.03
CA ALA D 65 -11.77 -12.44 25.03
C ALA D 65 -12.04 -11.86 26.43
N ASP D 66 -12.77 -12.61 27.23
CA ASP D 66 -13.14 -12.17 28.58
C ASP D 66 -12.03 -12.32 29.62
N MET D 67 -10.94 -13.00 29.25
CA MET D 67 -9.85 -13.26 30.20
C MET D 67 -9.08 -11.98 30.44
N GLU D 68 -8.80 -11.69 31.71
CA GLU D 68 -8.03 -10.49 31.97
C GLU D 68 -6.52 -10.69 31.94
N ILE D 69 -5.87 -9.65 31.46
CA ILE D 69 -4.44 -9.56 31.40
C ILE D 69 -3.88 -9.48 32.80
N LYS D 70 -2.87 -10.31 33.07
CA LYS D 70 -2.35 -10.44 34.42
C LYS D 70 -0.88 -10.09 34.48
N PRO D 71 -0.33 -9.84 35.68
CA PRO D 71 1.06 -9.41 35.76
C PRO D 71 2.00 -10.51 35.31
N THR D 72 3.12 -10.08 34.75
CA THR D 72 4.20 -10.96 34.37
C THR D 72 5.06 -11.13 35.62
N ASP D 73 4.63 -12.04 36.51
CA ASP D 73 5.28 -12.28 37.82
C ASP D 73 5.16 -13.75 38.27
N PRO D 74 6.29 -14.45 38.41
CA PRO D 74 6.30 -15.88 38.81
C PRO D 74 5.43 -16.23 40.02
N LYS D 75 5.51 -15.44 41.08
CA LYS D 75 4.79 -15.70 42.33
C LYS D 75 3.27 -15.68 42.14
N LEU D 76 2.84 -15.23 40.96
CA LEU D 76 1.43 -15.21 40.62
C LEU D 76 1.01 -16.42 39.79
N MET D 77 1.98 -17.20 39.35
CA MET D 77 1.73 -18.19 38.32
C MET D 77 1.91 -19.62 38.82
N ASP D 78 1.47 -19.88 40.04
CA ASP D 78 1.66 -21.18 40.72
C ASP D 78 0.98 -22.36 40.01
N ASP D 79 -0.12 -22.09 39.31
CA ASP D 79 -0.89 -23.08 38.56
C ASP D 79 -0.40 -23.29 37.09
N VAL D 80 0.61 -22.54 36.68
CA VAL D 80 1.07 -22.58 35.28
C VAL D 80 2.13 -23.66 35.01
N ASP D 81 2.01 -24.34 33.87
CA ASP D 81 2.92 -25.47 33.50
C ASP D 81 4.00 -25.13 32.47
N ILE D 82 3.73 -24.14 31.61
CA ILE D 82 4.64 -23.79 30.50
C ILE D 82 4.59 -22.28 30.28
N ILE D 83 5.76 -21.66 30.11
CA ILE D 83 5.84 -20.24 29.75
C ILE D 83 6.26 -20.07 28.29
N PHE D 84 5.44 -19.39 27.49
CA PHE D 84 5.87 -18.99 26.12
C PHE D 84 6.21 -17.51 26.19
N SER D 85 7.41 -17.15 25.76
CA SER D 85 7.93 -15.81 25.96
C SER D 85 8.35 -15.17 24.64
N PRO D 86 7.46 -14.38 24.02
CA PRO D 86 7.88 -13.56 22.86
C PRO D 86 8.09 -12.15 23.38
N LEU D 87 9.19 -11.92 24.07
CA LEU D 87 9.35 -10.61 24.68
C LEU D 87 10.41 -9.86 23.88
N PRO D 88 10.41 -8.53 23.95
CA PRO D 88 11.40 -7.75 23.23
C PRO D 88 12.80 -7.97 23.78
N GLN D 89 13.80 -7.84 22.90
CA GLN D 89 15.25 -7.89 23.22
C GLN D 89 15.66 -6.97 24.37
N GLY D 90 16.57 -7.44 25.22
CA GLY D 90 17.00 -6.67 26.37
C GLY D 90 16.08 -6.89 27.57
N ALA D 91 14.79 -6.76 27.36
CA ALA D 91 13.86 -7.10 28.45
C ALA D 91 13.86 -8.63 28.69
N ALA D 92 13.82 -9.40 27.59
CA ALA D 92 13.53 -10.83 27.62
C ALA D 92 14.53 -11.66 28.43
N GLY D 93 15.83 -11.44 28.18
CA GLY D 93 16.93 -12.16 28.83
C GLY D 93 16.72 -12.41 30.32
N PRO D 94 16.61 -11.33 31.10
CA PRO D 94 16.49 -11.49 32.56
C PRO D 94 15.10 -12.00 33.02
N VAL D 95 14.02 -11.67 32.31
CA VAL D 95 12.69 -12.20 32.69
C VAL D 95 12.68 -13.74 32.47
N GLU D 96 13.23 -14.19 31.35
CA GLU D 96 13.28 -15.58 31.01
C GLU D 96 14.07 -16.37 32.06
N GLU D 97 15.14 -15.76 32.56
CA GLU D 97 15.97 -16.40 33.55
C GLU D 97 15.25 -16.46 34.90
N GLN D 98 14.48 -15.41 35.19
CA GLN D 98 13.68 -15.37 36.40
C GLN D 98 12.70 -16.54 36.44
N PHE D 99 11.98 -16.76 35.34
CA PHE D 99 11.03 -17.86 35.21
C PHE D 99 11.67 -19.23 35.31
N ALA D 100 12.79 -19.42 34.61
CA ALA D 100 13.51 -20.69 34.61
C ALA D 100 13.97 -21.01 36.02
N LYS D 101 14.55 -20.02 36.70
CA LYS D 101 14.94 -20.13 38.09
C LYS D 101 13.79 -20.53 39.00
N GLU D 102 12.58 -20.08 38.68
CA GLU D 102 11.39 -20.43 39.48
C GLU D 102 10.74 -21.79 39.12
N GLY D 103 11.42 -22.57 38.27
CA GLY D 103 11.00 -23.93 37.96
C GLY D 103 10.23 -24.06 36.67
N PHE D 104 10.06 -22.98 35.91
CA PHE D 104 9.26 -23.04 34.66
C PHE D 104 10.01 -23.53 33.40
N PRO D 105 9.37 -24.33 32.56
CA PRO D 105 9.86 -24.51 31.19
C PRO D 105 9.58 -23.20 30.43
N VAL D 106 10.58 -22.63 29.77
CA VAL D 106 10.42 -21.35 29.08
C VAL D 106 10.80 -21.55 27.64
N ILE D 107 9.85 -21.28 26.73
CA ILE D 107 10.06 -21.41 25.31
C ILE D 107 10.00 -19.98 24.78
N SER D 108 11.17 -19.48 24.36
CA SER D 108 11.35 -18.05 24.07
C SER D 108 11.46 -17.84 22.58
N ASN D 109 10.81 -16.79 22.06
CA ASN D 109 11.06 -16.38 20.69
C ASN D 109 11.92 -15.13 20.65
N SER D 110 12.63 -14.86 21.75
CA SER D 110 13.42 -13.63 21.88
C SER D 110 14.87 -13.92 21.52
N PRO D 111 15.60 -12.89 21.09
CA PRO D 111 17.02 -13.10 20.72
C PRO D 111 17.94 -13.32 21.91
N ASP D 112 17.60 -12.82 23.09
CA ASP D 112 18.56 -12.70 24.17
C ASP D 112 19.36 -14.00 24.47
N HIS D 113 18.69 -15.15 24.56
CA HIS D 113 19.41 -16.41 24.92
C HIS D 113 19.79 -17.32 23.72
N ARG D 114 19.62 -16.82 22.48
CA ARG D 114 19.84 -17.66 21.29
C ARG D 114 21.27 -18.19 21.12
N PHE D 115 22.26 -17.51 21.68
CA PHE D 115 23.64 -17.96 21.54
C PHE D 115 24.21 -18.53 22.82
N ASP D 116 23.39 -18.66 23.87
CA ASP D 116 23.82 -19.30 25.12
C ASP D 116 24.20 -20.73 24.79
N PRO D 117 25.42 -21.17 25.18
CA PRO D 117 25.89 -22.50 24.77
C PRO D 117 25.04 -23.69 25.27
N ASP D 118 24.27 -23.50 26.35
CA ASP D 118 23.46 -24.55 26.98
C ASP D 118 21.95 -24.39 26.67
N VAL D 119 21.64 -23.54 25.71
CA VAL D 119 20.29 -23.22 25.39
C VAL D 119 19.99 -23.67 23.94
N PRO D 120 19.04 -24.59 23.79
CA PRO D 120 18.62 -24.99 22.43
C PRO D 120 18.08 -23.83 21.55
N LEU D 121 18.66 -23.70 20.37
CA LEU D 121 18.17 -22.77 19.33
C LEU D 121 17.56 -23.70 18.34
N LEU D 122 16.25 -23.86 18.46
CA LEU D 122 15.59 -25.10 18.10
C LEU D 122 14.63 -25.00 16.91
N VAL D 123 14.90 -25.78 15.87
CA VAL D 123 13.93 -25.96 14.81
C VAL D 123 13.65 -27.45 14.85
N PRO D 124 12.46 -27.84 15.32
CA PRO D 124 12.25 -29.26 15.70
C PRO D 124 12.63 -30.23 14.59
N GLU D 125 12.36 -29.86 13.33
CA GLU D 125 12.64 -30.75 12.18
C GLU D 125 14.13 -30.80 11.82
N LEU D 126 14.92 -29.84 12.33
CA LEU D 126 16.33 -29.77 11.96
C LEU D 126 17.29 -30.30 13.02
N ASN D 127 17.08 -29.92 14.27
CA ASN D 127 18.01 -30.28 15.34
C ASN D 127 17.28 -30.69 16.61
N PRO D 128 16.29 -31.59 16.48
CA PRO D 128 15.55 -32.07 17.64
C PRO D 128 16.45 -32.61 18.76
N HIS D 129 17.58 -33.22 18.41
CA HIS D 129 18.51 -33.81 19.41
C HIS D 129 19.15 -32.78 20.36
N THR D 130 19.23 -31.51 19.93
CA THR D 130 19.87 -30.48 20.76
C THR D 130 19.07 -30.13 22.02
N ILE D 131 17.86 -30.66 22.17
CA ILE D 131 17.11 -30.53 23.44
C ILE D 131 17.84 -31.15 24.63
N SER D 132 18.71 -32.12 24.39
CA SER D 132 19.50 -32.73 25.46
C SER D 132 20.43 -31.72 26.18
N LEU D 133 20.70 -30.58 25.55
CA LEU D 133 21.42 -29.48 26.23
C LEU D 133 20.74 -29.03 27.52
N ILE D 134 19.42 -29.20 27.62
CA ILE D 134 18.63 -28.83 28.78
C ILE D 134 19.15 -29.49 30.05
N ASP D 135 19.53 -30.76 29.96
CA ASP D 135 20.12 -31.45 31.11
C ASP D 135 21.38 -30.79 31.69
N GLU D 136 22.31 -30.35 30.85
CA GLU D 136 23.48 -29.65 31.38
C GLU D 136 23.12 -28.23 31.78
N GLN D 137 22.21 -27.59 31.04
CA GLN D 137 21.75 -26.23 31.41
C GLN D 137 21.29 -26.20 32.88
N ARG D 138 20.46 -27.18 33.25
CA ARG D 138 19.94 -27.30 34.62
C ARG D 138 21.03 -27.43 35.67
N LYS D 139 22.04 -28.27 35.44
CA LYS D 139 23.19 -28.43 36.36
C LYS D 139 24.03 -27.17 36.41
N ARG D 140 24.32 -26.63 35.23
CA ARG D 140 25.11 -25.43 35.07
C ARG D 140 24.53 -24.24 35.82
N ARG D 141 23.24 -23.99 35.63
CA ARG D 141 22.57 -22.78 36.13
C ARG D 141 21.82 -23.01 37.43
N GLU D 142 21.83 -24.25 37.91
CA GLU D 142 21.21 -24.62 39.19
C GLU D 142 19.73 -24.24 39.20
N TRP D 143 19.00 -24.74 38.22
CA TRP D 143 17.58 -24.46 38.17
C TRP D 143 16.76 -25.61 37.62
N LYS D 144 15.50 -25.71 38.07
CA LYS D 144 14.67 -26.85 37.75
C LYS D 144 13.89 -26.61 36.47
N GLY D 145 13.71 -25.34 36.12
CA GLY D 145 13.12 -25.04 34.83
C GLY D 145 14.18 -25.09 33.73
N PHE D 146 13.96 -24.36 32.63
CA PHE D 146 14.90 -24.28 31.51
C PHE D 146 14.48 -23.23 30.50
N ILE D 147 15.40 -22.92 29.59
CA ILE D 147 15.16 -22.02 28.49
C ILE D 147 15.49 -22.70 27.17
N VAL D 148 14.55 -22.62 26.25
CA VAL D 148 14.75 -23.11 24.90
C VAL D 148 14.35 -21.91 24.04
N THR D 149 15.13 -21.63 23.02
CA THR D 149 14.76 -20.50 22.13
C THR D 149 14.41 -21.01 20.76
N THR D 150 13.61 -20.24 20.04
CA THR D 150 13.44 -20.46 18.62
C THR D 150 14.26 -19.39 17.87
N PRO D 151 14.64 -19.69 16.63
CA PRO D 151 15.47 -18.76 15.88
C PRO D 151 14.65 -17.61 15.32
N LEU D 152 15.36 -16.55 14.96
CA LEU D 152 14.80 -15.45 14.19
C LEU D 152 13.96 -15.98 13.02
N CYS D 153 12.70 -15.53 12.90
CA CYS D 153 11.89 -16.02 11.78
C CYS D 153 12.66 -15.95 10.43
N THR D 154 13.31 -14.82 10.16
CA THR D 154 14.08 -14.68 8.90
C THR D 154 15.13 -15.80 8.71
N ALA D 155 15.83 -16.15 9.77
CA ALA D 155 16.81 -17.27 9.75
C ALA D 155 16.13 -18.59 9.43
N GLN D 156 14.92 -18.78 9.96
CA GLN D 156 14.20 -20.05 9.75
C GLN D 156 13.77 -20.20 8.33
N GLY D 157 13.36 -19.08 7.71
CA GLY D 157 12.98 -19.10 6.29
C GLY D 157 14.11 -19.66 5.44
N ALA D 158 15.35 -19.28 5.76
CA ALA D 158 16.53 -19.80 5.06
C ALA D 158 16.97 -21.18 5.58
N ALA D 159 17.09 -21.31 6.90
CA ALA D 159 17.77 -22.48 7.49
C ALA D 159 16.99 -23.77 7.29
N ILE D 160 15.66 -23.68 7.22
CA ILE D 160 14.85 -24.84 6.99
C ILE D 160 15.13 -25.50 5.58
N PRO D 161 15.01 -24.76 4.47
CA PRO D 161 15.34 -25.42 3.18
C PRO D 161 16.86 -25.69 3.07
N LEU D 162 17.69 -24.75 3.55
CA LEU D 162 19.13 -24.98 3.54
C LEU D 162 19.60 -26.16 4.41
N GLY D 163 18.98 -26.35 5.57
CA GLY D 163 19.30 -27.48 6.44
C GLY D 163 18.99 -28.80 5.75
N ALA D 164 17.87 -28.82 5.03
CA ALA D 164 17.44 -30.00 4.27
C ALA D 164 18.48 -30.33 3.18
N ILE D 165 18.96 -29.29 2.50
CA ILE D 165 19.98 -29.46 1.46
C ILE D 165 21.34 -29.84 2.06
N PHE D 166 21.78 -29.11 3.08
CA PHE D 166 23.10 -29.31 3.70
C PHE D 166 23.24 -30.75 4.19
N LYS D 167 22.14 -31.30 4.71
CA LYS D 167 22.07 -32.69 5.13
C LYS D 167 22.55 -33.68 4.05
N ASP D 168 22.08 -33.49 2.83
CA ASP D 168 22.30 -34.48 1.78
C ASP D 168 23.25 -34.03 0.65
N TYR D 169 23.72 -32.77 0.69
CA TYR D 169 24.52 -32.19 -0.42
C TYR D 169 25.76 -31.42 0.06
N LYS D 170 26.77 -31.39 -0.80
CA LYS D 170 28.01 -30.64 -0.59
C LYS D 170 27.81 -29.11 -0.78
N MET D 171 26.87 -28.53 -0.07
CA MET D 171 26.60 -27.10 -0.18
C MET D 171 27.75 -26.30 0.46
N ASP D 172 28.27 -25.32 -0.30
CA ASP D 172 29.38 -24.50 0.18
C ASP D 172 29.03 -23.01 0.22
N GLY D 173 27.77 -22.68 -0.07
CA GLY D 173 27.32 -21.30 0.00
C GLY D 173 25.84 -21.08 -0.22
N ALA D 174 25.30 -20.02 0.38
CA ALA D 174 23.94 -19.58 0.08
C ALA D 174 23.90 -18.07 0.21
N PHE D 175 23.29 -17.44 -0.77
CA PHE D 175 23.36 -15.99 -0.88
C PHE D 175 21.94 -15.50 -1.01
N ILE D 176 21.49 -14.81 0.03
CA ILE D 176 20.09 -14.65 0.29
C ILE D 176 19.66 -13.19 0.16
N THR D 177 18.47 -12.99 -0.39
CA THR D 177 17.80 -11.69 -0.37
C THR D 177 16.46 -11.90 0.34
N THR D 178 16.15 -11.07 1.33
CA THR D 178 14.84 -11.19 1.98
C THR D 178 13.95 -9.98 1.74
N ILE D 179 12.65 -10.24 1.62
CA ILE D 179 11.60 -9.24 1.49
C ILE D 179 10.56 -9.58 2.57
N GLN D 180 10.75 -8.94 3.72
CA GLN D 180 10.07 -9.34 4.97
C GLN D 180 8.86 -8.49 5.25
N SER D 181 7.91 -9.05 5.99
CA SER D 181 6.64 -8.43 6.31
C SER D 181 6.80 -7.56 7.51
N LEU D 182 5.79 -6.71 7.75
CA LEU D 182 5.79 -5.75 8.87
C LEU D 182 5.55 -6.37 10.27
N SER D 183 4.74 -7.43 10.35
CA SER D 183 4.38 -8.04 11.65
C SER D 183 5.65 -8.42 12.39
N GLY D 184 6.70 -8.80 11.67
CA GLY D 184 8.01 -9.13 12.30
C GLY D 184 8.59 -8.06 13.22
N ALA D 185 8.26 -6.79 12.97
CA ALA D 185 8.87 -5.70 13.70
C ALA D 185 8.03 -5.36 14.91
N GLY D 186 6.88 -5.99 15.05
CA GLY D 186 5.99 -5.65 16.19
C GLY D 186 5.17 -4.39 15.96
N TYR D 187 4.55 -3.94 17.04
CA TYR D 187 3.73 -2.76 17.00
C TYR D 187 4.15 -1.91 18.17
N PRO D 188 4.41 -0.59 17.95
CA PRO D 188 4.25 0.24 16.72
C PRO D 188 5.15 -0.19 15.54
N GLY D 189 6.27 -0.83 15.83
CA GLY D 189 7.16 -1.35 14.80
C GLY D 189 7.56 -0.33 13.72
N ILE D 190 7.45 -0.75 12.47
CA ILE D 190 7.79 0.08 11.30
C ILE D 190 6.83 1.27 11.07
N PRO D 191 7.36 2.49 11.04
CA PRO D 191 6.53 3.68 10.67
C PRO D 191 5.95 3.52 9.25
N SER D 192 4.69 3.88 9.05
CA SER D 192 4.09 3.79 7.67
C SER D 192 4.90 4.47 6.55
N LEU D 193 5.49 5.62 6.89
CA LEU D 193 6.20 6.43 5.90
C LEU D 193 7.48 5.72 5.44
N ASP D 194 7.87 4.65 6.16
CA ASP D 194 9.02 3.88 5.76
C ASP D 194 8.71 2.89 4.68
N VAL D 195 7.45 2.55 4.51
CA VAL D 195 7.18 1.46 3.55
C VAL D 195 6.13 1.78 2.50
N VAL D 196 5.51 2.96 2.55
CA VAL D 196 4.57 3.28 1.46
C VAL D 196 5.43 3.76 0.25
N ASP D 197 5.31 3.10 -0.92
CA ASP D 197 6.09 3.53 -2.12
C ASP D 197 7.56 3.42 -1.77
N ASN D 198 7.97 2.38 -1.02
CA ASN D 198 9.38 2.33 -0.61
C ASN D 198 9.76 0.90 -0.25
N ILE D 199 11.06 0.62 -0.22
CA ILE D 199 11.59 -0.65 0.33
C ILE D 199 12.51 -0.25 1.43
N LEU D 200 12.38 -0.88 2.59
CA LEU D 200 13.23 -0.51 3.74
C LEU D 200 14.32 -1.56 3.98
N PRO D 201 15.59 -1.22 3.72
CA PRO D 201 16.69 -2.14 4.07
C PRO D 201 16.87 -2.12 5.57
N LEU D 202 17.16 -3.27 6.14
CA LEU D 202 17.29 -3.38 7.59
C LEU D 202 18.73 -3.07 8.06
N GLY D 203 19.71 -3.20 7.17
CA GLY D 203 21.09 -2.87 7.59
C GLY D 203 22.03 -4.04 7.93
N ASP D 204 23.30 -3.75 8.12
CA ASP D 204 24.36 -4.76 8.32
C ASP D 204 24.20 -5.59 9.62
N GLY D 205 23.72 -4.97 10.69
CA GLY D 205 23.51 -5.70 11.96
C GLY D 205 22.43 -6.76 11.78
N TYR D 206 21.39 -6.45 11.02
CA TYR D 206 20.29 -7.40 10.89
C TYR D 206 20.72 -8.55 9.94
N ASP D 207 21.35 -8.19 8.83
CA ASP D 207 21.92 -9.17 7.89
C ASP D 207 22.88 -10.10 8.68
N ALA D 208 23.78 -9.53 9.47
CA ALA D 208 24.78 -10.32 10.17
C ALA D 208 24.10 -11.27 11.16
N LYS D 209 23.07 -10.78 11.86
CA LYS D 209 22.43 -11.61 12.87
C LYS D 209 21.63 -12.77 12.25
N THR D 210 21.08 -12.56 11.07
CA THR D 210 20.37 -13.59 10.33
C THR D 210 21.36 -14.72 9.97
N ILE D 211 22.50 -14.34 9.41
CA ILE D 211 23.58 -15.25 9.09
C ILE D 211 24.14 -16.00 10.32
N LYS D 212 24.38 -15.30 11.42
CA LYS D 212 24.95 -15.97 12.59
C LYS D 212 24.02 -17.08 13.13
N GLU D 213 22.73 -16.80 13.08
CA GLU D 213 21.71 -17.73 13.55
C GLU D 213 21.63 -18.94 12.61
N ILE D 214 21.68 -18.71 11.30
CA ILE D 214 21.73 -19.82 10.32
C ILE D 214 22.94 -20.69 10.57
N PHE D 215 24.14 -20.09 10.76
CA PHE D 215 25.34 -20.87 11.08
C PHE D 215 25.13 -21.75 12.29
N ARG D 216 24.56 -21.21 13.39
CA ARG D 216 24.32 -22.08 14.55
C ARG D 216 23.41 -23.27 14.23
N ILE D 217 22.29 -23.00 13.54
CA ILE D 217 21.35 -24.04 13.11
C ILE D 217 22.03 -25.10 12.22
N LEU D 218 22.72 -24.68 11.15
CA LEU D 218 23.39 -25.66 10.27
C LEU D 218 24.45 -26.48 11.00
N SER D 219 25.06 -25.90 12.02
CA SER D 219 26.16 -26.58 12.70
C SER D 219 25.58 -27.71 13.53
N GLU D 220 24.26 -27.67 13.75
CA GLU D 220 23.62 -28.75 14.53
C GLU D 220 22.84 -29.81 13.71
N VAL D 221 22.78 -29.64 12.39
CA VAL D 221 22.17 -30.65 11.52
C VAL D 221 23.06 -31.90 11.47
N LYS D 222 22.46 -33.09 11.56
CA LYS D 222 23.20 -34.34 11.38
C LYS D 222 23.25 -34.66 9.90
N ARG D 223 24.42 -34.51 9.29
CA ARG D 223 24.54 -34.59 7.85
C ARG D 223 24.82 -36.01 7.38
N ASN D 224 24.30 -36.36 6.19
CA ASN D 224 24.65 -37.64 5.55
C ASN D 224 25.89 -37.59 4.63
N VAL D 225 26.42 -36.41 4.34
CA VAL D 225 27.76 -36.26 3.75
C VAL D 225 28.60 -35.42 4.71
N ASP D 226 29.91 -35.46 4.60
CA ASP D 226 30.70 -34.72 5.59
C ASP D 226 31.47 -33.59 4.93
N GLU D 227 31.06 -33.22 3.72
CA GLU D 227 31.78 -32.19 2.99
C GLU D 227 30.82 -31.20 2.35
N PRO D 228 31.21 -29.92 2.32
CA PRO D 228 32.42 -29.43 2.96
C PRO D 228 32.19 -29.23 4.47
N LYS D 229 33.24 -28.86 5.21
CA LYS D 229 33.04 -28.44 6.61
C LYS D 229 32.23 -27.14 6.68
N LEU D 230 31.42 -26.98 7.73
CA LEU D 230 30.64 -25.75 7.90
C LEU D 230 31.50 -24.48 7.92
N GLU D 231 32.69 -24.56 8.52
CA GLU D 231 33.60 -23.41 8.61
C GLU D 231 34.01 -22.94 7.21
N ASP D 232 33.82 -23.82 6.22
CA ASP D 232 34.16 -23.54 4.85
C ASP D 232 32.94 -23.04 4.04
N VAL D 233 31.78 -22.93 4.69
CA VAL D 233 30.58 -22.54 3.99
C VAL D 233 30.43 -20.99 4.03
N SER D 234 30.12 -20.40 2.88
CA SER D 234 30.00 -18.96 2.79
C SER D 234 28.51 -18.52 2.80
N LEU D 235 28.04 -17.81 3.81
CA LEU D 235 26.65 -17.29 3.80
C LEU D 235 26.61 -15.77 3.70
N ALA D 236 25.57 -15.25 3.09
CA ALA D 236 25.32 -13.80 3.03
C ALA D 236 23.82 -13.53 2.97
N ALA D 237 23.39 -12.43 3.57
CA ALA D 237 22.01 -12.04 3.51
C ALA D 237 21.89 -10.53 3.29
N THR D 238 20.88 -10.17 2.53
CA THR D 238 20.50 -8.78 2.31
C THR D 238 19.03 -8.68 2.60
N THR D 239 18.73 -8.02 3.73
CA THR D 239 17.42 -8.06 4.32
C THR D 239 16.70 -6.69 4.17
N HIS D 240 15.37 -6.78 4.03
CA HIS D 240 14.47 -5.62 3.74
C HIS D 240 13.10 -5.95 4.33
N ARG D 241 12.35 -4.89 4.60
CA ARG D 241 10.94 -4.95 4.85
C ARG D 241 10.17 -4.14 3.82
N ILE D 242 8.97 -4.60 3.53
CA ILE D 242 8.03 -3.87 2.68
C ILE D 242 6.65 -3.99 3.32
N ALA D 243 5.67 -3.40 2.65
CA ALA D 243 4.33 -3.30 3.28
C ALA D 243 3.46 -4.58 3.20
N THR D 244 4.01 -5.72 3.61
CA THR D 244 3.17 -6.94 3.66
C THR D 244 2.88 -7.18 5.15
N ILE D 245 1.77 -7.80 5.46
CA ILE D 245 1.42 -7.90 6.86
C ILE D 245 2.18 -9.09 7.52
N HIS D 246 2.12 -10.29 6.91
CA HIS D 246 2.75 -11.52 7.44
C HIS D 246 3.41 -12.22 6.26
N GLY D 247 4.49 -12.97 6.48
CA GLY D 247 5.08 -13.80 5.42
C GLY D 247 6.40 -13.17 5.00
N HIS D 248 7.50 -13.85 5.24
CA HIS D 248 8.84 -13.40 4.81
C HIS D 248 9.20 -14.19 3.59
N TYR D 249 9.53 -13.47 2.52
CA TYR D 249 9.86 -14.10 1.25
C TYR D 249 11.38 -13.99 1.02
N GLU D 250 12.00 -15.04 0.52
CA GLU D 250 13.48 -15.05 0.43
C GLU D 250 13.90 -15.71 -0.88
N VAL D 251 14.94 -15.16 -1.49
CA VAL D 251 15.48 -15.71 -2.68
C VAL D 251 16.86 -16.21 -2.30
N LEU D 252 17.11 -17.48 -2.62
CA LEU D 252 18.32 -18.13 -2.21
C LEU D 252 19.07 -18.63 -3.46
N TYR D 253 20.31 -18.16 -3.61
CA TYR D 253 21.22 -18.71 -4.60
C TYR D 253 22.17 -19.59 -3.82
N VAL D 254 22.22 -20.86 -4.20
CA VAL D 254 22.82 -21.90 -3.40
C VAL D 254 23.93 -22.59 -4.23
N SER D 255 25.17 -22.51 -3.78
CA SER D 255 26.26 -23.19 -4.47
C SER D 255 26.72 -24.46 -3.79
N PHE D 256 27.18 -25.40 -4.62
CA PHE D 256 27.68 -26.69 -4.16
C PHE D 256 29.13 -26.85 -4.59
N LYS D 257 29.85 -27.70 -3.86
CA LYS D 257 31.28 -27.89 -4.10
C LYS D 257 31.52 -28.81 -5.32
N GLU D 258 30.49 -29.56 -5.71
CA GLU D 258 30.55 -30.44 -6.90
C GLU D 258 29.27 -30.26 -7.70
N GLU D 259 29.27 -30.73 -8.94
CA GLU D 259 28.08 -30.71 -9.79
C GLU D 259 26.87 -31.34 -9.06
N THR D 260 25.72 -30.71 -9.21
CA THR D 260 24.52 -31.04 -8.39
C THR D 260 23.21 -30.72 -9.15
N ALA D 261 22.32 -31.71 -9.23
CA ALA D 261 21.05 -31.60 -9.96
C ALA D 261 19.94 -30.90 -9.18
N ALA D 262 19.40 -29.81 -9.74
CA ALA D 262 18.26 -29.12 -9.14
C ALA D 262 17.09 -30.08 -9.03
N GLU D 263 17.00 -31.00 -9.97
CA GLU D 263 15.97 -32.03 -9.93
C GLU D 263 16.04 -32.93 -8.69
N LYS D 264 17.26 -33.37 -8.36
CA LYS D 264 17.51 -34.14 -7.13
C LYS D 264 17.25 -33.29 -5.89
N VAL D 265 17.75 -32.05 -5.88
CA VAL D 265 17.61 -31.20 -4.72
C VAL D 265 16.12 -30.97 -4.40
N LYS D 266 15.31 -30.82 -5.45
CA LYS D 266 13.86 -30.58 -5.30
C LYS D 266 13.13 -31.80 -4.68
N GLU D 267 13.38 -32.98 -5.25
CA GLU D 267 12.95 -34.25 -4.68
C GLU D 267 13.30 -34.35 -3.19
N THR D 268 14.53 -33.92 -2.84
CA THR D 268 15.00 -33.90 -1.45
C THR D 268 14.17 -32.94 -0.60
N LEU D 269 13.75 -31.82 -1.18
CA LEU D 269 12.92 -30.87 -0.44
C LEU D 269 11.46 -31.35 -0.29
N GLU D 270 10.91 -31.92 -1.37
CA GLU D 270 9.58 -32.50 -1.36
C GLU D 270 9.42 -33.56 -0.28
N ASN D 271 10.42 -34.44 -0.19
CA ASN D 271 10.36 -35.62 0.70
C ASN D 271 10.89 -35.33 2.10
N PHE D 272 11.16 -34.06 2.40
CA PHE D 272 11.83 -33.75 3.64
C PHE D 272 10.89 -33.97 4.81
N ARG D 273 11.37 -34.68 5.82
CA ARG D 273 10.69 -34.77 7.13
C ARG D 273 11.67 -35.07 8.23
N GLY D 274 11.32 -34.69 9.46
CA GLY D 274 12.14 -35.06 10.62
C GLY D 274 11.35 -35.71 11.75
N GLU D 275 11.90 -35.68 12.95
CA GLU D 275 11.23 -36.21 14.15
C GLU D 275 9.75 -35.76 14.38
N PRO D 276 9.43 -34.47 14.26
CA PRO D 276 8.05 -34.03 14.58
C PRO D 276 6.97 -34.80 13.78
N GLN D 277 7.27 -35.09 12.50
CA GLN D 277 6.37 -35.86 11.66
C GLN D 277 6.37 -37.33 12.09
N ASP D 278 7.54 -37.86 12.49
CA ASP D 278 7.72 -39.23 12.98
C ASP D 278 6.91 -39.47 14.25
N LEU D 279 7.06 -38.54 15.19
CA LEU D 279 6.39 -38.63 16.49
C LEU D 279 4.95 -38.18 16.41
N LYS D 280 4.54 -37.70 15.22
CA LYS D 280 3.18 -37.20 14.98
C LYS D 280 2.75 -36.19 16.06
N LEU D 281 3.58 -35.18 16.31
CA LEU D 281 3.21 -34.09 17.20
C LEU D 281 2.04 -33.32 16.57
N PRO D 282 1.10 -32.84 17.41
CA PRO D 282 -0.14 -32.25 16.90
C PRO D 282 0.12 -31.03 15.97
N THR D 283 1.18 -30.27 16.22
CA THR D 283 1.43 -29.06 15.44
C THR D 283 2.43 -29.32 14.32
N ALA D 284 2.88 -30.56 14.21
CA ALA D 284 3.80 -30.94 13.13
C ALA D 284 3.04 -31.07 11.84
N PRO D 285 3.45 -30.32 10.84
CA PRO D 285 2.78 -30.35 9.55
C PRO D 285 3.22 -31.58 8.80
N SER D 286 2.30 -32.18 8.06
CA SER D 286 2.58 -33.34 7.21
C SER D 286 3.70 -33.06 6.20
N LYS D 287 3.79 -31.84 5.75
CA LYS D 287 4.90 -31.43 4.91
C LYS D 287 5.54 -30.14 5.43
N PRO D 288 6.60 -30.28 6.22
CA PRO D 288 7.28 -29.09 6.74
C PRO D 288 7.81 -28.24 5.58
N ILE D 289 8.17 -28.86 4.45
CA ILE D 289 8.43 -28.09 3.22
C ILE D 289 7.42 -28.40 2.12
N ILE D 290 6.70 -27.38 1.65
CA ILE D 290 5.82 -27.56 0.49
C ILE D 290 6.56 -27.03 -0.73
N VAL D 291 6.62 -27.84 -1.77
CA VAL D 291 7.31 -27.45 -2.99
C VAL D 291 6.29 -27.09 -4.05
N MET D 292 6.38 -25.88 -4.59
CA MET D 292 5.46 -25.50 -5.66
C MET D 292 6.14 -25.58 -7.03
N ASN D 293 5.38 -25.93 -8.07
CA ASN D 293 5.89 -26.02 -9.47
C ASN D 293 5.76 -24.80 -10.39
N GLU D 294 4.74 -23.98 -10.18
CA GLU D 294 4.50 -22.83 -11.09
C GLU D 294 5.52 -21.69 -10.93
N ASP D 295 5.84 -21.06 -12.04
CA ASP D 295 6.91 -20.07 -12.07
C ASP D 295 6.53 -18.71 -11.50
N THR D 296 5.36 -18.61 -10.88
CA THR D 296 5.01 -17.39 -10.15
C THR D 296 4.55 -17.75 -8.76
N ARG D 297 5.02 -18.87 -8.25
CA ARG D 297 4.66 -19.28 -6.90
C ARG D 297 5.91 -19.71 -6.16
N PRO D 298 5.94 -19.59 -4.81
CA PRO D 298 4.85 -19.07 -3.96
C PRO D 298 4.67 -17.55 -4.07
N GLN D 299 3.48 -17.09 -3.70
CA GLN D 299 3.25 -15.70 -3.48
C GLN D 299 2.84 -15.49 -2.00
N VAL D 300 3.33 -14.43 -1.37
CA VAL D 300 3.00 -14.08 0.02
C VAL D 300 1.55 -14.27 0.39
N TYR D 301 0.65 -13.58 -0.32
CA TYR D 301 -0.75 -13.54 0.11
C TYR D 301 -1.36 -14.96 0.01
N PHE D 302 -1.02 -15.66 -1.07
CA PHE D 302 -1.68 -16.90 -1.39
C PHE D 302 -1.14 -18.11 -0.68
N ASP D 303 0.13 -18.07 -0.30
CA ASP D 303 0.78 -19.26 0.17
C ASP D 303 1.20 -19.20 1.62
N ARG D 304 1.06 -18.03 2.26
CA ARG D 304 1.52 -17.90 3.64
C ARG D 304 0.74 -18.71 4.67
N TRP D 305 -0.49 -19.12 4.35
CA TRP D 305 -1.30 -19.87 5.26
C TRP D 305 -1.53 -21.29 4.72
N ALA D 306 -0.60 -21.78 3.89
CA ALA D 306 -0.77 -23.02 3.18
C ALA D 306 -0.50 -24.25 4.11
N GLY D 307 -0.94 -25.41 3.65
CA GLY D 307 -0.67 -26.71 4.30
C GLY D 307 -1.69 -27.15 5.35
N ASP D 308 -1.60 -28.42 5.73
CA ASP D 308 -2.60 -29.00 6.65
C ASP D 308 -2.65 -28.29 8.01
N ILE D 309 -1.51 -27.74 8.45
CA ILE D 309 -1.48 -26.87 9.64
C ILE D 309 -1.14 -25.43 9.12
N PRO D 310 -2.13 -24.55 9.01
CA PRO D 310 -1.90 -23.31 8.22
C PRO D 310 -0.80 -22.45 8.78
N GLY D 311 0.23 -22.19 7.99
CA GLY D 311 1.28 -21.36 8.46
C GLY D 311 2.42 -22.12 9.06
N MET D 312 2.30 -23.46 9.29
CA MET D 312 3.43 -24.25 9.79
C MET D 312 4.48 -24.73 8.73
N SER D 313 4.15 -24.71 7.45
CA SER D 313 5.08 -25.20 6.42
C SER D 313 5.85 -24.07 5.71
N VAL D 314 7.12 -24.31 5.41
CA VAL D 314 7.90 -23.36 4.63
C VAL D 314 7.58 -23.71 3.20
N VAL D 315 7.20 -22.72 2.40
CA VAL D 315 6.75 -23.05 1.05
C VAL D 315 7.84 -22.62 0.13
N VAL D 316 8.30 -23.54 -0.68
CA VAL D 316 9.47 -23.30 -1.50
C VAL D 316 9.02 -23.36 -2.95
N GLY D 317 9.71 -22.67 -3.84
CA GLY D 317 9.46 -22.82 -5.26
C GLY D 317 10.59 -22.30 -6.14
N ARG D 318 10.29 -22.19 -7.43
CA ARG D 318 11.25 -21.70 -8.44
C ARG D 318 12.58 -22.46 -8.51
N LEU D 319 12.61 -23.72 -8.07
CA LEU D 319 13.86 -24.50 -8.10
C LEU D 319 14.36 -24.45 -9.52
N LYS D 320 15.52 -23.84 -9.74
CA LYS D 320 16.14 -23.88 -11.06
C LYS D 320 17.67 -24.09 -11.04
N GLN D 321 18.15 -24.93 -11.96
CA GLN D 321 19.57 -24.96 -12.29
C GLN D 321 20.05 -23.59 -12.78
N VAL D 322 21.09 -23.06 -12.12
CA VAL D 322 21.78 -21.83 -12.57
C VAL D 322 23.03 -22.20 -13.40
N ASN D 323 23.90 -23.01 -12.81
CA ASN D 323 24.96 -23.70 -13.56
C ASN D 323 25.12 -25.07 -12.88
N LYS D 324 26.21 -25.77 -13.18
CA LYS D 324 26.39 -27.12 -12.64
C LYS D 324 26.57 -27.16 -11.10
N ARG D 325 27.02 -26.05 -10.55
CA ARG D 325 27.28 -25.95 -9.12
C ARG D 325 26.45 -24.87 -8.40
N MET D 326 25.41 -24.35 -9.08
CA MET D 326 24.53 -23.35 -8.47
C MET D 326 23.03 -23.56 -8.80
N ILE D 327 22.20 -23.44 -7.78
CA ILE D 327 20.76 -23.52 -7.98
C ILE D 327 20.04 -22.28 -7.40
N ARG D 328 18.86 -21.98 -7.93
CA ARG D 328 18.07 -20.86 -7.46
C ARG D 328 16.83 -21.43 -6.84
N LEU D 329 16.48 -21.00 -5.63
CA LEU D 329 15.13 -21.26 -5.12
C LEU D 329 14.61 -20.07 -4.34
N VAL D 330 13.30 -20.12 -4.05
CA VAL D 330 12.68 -19.11 -3.18
C VAL D 330 11.93 -19.83 -2.07
N SER D 331 11.76 -19.16 -0.95
CA SER D 331 10.98 -19.72 0.13
C SER D 331 10.18 -18.64 0.80
N LEU D 332 9.02 -19.08 1.28
CA LEU D 332 8.10 -18.25 2.02
C LEU D 332 7.82 -18.88 3.38
N ILE D 333 7.88 -18.07 4.44
CA ILE D 333 7.66 -18.59 5.79
C ILE D 333 6.70 -17.62 6.42
N HIS D 334 5.70 -18.17 7.12
CA HIS D 334 4.76 -17.33 7.85
C HIS D 334 5.50 -17.01 9.14
N ASN D 335 5.93 -15.75 9.26
CA ASN D 335 6.87 -15.34 10.29
C ASN D 335 6.36 -15.37 11.74
N THR D 336 5.06 -15.23 11.96
CA THR D 336 4.59 -15.33 13.35
C THR D 336 4.01 -16.72 13.67
N VAL D 337 3.82 -17.56 12.63
CA VAL D 337 3.34 -18.95 12.87
C VAL D 337 4.56 -19.87 12.94
N ARG D 338 4.94 -20.51 11.83
CA ARG D 338 6.18 -21.26 11.86
C ARG D 338 7.32 -20.41 12.45
N GLY D 339 7.39 -19.15 12.03
CA GLY D 339 8.51 -18.30 12.34
C GLY D 339 8.63 -17.91 13.81
N ALA D 340 7.60 -18.22 14.61
CA ALA D 340 7.58 -17.84 16.04
C ALA D 340 6.64 -18.73 16.89
N ALA D 341 5.33 -18.46 16.92
CA ALA D 341 4.44 -19.08 17.92
C ALA D 341 4.22 -20.58 17.65
N GLY D 342 4.05 -20.90 16.38
CA GLY D 342 3.84 -22.25 15.93
C GLY D 342 5.08 -23.09 16.17
N GLY D 343 6.23 -22.58 15.76
CA GLY D 343 7.49 -23.25 16.09
C GLY D 343 7.67 -23.46 17.58
N GLY D 344 7.42 -22.42 18.38
CA GLY D 344 7.37 -22.53 19.85
C GLY D 344 6.46 -23.65 20.39
N ILE D 345 5.24 -23.73 19.86
CA ILE D 345 4.27 -24.73 20.32
C ILE D 345 4.76 -26.12 19.89
N LEU D 346 5.29 -26.22 18.67
CA LEU D 346 5.88 -27.48 18.21
C LEU D 346 7.05 -27.87 19.15
N ALA D 347 7.91 -26.91 19.48
CA ALA D 347 9.00 -27.12 20.44
C ALA D 347 8.46 -27.76 21.73
N ALA D 348 7.36 -27.19 22.23
CA ALA D 348 6.75 -27.62 23.49
C ALA D 348 6.24 -29.05 23.39
N GLU D 349 5.63 -29.39 22.25
CA GLU D 349 5.14 -30.77 21.99
C GLU D 349 6.28 -31.79 22.00
N LEU D 350 7.41 -31.43 21.39
CA LEU D 350 8.65 -32.26 21.41
C LEU D 350 9.19 -32.45 22.84
N LEU D 351 9.29 -31.34 23.57
CA LEU D 351 9.75 -31.37 24.93
C LEU D 351 8.84 -32.18 25.85
N VAL D 352 7.52 -32.15 25.61
CA VAL D 352 6.63 -33.01 26.38
C VAL D 352 6.90 -34.49 26.01
N GLU D 353 7.00 -34.75 24.72
CA GLU D 353 7.18 -36.09 24.24
C GLU D 353 8.51 -36.68 24.75
N LYS D 354 9.56 -35.84 24.87
CA LYS D 354 10.84 -36.32 25.40
C LYS D 354 11.04 -36.21 26.94
N GLY D 355 9.98 -35.87 27.68
CA GLY D 355 10.02 -35.87 29.15
C GLY D 355 10.65 -34.65 29.78
N TYR D 356 10.91 -33.63 28.99
CA TYR D 356 11.51 -32.40 29.51
C TYR D 356 10.51 -31.50 30.23
N ILE D 357 9.25 -31.55 29.80
CA ILE D 357 8.14 -30.89 30.45
C ILE D 357 7.25 -31.99 30.94
N GLU D 358 6.94 -31.96 32.23
CA GLU D 358 6.12 -33.00 32.88
C GLU D 358 4.68 -33.03 32.35
N LYS D 359 4.11 -34.23 32.30
CA LYS D 359 2.74 -34.48 31.81
C LYS D 359 1.67 -34.05 32.84
#